data_9BK7
# 
_entry.id   9BK7 
# 
_audit_conform.dict_name       mmcif_pdbx.dic 
_audit_conform.dict_version    5.402 
_audit_conform.dict_location   http://mmcif.pdb.org/dictionaries/ascii/mmcif_pdbx.dic 
# 
loop_
_database_2.database_id 
_database_2.database_code 
_database_2.pdbx_database_accession 
_database_2.pdbx_DOI 
PDB   9BK7         pdb_00009bk7 10.2210/pdb9bk7/pdb 
WWPDB D_1000283565 ?            ?                   
# 
loop_
_pdbx_audit_revision_history.ordinal 
_pdbx_audit_revision_history.data_content_type 
_pdbx_audit_revision_history.major_revision 
_pdbx_audit_revision_history.minor_revision 
_pdbx_audit_revision_history.revision_date 
_pdbx_audit_revision_history.part_number 
1 'Structure model' 1 0 2024-10-09 ? 
2 'Structure model' 1 1 2025-01-15 ? 
3 'Structure model' 1 2 2025-01-29 ? 
4 'Structure model' 1 3 2025-03-12 ? 
# 
_pdbx_audit_revision_details.ordinal             1 
_pdbx_audit_revision_details.revision_ordinal    1 
_pdbx_audit_revision_details.data_content_type   'Structure model' 
_pdbx_audit_revision_details.provider            repository 
_pdbx_audit_revision_details.type                'Initial release' 
_pdbx_audit_revision_details.description         ? 
_pdbx_audit_revision_details.details             ? 
# 
loop_
_pdbx_audit_revision_group.ordinal 
_pdbx_audit_revision_group.revision_ordinal 
_pdbx_audit_revision_group.data_content_type 
_pdbx_audit_revision_group.group 
1 2 'Structure model' 'Database references' 
2 3 'Structure model' 'Database references' 
3 4 'Structure model' 'Database references' 
# 
loop_
_pdbx_audit_revision_category.ordinal 
_pdbx_audit_revision_category.revision_ordinal 
_pdbx_audit_revision_category.data_content_type 
_pdbx_audit_revision_category.category 
1 2 'Structure model' citation        
2 2 'Structure model' citation_author 
3 3 'Structure model' citation        
4 3 'Structure model' citation_author 
5 4 'Structure model' citation        
6 4 'Structure model' citation_author 
# 
loop_
_pdbx_audit_revision_item.ordinal 
_pdbx_audit_revision_item.revision_ordinal 
_pdbx_audit_revision_item.data_content_type 
_pdbx_audit_revision_item.item 
1  2 'Structure model' '_citation.country'                 
2  2 'Structure model' '_citation.journal_abbrev'          
3  2 'Structure model' '_citation.journal_id_ASTM'         
4  2 'Structure model' '_citation.journal_id_CSD'          
5  2 'Structure model' '_citation.journal_id_ISSN'         
6  2 'Structure model' '_citation.pdbx_database_id_DOI'    
7  2 'Structure model' '_citation.title'                   
8  2 'Structure model' '_citation.year'                    
9  3 'Structure model' '_citation.pdbx_database_id_PubMed' 
10 3 'Structure model' '_citation.title'                   
11 3 'Structure model' '_citation_author.name'             
12 4 'Structure model' '_citation.journal_volume'          
13 4 'Structure model' '_citation.page_first'              
14 4 'Structure model' '_citation.page_last'               
15 4 'Structure model' '_citation_author.identifier_ORCID' 
# 
_pdbx_database_status.status_code                     REL 
_pdbx_database_status.status_code_sf                  REL 
_pdbx_database_status.status_code_mr                  ? 
_pdbx_database_status.entry_id                        9BK7 
_pdbx_database_status.recvd_initial_deposition_date   2024-04-26 
_pdbx_database_status.SG_entry                        N 
_pdbx_database_status.deposit_site                    RCSB 
_pdbx_database_status.process_site                    RCSB 
_pdbx_database_status.status_code_cs                  ? 
_pdbx_database_status.status_code_nmr_data            ? 
_pdbx_database_status.methods_development_category    ? 
_pdbx_database_status.pdb_format_compatible           Y 
# 
_pdbx_contact_author.id                 2 
_pdbx_contact_author.email              dabaker@uw.edu 
_pdbx_contact_author.name_first         David 
_pdbx_contact_author.name_last          Baker 
_pdbx_contact_author.name_mi            ? 
_pdbx_contact_author.role               'principal investigator/group leader' 
_pdbx_contact_author.identifier_ORCID   0000-0001-7896-6217 
# 
loop_
_audit_author.name 
_audit_author.pdbx_ordinal 
_audit_author.identifier_ORCID 
'Bera, A.K.'   1 ? 
'Torres, S.V.' 2 ? 
'Kang, A.'     3 ? 
'Baker, D.'    4 ? 
# 
_citation.abstract                  ? 
_citation.abstract_id_CAS           ? 
_citation.book_id_ISBN              ? 
_citation.book_publisher            ? 
_citation.book_publisher_city       ? 
_citation.book_title                ? 
_citation.coordinate_linkage        ? 
_citation.country                   UK 
_citation.database_id_Medline       ? 
_citation.details                   ? 
_citation.id                        primary 
_citation.journal_abbrev            Nature 
_citation.journal_id_ASTM           NATUAS 
_citation.journal_id_CSD            0006 
_citation.journal_id_ISSN           1476-4687 
_citation.journal_full              ? 
_citation.journal_issue             ? 
_citation.journal_volume            639 
_citation.language                  ? 
_citation.page_first                225 
_citation.page_last                 231 
_citation.title                     'De novo designed proteins neutralize lethal snake venom toxins.' 
_citation.year                      2025 
_citation.database_id_CSD           ? 
_citation.pdbx_database_id_DOI      10.1038/s41586-024-08393-x 
_citation.pdbx_database_id_PubMed   39814879 
_citation.pdbx_database_id_patent   ? 
_citation.unpublished_flag          ? 
# 
loop_
_citation_author.citation_id 
_citation_author.name 
_citation_author.ordinal 
_citation_author.identifier_ORCID 
primary 'Vazquez Torres, S.'  1  ?                   
primary 'Benard Valle, M.'    2  0000-0002-0042-6592 
primary 'Mackessy, S.P.'      3  0000-0003-4515-2545 
primary 'Menzies, S.K.'       4  0000-0002-9273-9296 
primary 'Casewell, N.R.'      5  0000-0002-8035-4719 
primary 'Ahmadi, S.'          6  ?                   
primary 'Burlet, N.J.'        7  0009-0002-5099-3971 
primary 'Muratspahic, E.'     8  ?                   
primary 'Sappington, I.'      9  ?                   
primary 'Overath, M.D.'       10 ?                   
primary 'Rivera-de-Torre, E.' 11 0000-0002-0272-6150 
primary 'Ledergerber, J.'     12 ?                   
primary 'Laustsen, A.H.'      13 0000-0001-6918-5574 
primary 'Boddum, K.'          14 ?                   
primary 'Bera, A.K.'          15 0000-0001-9473-2912 
primary 'Kang, A.'            16 0000-0001-5487-0499 
primary 'Brackenbrough, E.'   17 ?                   
primary 'Cardoso, I.A.'       18 0000-0002-0288-4706 
primary 'Crittenden, E.P.'    19 0000-0003-1676-5457 
primary 'Edge, R.J.'          20 ?                   
primary 'Decarreau, J.'       21 ?                   
primary 'Ragotte, R.J.'       22 ?                   
primary 'Pillai, A.S.'        23 0000-0002-5012-1199 
primary 'Abedi, M.'           24 ?                   
primary 'Han, H.L.'           25 0000-0002-4787-5168 
primary 'Gerben, S.R.'        26 0000-0003-0313-6248 
primary 'Murray, A.'          27 0000-0003-1560-6673 
primary 'Skotheim, R.'        28 0009-0005-0757-8432 
primary 'Stuart, L.'          29 ?                   
primary 'Stewart, L.'         30 0000-0003-4264-5125 
primary 'Fryer, T.J.A.'       31 ?                   
primary 'Jenkins, T.P.'       32 0000-0003-2979-5663 
primary 'Baker, D.'           33 0000-0001-7896-6217 
# 
_entity.id                         1 
_entity.type                       polymer 
_entity.src_method                 man 
_entity.pdbx_description           SHRT_binder 
_entity.formula_weight             12692.931 
_entity.pdbx_number_of_molecules   1 
_entity.pdbx_ec                    ? 
_entity.pdbx_mutation              ? 
_entity.pdbx_fragment              ? 
_entity.details                    ? 
# 
_entity_poly.entity_id                      1 
_entity_poly.type                           'polypeptide(L)' 
_entity_poly.nstd_linkage                   no 
_entity_poly.nstd_monomer                   no 
_entity_poly.pdbx_seq_one_letter_code       
;MSGGPKTVVVRLSPSMNEEQAAEIGREAGKAALAAGDRLVFVGPADQSYAAMKAAMEAGLPEVTMYALDFSDAESALKAA
EVAEDEGDEEVAEVAREIAEEIKAGGSGSHHWGSTHHHHHH
;
_entity_poly.pdbx_seq_one_letter_code_can   
;MSGGPKTVVVRLSPSMNEEQAAEIGREAGKAALAAGDRLVFVGPADQSYAAMKAAMEAGLPEVTMYALDFSDAESALKAA
EVAEDEGDEEVAEVAREIAEEIKAGGSGSHHWGSTHHHHHH
;
_entity_poly.pdbx_strand_id                 A 
_entity_poly.pdbx_target_identifier         ? 
# 
loop_
_entity_poly_seq.entity_id 
_entity_poly_seq.num 
_entity_poly_seq.mon_id 
_entity_poly_seq.hetero 
1 1   MET n 
1 2   SER n 
1 3   GLY n 
1 4   GLY n 
1 5   PRO n 
1 6   LYS n 
1 7   THR n 
1 8   VAL n 
1 9   VAL n 
1 10  VAL n 
1 11  ARG n 
1 12  LEU n 
1 13  SER n 
1 14  PRO n 
1 15  SER n 
1 16  MET n 
1 17  ASN n 
1 18  GLU n 
1 19  GLU n 
1 20  GLN n 
1 21  ALA n 
1 22  ALA n 
1 23  GLU n 
1 24  ILE n 
1 25  GLY n 
1 26  ARG n 
1 27  GLU n 
1 28  ALA n 
1 29  GLY n 
1 30  LYS n 
1 31  ALA n 
1 32  ALA n 
1 33  LEU n 
1 34  ALA n 
1 35  ALA n 
1 36  GLY n 
1 37  ASP n 
1 38  ARG n 
1 39  LEU n 
1 40  VAL n 
1 41  PHE n 
1 42  VAL n 
1 43  GLY n 
1 44  PRO n 
1 45  ALA n 
1 46  ASP n 
1 47  GLN n 
1 48  SER n 
1 49  TYR n 
1 50  ALA n 
1 51  ALA n 
1 52  MET n 
1 53  LYS n 
1 54  ALA n 
1 55  ALA n 
1 56  MET n 
1 57  GLU n 
1 58  ALA n 
1 59  GLY n 
1 60  LEU n 
1 61  PRO n 
1 62  GLU n 
1 63  VAL n 
1 64  THR n 
1 65  MET n 
1 66  TYR n 
1 67  ALA n 
1 68  LEU n 
1 69  ASP n 
1 70  PHE n 
1 71  SER n 
1 72  ASP n 
1 73  ALA n 
1 74  GLU n 
1 75  SER n 
1 76  ALA n 
1 77  LEU n 
1 78  LYS n 
1 79  ALA n 
1 80  ALA n 
1 81  GLU n 
1 82  VAL n 
1 83  ALA n 
1 84  GLU n 
1 85  ASP n 
1 86  GLU n 
1 87  GLY n 
1 88  ASP n 
1 89  GLU n 
1 90  GLU n 
1 91  VAL n 
1 92  ALA n 
1 93  GLU n 
1 94  VAL n 
1 95  ALA n 
1 96  ARG n 
1 97  GLU n 
1 98  ILE n 
1 99  ALA n 
1 100 GLU n 
1 101 GLU n 
1 102 ILE n 
1 103 LYS n 
1 104 ALA n 
1 105 GLY n 
1 106 GLY n 
1 107 SER n 
1 108 GLY n 
1 109 SER n 
1 110 HIS n 
1 111 HIS n 
1 112 TRP n 
1 113 GLY n 
1 114 SER n 
1 115 THR n 
1 116 HIS n 
1 117 HIS n 
1 118 HIS n 
1 119 HIS n 
1 120 HIS n 
1 121 HIS n 
# 
_entity_src_gen.entity_id                          1 
_entity_src_gen.pdbx_src_id                        1 
_entity_src_gen.pdbx_alt_source_flag               sample 
_entity_src_gen.pdbx_seq_type                      'Biological sequence' 
_entity_src_gen.pdbx_beg_seq_num                   1 
_entity_src_gen.pdbx_end_seq_num                   121 
_entity_src_gen.gene_src_common_name               ? 
_entity_src_gen.gene_src_genus                     ? 
_entity_src_gen.pdbx_gene_src_gene                 ? 
_entity_src_gen.gene_src_species                   ? 
_entity_src_gen.gene_src_strain                    ? 
_entity_src_gen.gene_src_tissue                    ? 
_entity_src_gen.gene_src_tissue_fraction           ? 
_entity_src_gen.gene_src_details                   ? 
_entity_src_gen.pdbx_gene_src_fragment             ? 
_entity_src_gen.pdbx_gene_src_scientific_name      'synthetic construct' 
_entity_src_gen.pdbx_gene_src_ncbi_taxonomy_id     32630 
_entity_src_gen.pdbx_gene_src_variant              ? 
_entity_src_gen.pdbx_gene_src_cell_line            ? 
_entity_src_gen.pdbx_gene_src_atcc                 ? 
_entity_src_gen.pdbx_gene_src_organ                ? 
_entity_src_gen.pdbx_gene_src_organelle            ? 
_entity_src_gen.pdbx_gene_src_cell                 ? 
_entity_src_gen.pdbx_gene_src_cellular_location    ? 
_entity_src_gen.host_org_common_name               ? 
_entity_src_gen.pdbx_host_org_scientific_name      'Escherichia coli' 
_entity_src_gen.pdbx_host_org_ncbi_taxonomy_id     562 
_entity_src_gen.host_org_genus                     ? 
_entity_src_gen.pdbx_host_org_gene                 ? 
_entity_src_gen.pdbx_host_org_organ                ? 
_entity_src_gen.host_org_species                   ? 
_entity_src_gen.pdbx_host_org_tissue               ? 
_entity_src_gen.pdbx_host_org_tissue_fraction      ? 
_entity_src_gen.pdbx_host_org_strain               ? 
_entity_src_gen.pdbx_host_org_variant              ? 
_entity_src_gen.pdbx_host_org_cell_line            ? 
_entity_src_gen.pdbx_host_org_atcc                 ? 
_entity_src_gen.pdbx_host_org_culture_collection   ? 
_entity_src_gen.pdbx_host_org_cell                 ? 
_entity_src_gen.pdbx_host_org_organelle            ? 
_entity_src_gen.pdbx_host_org_cellular_location    ? 
_entity_src_gen.pdbx_host_org_vector_type          ? 
_entity_src_gen.pdbx_host_org_vector               ? 
_entity_src_gen.host_org_details                   ? 
_entity_src_gen.expression_system_id               ? 
_entity_src_gen.plasmid_name                       ? 
_entity_src_gen.plasmid_details                    ? 
_entity_src_gen.pdbx_description                   ? 
# 
loop_
_chem_comp.id 
_chem_comp.type 
_chem_comp.mon_nstd_flag 
_chem_comp.name 
_chem_comp.pdbx_synonyms 
_chem_comp.formula 
_chem_comp.formula_weight 
ALA 'L-peptide linking' y ALANINE         ? 'C3 H7 N O2'     89.093  
ARG 'L-peptide linking' y ARGININE        ? 'C6 H15 N4 O2 1' 175.209 
ASN 'L-peptide linking' y ASPARAGINE      ? 'C4 H8 N2 O3'    132.118 
ASP 'L-peptide linking' y 'ASPARTIC ACID' ? 'C4 H7 N O4'     133.103 
GLN 'L-peptide linking' y GLUTAMINE       ? 'C5 H10 N2 O3'   146.144 
GLU 'L-peptide linking' y 'GLUTAMIC ACID' ? 'C5 H9 N O4'     147.129 
GLY 'peptide linking'   y GLYCINE         ? 'C2 H5 N O2'     75.067  
HIS 'L-peptide linking' y HISTIDINE       ? 'C6 H10 N3 O2 1' 156.162 
ILE 'L-peptide linking' y ISOLEUCINE      ? 'C6 H13 N O2'    131.173 
LEU 'L-peptide linking' y LEUCINE         ? 'C6 H13 N O2'    131.173 
LYS 'L-peptide linking' y LYSINE          ? 'C6 H15 N2 O2 1' 147.195 
MET 'L-peptide linking' y METHIONINE      ? 'C5 H11 N O2 S'  149.211 
PHE 'L-peptide linking' y PHENYLALANINE   ? 'C9 H11 N O2'    165.189 
PRO 'L-peptide linking' y PROLINE         ? 'C5 H9 N O2'     115.130 
SER 'L-peptide linking' y SERINE          ? 'C3 H7 N O3'     105.093 
THR 'L-peptide linking' y THREONINE       ? 'C4 H9 N O3'     119.119 
TRP 'L-peptide linking' y TRYPTOPHAN      ? 'C11 H12 N2 O2'  204.225 
TYR 'L-peptide linking' y TYROSINE        ? 'C9 H11 N O3'    181.189 
VAL 'L-peptide linking' y VALINE          ? 'C5 H11 N O2'    117.146 
# 
loop_
_pdbx_poly_seq_scheme.asym_id 
_pdbx_poly_seq_scheme.entity_id 
_pdbx_poly_seq_scheme.seq_id 
_pdbx_poly_seq_scheme.mon_id 
_pdbx_poly_seq_scheme.ndb_seq_num 
_pdbx_poly_seq_scheme.pdb_seq_num 
_pdbx_poly_seq_scheme.auth_seq_num 
_pdbx_poly_seq_scheme.pdb_mon_id 
_pdbx_poly_seq_scheme.auth_mon_id 
_pdbx_poly_seq_scheme.pdb_strand_id 
_pdbx_poly_seq_scheme.pdb_ins_code 
_pdbx_poly_seq_scheme.hetero 
A 1 1   MET 1   -3  ?   ?   ?   A . n 
A 1 2   SER 2   -2  ?   ?   ?   A . n 
A 1 3   GLY 3   -1  ?   ?   ?   A . n 
A 1 4   GLY 4   0   ?   ?   ?   A . n 
A 1 5   PRO 5   1   1   PRO PRO A . n 
A 1 6   LYS 6   2   2   LYS LYS A . n 
A 1 7   THR 7   3   3   THR THR A . n 
A 1 8   VAL 8   4   4   VAL VAL A . n 
A 1 9   VAL 9   5   5   VAL VAL A . n 
A 1 10  VAL 10  6   6   VAL VAL A . n 
A 1 11  ARG 11  7   7   ARG ARG A . n 
A 1 12  LEU 12  8   8   LEU LEU A . n 
A 1 13  SER 13  9   9   SER SER A . n 
A 1 14  PRO 14  10  10  PRO PRO A . n 
A 1 15  SER 15  11  11  SER SER A . n 
A 1 16  MET 16  12  12  MET MET A . n 
A 1 17  ASN 17  13  13  ASN ASN A . n 
A 1 18  GLU 18  14  14  GLU GLU A . n 
A 1 19  GLU 19  15  15  GLU GLU A . n 
A 1 20  GLN 20  16  16  GLN GLN A . n 
A 1 21  ALA 21  17  17  ALA ALA A . n 
A 1 22  ALA 22  18  18  ALA ALA A . n 
A 1 23  GLU 23  19  19  GLU GLU A . n 
A 1 24  ILE 24  20  20  ILE ILE A . n 
A 1 25  GLY 25  21  21  GLY GLY A . n 
A 1 26  ARG 26  22  22  ARG ARG A . n 
A 1 27  GLU 27  23  23  GLU GLU A . n 
A 1 28  ALA 28  24  24  ALA ALA A . n 
A 1 29  GLY 29  25  25  GLY GLY A . n 
A 1 30  LYS 30  26  26  LYS LYS A . n 
A 1 31  ALA 31  27  27  ALA ALA A . n 
A 1 32  ALA 32  28  28  ALA ALA A . n 
A 1 33  LEU 33  29  29  LEU LEU A . n 
A 1 34  ALA 34  30  30  ALA ALA A . n 
A 1 35  ALA 35  31  31  ALA ALA A . n 
A 1 36  GLY 36  32  32  GLY GLY A . n 
A 1 37  ASP 37  33  33  ASP ASP A . n 
A 1 38  ARG 38  34  34  ARG ARG A . n 
A 1 39  LEU 39  35  35  LEU LEU A . n 
A 1 40  VAL 40  36  36  VAL VAL A . n 
A 1 41  PHE 41  37  37  PHE PHE A . n 
A 1 42  VAL 42  38  38  VAL VAL A . n 
A 1 43  GLY 43  39  39  GLY GLY A . n 
A 1 44  PRO 44  40  40  PRO PRO A . n 
A 1 45  ALA 45  41  41  ALA ALA A . n 
A 1 46  ASP 46  42  42  ASP ASP A . n 
A 1 47  GLN 47  43  43  GLN GLN A . n 
A 1 48  SER 48  44  44  SER SER A . n 
A 1 49  TYR 49  45  45  TYR TYR A . n 
A 1 50  ALA 50  46  46  ALA ALA A . n 
A 1 51  ALA 51  47  47  ALA ALA A . n 
A 1 52  MET 52  48  48  MET MET A . n 
A 1 53  LYS 53  49  49  LYS LYS A . n 
A 1 54  ALA 54  50  50  ALA ALA A . n 
A 1 55  ALA 55  51  51  ALA ALA A . n 
A 1 56  MET 56  52  52  MET MET A . n 
A 1 57  GLU 57  53  53  GLU GLU A . n 
A 1 58  ALA 58  54  54  ALA ALA A . n 
A 1 59  GLY 59  55  55  GLY GLY A . n 
A 1 60  LEU 60  56  56  LEU LEU A . n 
A 1 61  PRO 61  57  57  PRO PRO A . n 
A 1 62  GLU 62  58  58  GLU GLU A . n 
A 1 63  VAL 63  59  59  VAL VAL A . n 
A 1 64  THR 64  60  60  THR THR A . n 
A 1 65  MET 65  61  61  MET MET A . n 
A 1 66  TYR 66  62  62  TYR TYR A . n 
A 1 67  ALA 67  63  63  ALA ALA A . n 
A 1 68  LEU 68  64  64  LEU LEU A . n 
A 1 69  ASP 69  65  65  ASP ASP A . n 
A 1 70  PHE 70  66  66  PHE PHE A . n 
A 1 71  SER 71  67  67  SER SER A . n 
A 1 72  ASP 72  68  68  ASP ASP A . n 
A 1 73  ALA 73  69  69  ALA ALA A . n 
A 1 74  GLU 74  70  70  GLU GLU A . n 
A 1 75  SER 75  71  71  SER SER A . n 
A 1 76  ALA 76  72  72  ALA ALA A . n 
A 1 77  LEU 77  73  73  LEU LEU A . n 
A 1 78  LYS 78  74  74  LYS LYS A . n 
A 1 79  ALA 79  75  75  ALA ALA A . n 
A 1 80  ALA 80  76  76  ALA ALA A . n 
A 1 81  GLU 81  77  77  GLU GLU A . n 
A 1 82  VAL 82  78  78  VAL VAL A . n 
A 1 83  ALA 83  79  79  ALA ALA A . n 
A 1 84  GLU 84  80  80  GLU GLU A . n 
A 1 85  ASP 85  81  81  ASP ASP A . n 
A 1 86  GLU 86  82  82  GLU GLU A . n 
A 1 87  GLY 87  83  83  GLY GLY A . n 
A 1 88  ASP 88  84  84  ASP ASP A . n 
A 1 89  GLU 89  85  85  GLU GLU A . n 
A 1 90  GLU 90  86  86  GLU GLU A . n 
A 1 91  VAL 91  87  87  VAL VAL A . n 
A 1 92  ALA 92  88  88  ALA ALA A . n 
A 1 93  GLU 93  89  89  GLU GLU A . n 
A 1 94  VAL 94  90  90  VAL VAL A . n 
A 1 95  ALA 95  91  91  ALA ALA A . n 
A 1 96  ARG 96  92  92  ARG ARG A . n 
A 1 97  GLU 97  93  93  GLU GLU A . n 
A 1 98  ILE 98  94  94  ILE ILE A . n 
A 1 99  ALA 99  95  95  ALA ALA A . n 
A 1 100 GLU 100 96  96  GLU GLU A . n 
A 1 101 GLU 101 97  97  GLU GLU A . n 
A 1 102 ILE 102 98  98  ILE ILE A . n 
A 1 103 LYS 103 99  99  LYS LYS A . n 
A 1 104 ALA 104 100 100 ALA ALA A . n 
A 1 105 GLY 105 101 101 GLY GLY A . n 
A 1 106 GLY 106 102 102 GLY GLY A . n 
A 1 107 SER 107 103 ?   ?   ?   A . n 
A 1 108 GLY 108 104 ?   ?   ?   A . n 
A 1 109 SER 109 105 ?   ?   ?   A . n 
A 1 110 HIS 110 106 ?   ?   ?   A . n 
A 1 111 HIS 111 107 ?   ?   ?   A . n 
A 1 112 TRP 112 108 ?   ?   ?   A . n 
A 1 113 GLY 113 109 ?   ?   ?   A . n 
A 1 114 SER 114 110 ?   ?   ?   A . n 
A 1 115 THR 115 111 ?   ?   ?   A . n 
A 1 116 HIS 116 112 ?   ?   ?   A . n 
A 1 117 HIS 117 113 ?   ?   ?   A . n 
A 1 118 HIS 118 114 ?   ?   ?   A . n 
A 1 119 HIS 119 115 ?   ?   ?   A . n 
A 1 120 HIS 120 116 ?   ?   ?   A . n 
A 1 121 HIS 121 117 ?   ?   ?   A . n 
# 
loop_
_software.citation_id 
_software.classification 
_software.compiler_name 
_software.compiler_version 
_software.contact_author 
_software.contact_author_email 
_software.date 
_software.description 
_software.dependencies 
_software.hardware 
_software.language 
_software.location 
_software.mods 
_software.name 
_software.os 
_software.os_version 
_software.type 
_software.version 
_software.pdbx_ordinal 
? refinement       ? ? ? ? ? ? ? ? ? ? ? PHENIX   ? ? ? dev_4761 1 
? 'data reduction' ? ? ? ? ? ? ? ? ? ? ? autoPROC ? ? ? .        2 
? 'data scaling'   ? ? ? ? ? ? ? ? ? ? ? Aimless  ? ? ? .        3 
? phasing          ? ? ? ? ? ? ? ? ? ? ? PHASER   ? ? ? .        4 
# 
_cell.angle_alpha                  90.000 
_cell.angle_alpha_esd              ? 
_cell.angle_beta                   90.000 
_cell.angle_beta_esd               ? 
_cell.angle_gamma                  90.000 
_cell.angle_gamma_esd              ? 
_cell.entry_id                     9BK7 
_cell.details                      ? 
_cell.formula_units_Z              ? 
_cell.length_a                     75.334 
_cell.length_a_esd                 ? 
_cell.length_b                     75.334 
_cell.length_b_esd                 ? 
_cell.length_c                     108.344 
_cell.length_c_esd                 ? 
_cell.volume                       614875.121 
_cell.volume_esd                   ? 
_cell.Z_PDB                        16 
_cell.reciprocal_angle_alpha       ? 
_cell.reciprocal_angle_beta        ? 
_cell.reciprocal_angle_gamma       ? 
_cell.reciprocal_angle_alpha_esd   ? 
_cell.reciprocal_angle_beta_esd    ? 
_cell.reciprocal_angle_gamma_esd   ? 
_cell.reciprocal_length_a          ? 
_cell.reciprocal_length_b          ? 
_cell.reciprocal_length_c          ? 
_cell.reciprocal_length_a_esd      ? 
_cell.reciprocal_length_b_esd      ? 
_cell.reciprocal_length_c_esd      ? 
_cell.pdbx_unique_axis             ? 
_cell.pdbx_esd_method              ? 
# 
_symmetry.entry_id                         9BK7 
_symmetry.cell_setting                     ? 
_symmetry.Int_Tables_number                98 
_symmetry.space_group_name_Hall            'I 4bw 2bw' 
_symmetry.space_group_name_H-M             'I 41 2 2' 
_symmetry.pdbx_full_space_group_name_H-M   ? 
# 
_exptl.absorpt_coefficient_mu     ? 
_exptl.absorpt_correction_T_max   ? 
_exptl.absorpt_correction_T_min   ? 
_exptl.absorpt_correction_type    ? 
_exptl.absorpt_process_details    ? 
_exptl.entry_id                   9BK7 
_exptl.crystals_number            1 
_exptl.details                    ? 
_exptl.method                     'X-RAY DIFFRACTION' 
_exptl.method_details             ? 
# 
_exptl_crystal.colour                       ? 
_exptl_crystal.density_diffrn               ? 
_exptl_crystal.density_Matthews             3.03 
_exptl_crystal.density_method               ? 
_exptl_crystal.density_percent_sol          59.37 
_exptl_crystal.description                  ? 
_exptl_crystal.F_000                        ? 
_exptl_crystal.id                           1 
_exptl_crystal.preparation                  ? 
_exptl_crystal.size_max                     ? 
_exptl_crystal.size_mid                     ? 
_exptl_crystal.size_min                     ? 
_exptl_crystal.size_rad                     ? 
_exptl_crystal.colour_lustre                ? 
_exptl_crystal.colour_modifier              ? 
_exptl_crystal.colour_primary               ? 
_exptl_crystal.density_meas                 ? 
_exptl_crystal.density_meas_esd             ? 
_exptl_crystal.density_meas_gt              ? 
_exptl_crystal.density_meas_lt              ? 
_exptl_crystal.density_meas_temp            ? 
_exptl_crystal.density_meas_temp_esd        ? 
_exptl_crystal.density_meas_temp_gt         ? 
_exptl_crystal.density_meas_temp_lt         ? 
_exptl_crystal.pdbx_crystal_image_url       ? 
_exptl_crystal.pdbx_crystal_image_format    ? 
_exptl_crystal.pdbx_mosaicity               ? 
_exptl_crystal.pdbx_mosaicity_esd           ? 
_exptl_crystal.pdbx_mosaic_method           ? 
_exptl_crystal.pdbx_mosaic_block_size       ? 
_exptl_crystal.pdbx_mosaic_block_size_esd   ? 
# 
_exptl_crystal_grow.apparatus       ? 
_exptl_crystal_grow.atmosphere      ? 
_exptl_crystal_grow.crystal_id      1 
_exptl_crystal_grow.details         ? 
_exptl_crystal_grow.method          'VAPOR DIFFUSION, SITTING DROP' 
_exptl_crystal_grow.method_ref      ? 
_exptl_crystal_grow.pH              4.6 
_exptl_crystal_grow.pressure        ? 
_exptl_crystal_grow.pressure_esd    ? 
_exptl_crystal_grow.seeding         ? 
_exptl_crystal_grow.seeding_ref     ? 
_exptl_crystal_grow.temp_details    ? 
_exptl_crystal_grow.temp_esd        ? 
_exptl_crystal_grow.time            ? 
_exptl_crystal_grow.pdbx_details    '0.08 M Sodium acetate trihydrate pH 4.6, 1.6 M Ammonium sulfate and 20% (v/v) glycerol' 
_exptl_crystal_grow.pdbx_pH_range   ? 
_exptl_crystal_grow.temp            293 
# 
_diffrn.ambient_environment              ? 
_diffrn.ambient_temp                     100 
_diffrn.ambient_temp_details             ? 
_diffrn.ambient_temp_esd                 ? 
_diffrn.crystal_id                       1 
_diffrn.crystal_support                  ? 
_diffrn.crystal_treatment                ? 
_diffrn.details                          ? 
_diffrn.id                               1 
_diffrn.ambient_pressure                 ? 
_diffrn.ambient_pressure_esd             ? 
_diffrn.ambient_pressure_gt              ? 
_diffrn.ambient_pressure_lt              ? 
_diffrn.ambient_temp_gt                  ? 
_diffrn.ambient_temp_lt                  ? 
_diffrn.pdbx_serial_crystal_experiment   N 
# 
_diffrn_detector.details                      'KB bimorph mirrors' 
_diffrn_detector.detector                     PIXEL 
_diffrn_detector.diffrn_id                    1 
_diffrn_detector.type                         'DECTRIS EIGER X 9M' 
_diffrn_detector.area_resol_mean              ? 
_diffrn_detector.dtime                        ? 
_diffrn_detector.pdbx_frames_total            ? 
_diffrn_detector.pdbx_collection_time_total   ? 
_diffrn_detector.pdbx_collection_date         2024-03-13 
_diffrn_detector.pdbx_frequency               ? 
_diffrn_detector.id                           ? 
_diffrn_detector.number_of_axes               ? 
# 
_diffrn_radiation.collimation                      ? 
_diffrn_radiation.diffrn_id                        1 
_diffrn_radiation.filter_edge                      ? 
_diffrn_radiation.inhomogeneity                    ? 
_diffrn_radiation.monochromator                    ? 
_diffrn_radiation.polarisn_norm                    ? 
_diffrn_radiation.polarisn_ratio                   ? 
_diffrn_radiation.probe                            ? 
_diffrn_radiation.type                             ? 
_diffrn_radiation.xray_symbol                      ? 
_diffrn_radiation.wavelength_id                    1 
_diffrn_radiation.pdbx_monochromatic_or_laue_m_l   M 
_diffrn_radiation.pdbx_wavelength_list             ? 
_diffrn_radiation.pdbx_wavelength                  ? 
_diffrn_radiation.pdbx_diffrn_protocol             'SINGLE WAVELENGTH' 
_diffrn_radiation.pdbx_analyzer                    ? 
_diffrn_radiation.pdbx_scattering_type             x-ray 
# 
_diffrn_radiation_wavelength.id           1 
_diffrn_radiation_wavelength.wavelength   0.9201 
_diffrn_radiation_wavelength.wt           1.0 
# 
_diffrn_source.current                     ? 
_diffrn_source.details                     ? 
_diffrn_source.diffrn_id                   1 
_diffrn_source.power                       ? 
_diffrn_source.size                        ? 
_diffrn_source.source                      SYNCHROTRON 
_diffrn_source.target                      ? 
_diffrn_source.type                        'NSLS-II BEAMLINE 17-ID-1' 
_diffrn_source.voltage                     ? 
_diffrn_source.take-off_angle              ? 
_diffrn_source.pdbx_wavelength_list        0.9201 
_diffrn_source.pdbx_wavelength             ? 
_diffrn_source.pdbx_synchrotron_beamline   17-ID-1 
_diffrn_source.pdbx_synchrotron_site       NSLS-II 
# 
_reflns.B_iso_Wilson_estimate                          60.21 
_reflns.entry_id                                       9BK7 
_reflns.data_reduction_details                         ? 
_reflns.data_reduction_method                          ? 
_reflns.d_resolution_high                              2.58 
_reflns.d_resolution_low                               32.17 
_reflns.details                                        ? 
_reflns.limit_h_max                                    ? 
_reflns.limit_h_min                                    ? 
_reflns.limit_k_max                                    ? 
_reflns.limit_k_min                                    ? 
_reflns.limit_l_max                                    ? 
_reflns.limit_l_min                                    ? 
_reflns.number_all                                     ? 
_reflns.number_obs                                     5179 
_reflns.observed_criterion                             ? 
_reflns.observed_criterion_F_max                       ? 
_reflns.observed_criterion_F_min                       ? 
_reflns.observed_criterion_I_max                       ? 
_reflns.observed_criterion_I_min                       ? 
_reflns.observed_criterion_sigma_F                     ? 
_reflns.observed_criterion_sigma_I                     ? 
_reflns.percent_possible_obs                           99.83 
_reflns.R_free_details                                 ? 
_reflns.Rmerge_F_all                                   ? 
_reflns.Rmerge_F_obs                                   ? 
_reflns.Friedel_coverage                               ? 
_reflns.number_gt                                      ? 
_reflns.threshold_expression                           ? 
_reflns.pdbx_redundancy                                24.6 
_reflns.pdbx_netI_over_av_sigmaI                       ? 
_reflns.pdbx_netI_over_sigmaI                          13.3 
_reflns.pdbx_res_netI_over_av_sigmaI_2                 ? 
_reflns.pdbx_res_netI_over_sigmaI_2                    ? 
_reflns.pdbx_chi_squared                               ? 
_reflns.pdbx_scaling_rejects                           ? 
_reflns.pdbx_d_res_high_opt                            ? 
_reflns.pdbx_d_res_low_opt                             ? 
_reflns.pdbx_d_res_opt_method                          ? 
_reflns.phase_calculation_details                      ? 
_reflns.pdbx_Rrim_I_all                                ? 
_reflns.pdbx_Rpim_I_all                                0.051 
_reflns.pdbx_d_opt                                     ? 
_reflns.pdbx_number_measured_all                       ? 
_reflns.pdbx_diffrn_id                                 1 
_reflns.pdbx_ordinal                                   1 
_reflns.pdbx_CC_half                                   0.999 
_reflns.pdbx_CC_star                                   ? 
_reflns.pdbx_R_split                                   ? 
_reflns.pdbx_Rmerge_I_obs                              0.246 
_reflns.pdbx_Rmerge_I_all                              ? 
_reflns.pdbx_Rsym_value                                ? 
_reflns.pdbx_CC_split_method                           ? 
_reflns.pdbx_aniso_diffraction_limit_axis_1_ortho[1]   ? 
_reflns.pdbx_aniso_diffraction_limit_axis_1_ortho[2]   ? 
_reflns.pdbx_aniso_diffraction_limit_axis_1_ortho[3]   ? 
_reflns.pdbx_aniso_diffraction_limit_axis_2_ortho[1]   ? 
_reflns.pdbx_aniso_diffraction_limit_axis_2_ortho[2]   ? 
_reflns.pdbx_aniso_diffraction_limit_axis_2_ortho[3]   ? 
_reflns.pdbx_aniso_diffraction_limit_axis_3_ortho[1]   ? 
_reflns.pdbx_aniso_diffraction_limit_axis_3_ortho[2]   ? 
_reflns.pdbx_aniso_diffraction_limit_axis_3_ortho[3]   ? 
_reflns.pdbx_aniso_diffraction_limit_1                 ? 
_reflns.pdbx_aniso_diffraction_limit_2                 ? 
_reflns.pdbx_aniso_diffraction_limit_3                 ? 
_reflns.pdbx_aniso_B_tensor_eigenvector_1_ortho[1]     ? 
_reflns.pdbx_aniso_B_tensor_eigenvector_1_ortho[2]     ? 
_reflns.pdbx_aniso_B_tensor_eigenvector_1_ortho[3]     ? 
_reflns.pdbx_aniso_B_tensor_eigenvector_2_ortho[1]     ? 
_reflns.pdbx_aniso_B_tensor_eigenvector_2_ortho[2]     ? 
_reflns.pdbx_aniso_B_tensor_eigenvector_2_ortho[3]     ? 
_reflns.pdbx_aniso_B_tensor_eigenvector_3_ortho[1]     ? 
_reflns.pdbx_aniso_B_tensor_eigenvector_3_ortho[2]     ? 
_reflns.pdbx_aniso_B_tensor_eigenvector_3_ortho[3]     ? 
_reflns.pdbx_aniso_B_tensor_eigenvalue_1               ? 
_reflns.pdbx_aniso_B_tensor_eigenvalue_2               ? 
_reflns.pdbx_aniso_B_tensor_eigenvalue_3               ? 
_reflns.pdbx_orthogonalization_convention              ? 
_reflns.pdbx_percent_possible_ellipsoidal              ? 
_reflns.pdbx_percent_possible_spherical                ? 
_reflns.pdbx_percent_possible_ellipsoidal_anomalous    ? 
_reflns.pdbx_percent_possible_spherical_anomalous      ? 
_reflns.pdbx_redundancy_anomalous                      ? 
_reflns.pdbx_CC_half_anomalous                         ? 
_reflns.pdbx_absDiff_over_sigma_anomalous              ? 
_reflns.pdbx_percent_possible_anomalous                ? 
_reflns.pdbx_observed_signal_threshold                 ? 
_reflns.pdbx_signal_type                               ? 
_reflns.pdbx_signal_details                            ? 
_reflns.pdbx_signal_software_id                        ? 
# 
_reflns_shell.d_res_high                                    2.58 
_reflns_shell.d_res_low                                     2.84 
_reflns_shell.meanI_over_sigI_all                           ? 
_reflns_shell.meanI_over_sigI_obs                           4.13 
_reflns_shell.number_measured_all                           ? 
_reflns_shell.number_measured_obs                           ? 
_reflns_shell.number_possible                               ? 
_reflns_shell.number_unique_all                             ? 
_reflns_shell.number_unique_obs                             1262 
_reflns_shell.percent_possible_obs                          ? 
_reflns_shell.Rmerge_F_all                                  ? 
_reflns_shell.Rmerge_F_obs                                  ? 
_reflns_shell.meanI_over_sigI_gt                            ? 
_reflns_shell.meanI_over_uI_all                             ? 
_reflns_shell.meanI_over_uI_gt                              ? 
_reflns_shell.number_measured_gt                            ? 
_reflns_shell.number_unique_gt                              ? 
_reflns_shell.percent_possible_gt                           ? 
_reflns_shell.Rmerge_F_gt                                   ? 
_reflns_shell.Rmerge_I_gt                                   ? 
_reflns_shell.pdbx_redundancy                               25.2 
_reflns_shell.pdbx_chi_squared                              ? 
_reflns_shell.pdbx_netI_over_sigmaI_all                     ? 
_reflns_shell.pdbx_netI_over_sigmaI_obs                     ? 
_reflns_shell.pdbx_Rrim_I_all                               ? 
_reflns_shell.pdbx_Rpim_I_all                               0.215 
_reflns_shell.pdbx_rejects                                  ? 
_reflns_shell.pdbx_ordinal                                  1 
_reflns_shell.pdbx_diffrn_id                                1 
_reflns_shell.pdbx_CC_half                                  0.982 
_reflns_shell.pdbx_CC_star                                  ? 
_reflns_shell.pdbx_R_split                                  ? 
_reflns_shell.percent_possible_all                          99.92 
_reflns_shell.Rmerge_I_all                                  ? 
_reflns_shell.Rmerge_I_obs                                  1.069 
_reflns_shell.pdbx_Rsym_value                               ? 
_reflns_shell.pdbx_percent_possible_ellipsoidal             ? 
_reflns_shell.pdbx_percent_possible_spherical               ? 
_reflns_shell.pdbx_percent_possible_ellipsoidal_anomalous   ? 
_reflns_shell.pdbx_percent_possible_spherical_anomalous     ? 
_reflns_shell.pdbx_redundancy_anomalous                     ? 
_reflns_shell.pdbx_CC_half_anomalous                        ? 
_reflns_shell.pdbx_absDiff_over_sigma_anomalous             ? 
_reflns_shell.pdbx_percent_possible_anomalous               ? 
# 
_refine.aniso_B[1][1]                            ? 
_refine.aniso_B[1][2]                            ? 
_refine.aniso_B[1][3]                            ? 
_refine.aniso_B[2][2]                            ? 
_refine.aniso_B[2][3]                            ? 
_refine.aniso_B[3][3]                            ? 
_refine.B_iso_max                                ? 
_refine.B_iso_mean                               67.50 
_refine.B_iso_min                                ? 
_refine.correlation_coeff_Fo_to_Fc               ? 
_refine.correlation_coeff_Fo_to_Fc_free          ? 
_refine.details                                  ? 
_refine.diff_density_max                         ? 
_refine.diff_density_max_esd                     ? 
_refine.diff_density_min                         ? 
_refine.diff_density_min_esd                     ? 
_refine.diff_density_rms                         ? 
_refine.diff_density_rms_esd                     ? 
_refine.entry_id                                 9BK7 
_refine.pdbx_refine_id                           'X-RAY DIFFRACTION' 
_refine.ls_abs_structure_details                 ? 
_refine.ls_abs_structure_Flack                   ? 
_refine.ls_abs_structure_Flack_esd               ? 
_refine.ls_abs_structure_Rogers                  ? 
_refine.ls_abs_structure_Rogers_esd              ? 
_refine.ls_d_res_high                            2.58 
_refine.ls_d_res_low                             32.17 
_refine.ls_extinction_coef                       ? 
_refine.ls_extinction_coef_esd                   ? 
_refine.ls_extinction_expression                 ? 
_refine.ls_extinction_method                     ? 
_refine.ls_goodness_of_fit_all                   ? 
_refine.ls_goodness_of_fit_all_esd               ? 
_refine.ls_goodness_of_fit_obs                   ? 
_refine.ls_goodness_of_fit_obs_esd               ? 
_refine.ls_hydrogen_treatment                    ? 
_refine.ls_matrix_type                           ? 
_refine.ls_number_constraints                    ? 
_refine.ls_number_parameters                     ? 
_refine.ls_number_reflns_all                     ? 
_refine.ls_number_reflns_obs                     5179 
_refine.ls_number_reflns_R_free                  518 
_refine.ls_number_reflns_R_work                  4661 
_refine.ls_number_restraints                     ? 
_refine.ls_percent_reflns_obs                    99.83 
_refine.ls_percent_reflns_R_free                 10.00 
_refine.ls_R_factor_all                          ? 
_refine.ls_R_factor_obs                          0.2000 
_refine.ls_R_factor_R_free                       0.2243 
_refine.ls_R_factor_R_free_error                 ? 
_refine.ls_R_factor_R_free_error_details         ? 
_refine.ls_R_factor_R_work                       0.1970 
_refine.ls_R_Fsqd_factor_obs                     ? 
_refine.ls_R_I_factor_obs                        ? 
_refine.ls_redundancy_reflns_all                 ? 
_refine.ls_redundancy_reflns_obs                 ? 
_refine.ls_restrained_S_all                      ? 
_refine.ls_restrained_S_obs                      ? 
_refine.ls_shift_over_esd_max                    ? 
_refine.ls_shift_over_esd_mean                   ? 
_refine.ls_structure_factor_coef                 ? 
_refine.ls_weighting_details                     ? 
_refine.ls_weighting_scheme                      ? 
_refine.ls_wR_factor_all                         ? 
_refine.ls_wR_factor_obs                         ? 
_refine.ls_wR_factor_R_free                      ? 
_refine.ls_wR_factor_R_work                      ? 
_refine.occupancy_max                            ? 
_refine.occupancy_min                            ? 
_refine.solvent_model_details                    'FLAT BULK SOLVENT MODEL' 
_refine.solvent_model_param_bsol                 ? 
_refine.solvent_model_param_ksol                 ? 
_refine.pdbx_R_complete                          ? 
_refine.ls_R_factor_gt                           ? 
_refine.ls_goodness_of_fit_gt                    ? 
_refine.ls_goodness_of_fit_ref                   ? 
_refine.ls_shift_over_su_max                     ? 
_refine.ls_shift_over_su_max_lt                  ? 
_refine.ls_shift_over_su_mean                    ? 
_refine.ls_shift_over_su_mean_lt                 ? 
_refine.pdbx_ls_sigma_I                          ? 
_refine.pdbx_ls_sigma_F                          1.34 
_refine.pdbx_ls_sigma_Fsqd                       ? 
_refine.pdbx_data_cutoff_high_absF               ? 
_refine.pdbx_data_cutoff_high_rms_absF           ? 
_refine.pdbx_data_cutoff_low_absF                ? 
_refine.pdbx_isotropic_thermal_model             ? 
_refine.pdbx_ls_cross_valid_method               'FREE R-VALUE' 
_refine.pdbx_method_to_determine_struct          'MOLECULAR REPLACEMENT' 
_refine.pdbx_starting_model                      ? 
_refine.pdbx_stereochemistry_target_values       'GeoStd + Monomer Library + CDL v1.2' 
_refine.pdbx_R_Free_selection_details            ? 
_refine.pdbx_stereochem_target_val_spec_case     ? 
_refine.pdbx_overall_ESU_R                       ? 
_refine.pdbx_overall_ESU_R_Free                  ? 
_refine.pdbx_solvent_vdw_probe_radii             1.1000 
_refine.pdbx_solvent_ion_probe_radii             ? 
_refine.pdbx_solvent_shrinkage_radii             0.9000 
_refine.pdbx_real_space_R                        ? 
_refine.pdbx_density_correlation                 ? 
_refine.pdbx_pd_number_of_powder_patterns        ? 
_refine.pdbx_pd_number_of_points                 ? 
_refine.pdbx_pd_meas_number_of_points            ? 
_refine.pdbx_pd_proc_ls_prof_R_factor            ? 
_refine.pdbx_pd_proc_ls_prof_wR_factor           ? 
_refine.pdbx_pd_Marquardt_correlation_coeff      ? 
_refine.pdbx_pd_Fsqrd_R_factor                   ? 
_refine.pdbx_pd_ls_matrix_band_width             ? 
_refine.pdbx_overall_phase_error                 27.3465 
_refine.pdbx_overall_SU_R_free_Cruickshank_DPI   ? 
_refine.pdbx_overall_SU_R_free_Blow_DPI          ? 
_refine.pdbx_overall_SU_R_Blow_DPI               ? 
_refine.pdbx_TLS_residual_ADP_flag               ? 
_refine.pdbx_diffrn_id                           1 
_refine.overall_SU_B                             ? 
_refine.overall_SU_ML                            0.3241 
_refine.overall_SU_R_Cruickshank_DPI             ? 
_refine.overall_SU_R_free                        ? 
_refine.overall_FOM_free_R_set                   ? 
_refine.overall_FOM_work_R_set                   ? 
_refine.pdbx_average_fsc_overall                 ? 
_refine.pdbx_average_fsc_work                    ? 
_refine.pdbx_average_fsc_free                    ? 
# 
_refine_hist.pdbx_refine_id                   'X-RAY DIFFRACTION' 
_refine_hist.cycle_id                         LAST 
_refine_hist.details                          ? 
_refine_hist.d_res_high                       2.58 
_refine_hist.d_res_low                        32.17 
_refine_hist.number_atoms_solvent             0 
_refine_hist.number_atoms_total               739 
_refine_hist.number_reflns_all                ? 
_refine_hist.number_reflns_obs                ? 
_refine_hist.number_reflns_R_free             ? 
_refine_hist.number_reflns_R_work             ? 
_refine_hist.R_factor_all                     ? 
_refine_hist.R_factor_obs                     ? 
_refine_hist.R_factor_R_free                  ? 
_refine_hist.R_factor_R_work                  ? 
_refine_hist.pdbx_number_residues_total       ? 
_refine_hist.pdbx_B_iso_mean_ligand           ? 
_refine_hist.pdbx_B_iso_mean_solvent          ? 
_refine_hist.pdbx_number_atoms_protein        739 
_refine_hist.pdbx_number_atoms_nucleic_acid   0 
_refine_hist.pdbx_number_atoms_ligand         0 
_refine_hist.pdbx_number_atoms_lipid          ? 
_refine_hist.pdbx_number_atoms_carb           ? 
_refine_hist.pdbx_pseudo_atom_details         ? 
# 
loop_
_refine_ls_restr.pdbx_refine_id 
_refine_ls_restr.criterion 
_refine_ls_restr.dev_ideal 
_refine_ls_restr.dev_ideal_target 
_refine_ls_restr.number 
_refine_ls_restr.rejects 
_refine_ls_restr.type 
_refine_ls_restr.weight 
_refine_ls_restr.pdbx_restraint_function 
'X-RAY DIFFRACTION' ? 0.0041 ? 746  ? f_bond_d           ? ? 
'X-RAY DIFFRACTION' ? 0.6080 ? 1006 ? f_angle_d          ? ? 
'X-RAY DIFFRACTION' ? 0.0407 ? 114  ? f_chiral_restr     ? ? 
'X-RAY DIFFRACTION' ? 0.0041 ? 137  ? f_plane_restr      ? ? 
'X-RAY DIFFRACTION' ? 3.7820 ? 107  ? f_dihedral_angle_d ? ? 
# 
loop_
_refine_ls_shell.pdbx_refine_id 
_refine_ls_shell.d_res_high 
_refine_ls_shell.d_res_low 
_refine_ls_shell.number_reflns_all 
_refine_ls_shell.number_reflns_obs 
_refine_ls_shell.number_reflns_R_free 
_refine_ls_shell.number_reflns_R_work 
_refine_ls_shell.percent_reflns_obs 
_refine_ls_shell.percent_reflns_R_free 
_refine_ls_shell.R_factor_all 
_refine_ls_shell.R_factor_obs 
_refine_ls_shell.R_factor_R_free_error 
_refine_ls_shell.R_factor_R_work 
_refine_ls_shell.redundancy_reflns_all 
_refine_ls_shell.redundancy_reflns_obs 
_refine_ls_shell.wR_factor_all 
_refine_ls_shell.wR_factor_obs 
_refine_ls_shell.wR_factor_R_free 
_refine_ls_shell.wR_factor_R_work 
_refine_ls_shell.pdbx_R_complete 
_refine_ls_shell.pdbx_total_number_of_bins_used 
_refine_ls_shell.pdbx_phase_error 
_refine_ls_shell.pdbx_fsc_work 
_refine_ls_shell.pdbx_fsc_free 
_refine_ls_shell.R_factor_R_free 
'X-RAY DIFFRACTION' 2.58 2.84  . . 125 1137 99.92 . . . . 0.2951 . . . . . . . . . . . 0.3562 
'X-RAY DIFFRACTION' 2.84 3.25  . . 130 1139 99.92 . . . . 0.2366 . . . . . . . . . . . 0.2685 
'X-RAY DIFFRACTION' 3.25 4.09  . . 121 1159 99.69 . . . . 0.1885 . . . . . . . . . . . 0.2450 
'X-RAY DIFFRACTION' 4.10 32.17 . . 142 1226 99.78 . . . . 0.1740 . . . . . . . . . . . 0.1822 
# 
_struct.entry_id                     9BK7 
_struct.title                        'Structure of SHRT_binder' 
_struct.pdbx_model_details           ? 
_struct.pdbx_formula_weight          ? 
_struct.pdbx_formula_weight_method   ? 
_struct.pdbx_model_type_details      ? 
_struct.pdbx_CASP_flag               N 
# 
_struct_keywords.entry_id        9BK7 
_struct_keywords.text            'SHRT_binder, protein design, diffusion, deep learning, DE NOVO PROTEIN' 
_struct_keywords.pdbx_keywords   'DE NOVO PROTEIN' 
# 
_struct_asym.id                            A 
_struct_asym.pdbx_blank_PDB_chainid_flag   N 
_struct_asym.pdbx_modified                 N 
_struct_asym.entity_id                     1 
_struct_asym.details                       ? 
# 
_struct_ref.id                         1 
_struct_ref.db_name                    PDB 
_struct_ref.db_code                    9BK7 
_struct_ref.pdbx_db_accession          9BK7 
_struct_ref.pdbx_db_isoform            ? 
_struct_ref.entity_id                  1 
_struct_ref.pdbx_seq_one_letter_code   ? 
_struct_ref.pdbx_align_begin           1 
# 
_struct_ref_seq.align_id                      1 
_struct_ref_seq.ref_id                        1 
_struct_ref_seq.pdbx_PDB_id_code              9BK7 
_struct_ref_seq.pdbx_strand_id                A 
_struct_ref_seq.seq_align_beg                 1 
_struct_ref_seq.pdbx_seq_align_beg_ins_code   ? 
_struct_ref_seq.seq_align_end                 121 
_struct_ref_seq.pdbx_seq_align_end_ins_code   ? 
_struct_ref_seq.pdbx_db_accession             9BK7 
_struct_ref_seq.db_align_beg                  -3 
_struct_ref_seq.pdbx_db_align_beg_ins_code    ? 
_struct_ref_seq.db_align_end                  117 
_struct_ref_seq.pdbx_db_align_end_ins_code    ? 
_struct_ref_seq.pdbx_auth_seq_align_beg       -3 
_struct_ref_seq.pdbx_auth_seq_align_end       117 
# 
_pdbx_struct_assembly.id                   1 
_pdbx_struct_assembly.details              author_defined_assembly 
_pdbx_struct_assembly.method_details       ? 
_pdbx_struct_assembly.oligomeric_details   monomeric 
_pdbx_struct_assembly.oligomeric_count     1 
# 
_pdbx_struct_assembly_gen.assembly_id       1 
_pdbx_struct_assembly_gen.oper_expression   1 
_pdbx_struct_assembly_gen.asym_id_list      A 
# 
_pdbx_struct_oper_list.id                   1 
_pdbx_struct_oper_list.type                 'identity operation' 
_pdbx_struct_oper_list.name                 1_555 
_pdbx_struct_oper_list.symmetry_operation   x,y,z 
_pdbx_struct_oper_list.matrix[1][1]         1.0000000000 
_pdbx_struct_oper_list.matrix[1][2]         0.0000000000 
_pdbx_struct_oper_list.matrix[1][3]         0.0000000000 
_pdbx_struct_oper_list.vector[1]            0.0000000000 
_pdbx_struct_oper_list.matrix[2][1]         0.0000000000 
_pdbx_struct_oper_list.matrix[2][2]         1.0000000000 
_pdbx_struct_oper_list.matrix[2][3]         0.0000000000 
_pdbx_struct_oper_list.vector[2]            0.0000000000 
_pdbx_struct_oper_list.matrix[3][1]         0.0000000000 
_pdbx_struct_oper_list.matrix[3][2]         0.0000000000 
_pdbx_struct_oper_list.matrix[3][3]         1.0000000000 
_pdbx_struct_oper_list.vector[3]            0.0000000000 
# 
loop_
_struct_conf.conf_type_id 
_struct_conf.id 
_struct_conf.pdbx_PDB_helix_id 
_struct_conf.beg_label_comp_id 
_struct_conf.beg_label_asym_id 
_struct_conf.beg_label_seq_id 
_struct_conf.pdbx_beg_PDB_ins_code 
_struct_conf.end_label_comp_id 
_struct_conf.end_label_asym_id 
_struct_conf.end_label_seq_id 
_struct_conf.pdbx_end_PDB_ins_code 
_struct_conf.beg_auth_comp_id 
_struct_conf.beg_auth_asym_id 
_struct_conf.beg_auth_seq_id 
_struct_conf.end_auth_comp_id 
_struct_conf.end_auth_asym_id 
_struct_conf.end_auth_seq_id 
_struct_conf.pdbx_PDB_helix_class 
_struct_conf.details 
_struct_conf.pdbx_PDB_helix_length 
HELX_P HELX_P1 AA1 ASN A 17 ? GLY A 36  ? ASN A 13 GLY A 32  1 ? 20 
HELX_P HELX_P2 AA2 ALA A 45 ? ALA A 58  ? ALA A 41 ALA A 54  1 ? 14 
HELX_P HELX_P3 AA3 ASP A 72 ? GLU A 86  ? ASP A 68 GLU A 82  1 ? 15 
HELX_P HELX_P4 AA4 ASP A 88 ? GLY A 105 ? ASP A 84 GLY A 101 1 ? 18 
# 
_struct_conf_type.id          HELX_P 
_struct_conf_type.criteria    ? 
_struct_conf_type.reference   ? 
# 
_struct_sheet.id               AA1 
_struct_sheet.type             ? 
_struct_sheet.number_strands   3 
_struct_sheet.details          ? 
# 
loop_
_struct_sheet_order.sheet_id 
_struct_sheet_order.range_id_1 
_struct_sheet_order.range_id_2 
_struct_sheet_order.offset 
_struct_sheet_order.sense 
AA1 1 2 ? parallel 
AA1 2 3 ? parallel 
# 
loop_
_struct_sheet_range.sheet_id 
_struct_sheet_range.id 
_struct_sheet_range.beg_label_comp_id 
_struct_sheet_range.beg_label_asym_id 
_struct_sheet_range.beg_label_seq_id 
_struct_sheet_range.pdbx_beg_PDB_ins_code 
_struct_sheet_range.end_label_comp_id 
_struct_sheet_range.end_label_asym_id 
_struct_sheet_range.end_label_seq_id 
_struct_sheet_range.pdbx_end_PDB_ins_code 
_struct_sheet_range.beg_auth_comp_id 
_struct_sheet_range.beg_auth_asym_id 
_struct_sheet_range.beg_auth_seq_id 
_struct_sheet_range.end_auth_comp_id 
_struct_sheet_range.end_auth_asym_id 
_struct_sheet_range.end_auth_seq_id 
AA1 1 THR A 7  ? ARG A 11 ? THR A 3  ARG A 7  
AA1 2 ARG A 38 ? PRO A 44 ? ARG A 34 PRO A 40 
AA1 3 THR A 64 ? LEU A 68 ? THR A 60 LEU A 64 
# 
loop_
_pdbx_struct_sheet_hbond.sheet_id 
_pdbx_struct_sheet_hbond.range_id_1 
_pdbx_struct_sheet_hbond.range_id_2 
_pdbx_struct_sheet_hbond.range_1_label_atom_id 
_pdbx_struct_sheet_hbond.range_1_label_comp_id 
_pdbx_struct_sheet_hbond.range_1_label_asym_id 
_pdbx_struct_sheet_hbond.range_1_label_seq_id 
_pdbx_struct_sheet_hbond.range_1_PDB_ins_code 
_pdbx_struct_sheet_hbond.range_1_auth_atom_id 
_pdbx_struct_sheet_hbond.range_1_auth_comp_id 
_pdbx_struct_sheet_hbond.range_1_auth_asym_id 
_pdbx_struct_sheet_hbond.range_1_auth_seq_id 
_pdbx_struct_sheet_hbond.range_2_label_atom_id 
_pdbx_struct_sheet_hbond.range_2_label_comp_id 
_pdbx_struct_sheet_hbond.range_2_label_asym_id 
_pdbx_struct_sheet_hbond.range_2_label_seq_id 
_pdbx_struct_sheet_hbond.range_2_PDB_ins_code 
_pdbx_struct_sheet_hbond.range_2_auth_atom_id 
_pdbx_struct_sheet_hbond.range_2_auth_comp_id 
_pdbx_struct_sheet_hbond.range_2_auth_asym_id 
_pdbx_struct_sheet_hbond.range_2_auth_seq_id 
AA1 1 2 N VAL A 8  ? N VAL A 4  O ARG A 38 ? O ARG A 34 
AA1 2 3 N PHE A 41 ? N PHE A 37 O TYR A 66 ? O TYR A 62 
# 
_pdbx_entry_details.entry_id                   9BK7 
_pdbx_entry_details.compound_details           ? 
_pdbx_entry_details.source_details             ? 
_pdbx_entry_details.nonpolymer_details         ? 
_pdbx_entry_details.sequence_details           ? 
_pdbx_entry_details.has_ligand_of_interest     ? 
_pdbx_entry_details.has_protein_modification   N 
# 
_pdbx_validate_torsion.id              1 
_pdbx_validate_torsion.PDB_model_num   1 
_pdbx_validate_torsion.auth_comp_id    ASP 
_pdbx_validate_torsion.auth_asym_id    A 
_pdbx_validate_torsion.auth_seq_id     84 
_pdbx_validate_torsion.PDB_ins_code    ? 
_pdbx_validate_torsion.label_alt_id    ? 
_pdbx_validate_torsion.phi             -70.00 
_pdbx_validate_torsion.psi             -167.61 
# 
loop_
_space_group_symop.id 
_space_group_symop.operation_xyz 
1  x,y,z                
2  -y+1/2,x,z+3/4       
3  y+1/2,-x,z+3/4       
4  x+1/2,-y,-z+3/4      
5  -x+1/2,y,-z+3/4      
6  -x,-y,z              
7  y,x,-z               
8  -y,-x,-z             
9  x+1/2,y+1/2,z+1/2    
10 -y+1,x+1/2,z+5/4     
11 y+1,-x+1/2,z+5/4     
12 x+1,-y+1/2,-z+5/4    
13 -x+1,y+1/2,-z+5/4    
14 -x+1/2,-y+1/2,z+1/2  
15 y+1/2,x+1/2,-z+1/2   
16 -y+1/2,-x+1/2,-z+1/2 
# 
loop_
_pdbx_unobs_or_zero_occ_residues.id 
_pdbx_unobs_or_zero_occ_residues.PDB_model_num 
_pdbx_unobs_or_zero_occ_residues.polymer_flag 
_pdbx_unobs_or_zero_occ_residues.occupancy_flag 
_pdbx_unobs_or_zero_occ_residues.auth_asym_id 
_pdbx_unobs_or_zero_occ_residues.auth_comp_id 
_pdbx_unobs_or_zero_occ_residues.auth_seq_id 
_pdbx_unobs_or_zero_occ_residues.PDB_ins_code 
_pdbx_unobs_or_zero_occ_residues.label_asym_id 
_pdbx_unobs_or_zero_occ_residues.label_comp_id 
_pdbx_unobs_or_zero_occ_residues.label_seq_id 
1  1 Y 1 A MET -3  ? A MET 1   
2  1 Y 1 A SER -2  ? A SER 2   
3  1 Y 1 A GLY -1  ? A GLY 3   
4  1 Y 1 A GLY 0   ? A GLY 4   
5  1 Y 1 A SER 103 ? A SER 107 
6  1 Y 1 A GLY 104 ? A GLY 108 
7  1 Y 1 A SER 105 ? A SER 109 
8  1 Y 1 A HIS 106 ? A HIS 110 
9  1 Y 1 A HIS 107 ? A HIS 111 
10 1 Y 1 A TRP 108 ? A TRP 112 
11 1 Y 1 A GLY 109 ? A GLY 113 
12 1 Y 1 A SER 110 ? A SER 114 
13 1 Y 1 A THR 111 ? A THR 115 
14 1 Y 1 A HIS 112 ? A HIS 116 
15 1 Y 1 A HIS 113 ? A HIS 117 
16 1 Y 1 A HIS 114 ? A HIS 118 
17 1 Y 1 A HIS 115 ? A HIS 119 
18 1 Y 1 A HIS 116 ? A HIS 120 
19 1 Y 1 A HIS 117 ? A HIS 121 
# 
loop_
_chem_comp_atom.comp_id 
_chem_comp_atom.atom_id 
_chem_comp_atom.type_symbol 
_chem_comp_atom.pdbx_aromatic_flag 
_chem_comp_atom.pdbx_stereo_config 
_chem_comp_atom.pdbx_ordinal 
ALA N    N N N 1   
ALA CA   C N S 2   
ALA C    C N N 3   
ALA O    O N N 4   
ALA CB   C N N 5   
ALA OXT  O N N 6   
ALA H    H N N 7   
ALA H2   H N N 8   
ALA HA   H N N 9   
ALA HB1  H N N 10  
ALA HB2  H N N 11  
ALA HB3  H N N 12  
ALA HXT  H N N 13  
ARG N    N N N 14  
ARG CA   C N S 15  
ARG C    C N N 16  
ARG O    O N N 17  
ARG CB   C N N 18  
ARG CG   C N N 19  
ARG CD   C N N 20  
ARG NE   N N N 21  
ARG CZ   C N N 22  
ARG NH1  N N N 23  
ARG NH2  N N N 24  
ARG OXT  O N N 25  
ARG H    H N N 26  
ARG H2   H N N 27  
ARG HA   H N N 28  
ARG HB2  H N N 29  
ARG HB3  H N N 30  
ARG HG2  H N N 31  
ARG HG3  H N N 32  
ARG HD2  H N N 33  
ARG HD3  H N N 34  
ARG HE   H N N 35  
ARG HH11 H N N 36  
ARG HH12 H N N 37  
ARG HH21 H N N 38  
ARG HH22 H N N 39  
ARG HXT  H N N 40  
ASN N    N N N 41  
ASN CA   C N S 42  
ASN C    C N N 43  
ASN O    O N N 44  
ASN CB   C N N 45  
ASN CG   C N N 46  
ASN OD1  O N N 47  
ASN ND2  N N N 48  
ASN OXT  O N N 49  
ASN H    H N N 50  
ASN H2   H N N 51  
ASN HA   H N N 52  
ASN HB2  H N N 53  
ASN HB3  H N N 54  
ASN HD21 H N N 55  
ASN HD22 H N N 56  
ASN HXT  H N N 57  
ASP N    N N N 58  
ASP CA   C N S 59  
ASP C    C N N 60  
ASP O    O N N 61  
ASP CB   C N N 62  
ASP CG   C N N 63  
ASP OD1  O N N 64  
ASP OD2  O N N 65  
ASP OXT  O N N 66  
ASP H    H N N 67  
ASP H2   H N N 68  
ASP HA   H N N 69  
ASP HB2  H N N 70  
ASP HB3  H N N 71  
ASP HD2  H N N 72  
ASP HXT  H N N 73  
GLN N    N N N 74  
GLN CA   C N S 75  
GLN C    C N N 76  
GLN O    O N N 77  
GLN CB   C N N 78  
GLN CG   C N N 79  
GLN CD   C N N 80  
GLN OE1  O N N 81  
GLN NE2  N N N 82  
GLN OXT  O N N 83  
GLN H    H N N 84  
GLN H2   H N N 85  
GLN HA   H N N 86  
GLN HB2  H N N 87  
GLN HB3  H N N 88  
GLN HG2  H N N 89  
GLN HG3  H N N 90  
GLN HE21 H N N 91  
GLN HE22 H N N 92  
GLN HXT  H N N 93  
GLU N    N N N 94  
GLU CA   C N S 95  
GLU C    C N N 96  
GLU O    O N N 97  
GLU CB   C N N 98  
GLU CG   C N N 99  
GLU CD   C N N 100 
GLU OE1  O N N 101 
GLU OE2  O N N 102 
GLU OXT  O N N 103 
GLU H    H N N 104 
GLU H2   H N N 105 
GLU HA   H N N 106 
GLU HB2  H N N 107 
GLU HB3  H N N 108 
GLU HG2  H N N 109 
GLU HG3  H N N 110 
GLU HE2  H N N 111 
GLU HXT  H N N 112 
GLY N    N N N 113 
GLY CA   C N N 114 
GLY C    C N N 115 
GLY O    O N N 116 
GLY OXT  O N N 117 
GLY H    H N N 118 
GLY H2   H N N 119 
GLY HA2  H N N 120 
GLY HA3  H N N 121 
GLY HXT  H N N 122 
HIS N    N N N 123 
HIS CA   C N S 124 
HIS C    C N N 125 
HIS O    O N N 126 
HIS CB   C N N 127 
HIS CG   C Y N 128 
HIS ND1  N Y N 129 
HIS CD2  C Y N 130 
HIS CE1  C Y N 131 
HIS NE2  N Y N 132 
HIS OXT  O N N 133 
HIS H    H N N 134 
HIS H2   H N N 135 
HIS HA   H N N 136 
HIS HB2  H N N 137 
HIS HB3  H N N 138 
HIS HD1  H N N 139 
HIS HD2  H N N 140 
HIS HE1  H N N 141 
HIS HE2  H N N 142 
HIS HXT  H N N 143 
ILE N    N N N 144 
ILE CA   C N S 145 
ILE C    C N N 146 
ILE O    O N N 147 
ILE CB   C N S 148 
ILE CG1  C N N 149 
ILE CG2  C N N 150 
ILE CD1  C N N 151 
ILE OXT  O N N 152 
ILE H    H N N 153 
ILE H2   H N N 154 
ILE HA   H N N 155 
ILE HB   H N N 156 
ILE HG12 H N N 157 
ILE HG13 H N N 158 
ILE HG21 H N N 159 
ILE HG22 H N N 160 
ILE HG23 H N N 161 
ILE HD11 H N N 162 
ILE HD12 H N N 163 
ILE HD13 H N N 164 
ILE HXT  H N N 165 
LEU N    N N N 166 
LEU CA   C N S 167 
LEU C    C N N 168 
LEU O    O N N 169 
LEU CB   C N N 170 
LEU CG   C N N 171 
LEU CD1  C N N 172 
LEU CD2  C N N 173 
LEU OXT  O N N 174 
LEU H    H N N 175 
LEU H2   H N N 176 
LEU HA   H N N 177 
LEU HB2  H N N 178 
LEU HB3  H N N 179 
LEU HG   H N N 180 
LEU HD11 H N N 181 
LEU HD12 H N N 182 
LEU HD13 H N N 183 
LEU HD21 H N N 184 
LEU HD22 H N N 185 
LEU HD23 H N N 186 
LEU HXT  H N N 187 
LYS N    N N N 188 
LYS CA   C N S 189 
LYS C    C N N 190 
LYS O    O N N 191 
LYS CB   C N N 192 
LYS CG   C N N 193 
LYS CD   C N N 194 
LYS CE   C N N 195 
LYS NZ   N N N 196 
LYS OXT  O N N 197 
LYS H    H N N 198 
LYS H2   H N N 199 
LYS HA   H N N 200 
LYS HB2  H N N 201 
LYS HB3  H N N 202 
LYS HG2  H N N 203 
LYS HG3  H N N 204 
LYS HD2  H N N 205 
LYS HD3  H N N 206 
LYS HE2  H N N 207 
LYS HE3  H N N 208 
LYS HZ1  H N N 209 
LYS HZ2  H N N 210 
LYS HZ3  H N N 211 
LYS HXT  H N N 212 
MET N    N N N 213 
MET CA   C N S 214 
MET C    C N N 215 
MET O    O N N 216 
MET CB   C N N 217 
MET CG   C N N 218 
MET SD   S N N 219 
MET CE   C N N 220 
MET OXT  O N N 221 
MET H    H N N 222 
MET H2   H N N 223 
MET HA   H N N 224 
MET HB2  H N N 225 
MET HB3  H N N 226 
MET HG2  H N N 227 
MET HG3  H N N 228 
MET HE1  H N N 229 
MET HE2  H N N 230 
MET HE3  H N N 231 
MET HXT  H N N 232 
PHE N    N N N 233 
PHE CA   C N S 234 
PHE C    C N N 235 
PHE O    O N N 236 
PHE CB   C N N 237 
PHE CG   C Y N 238 
PHE CD1  C Y N 239 
PHE CD2  C Y N 240 
PHE CE1  C Y N 241 
PHE CE2  C Y N 242 
PHE CZ   C Y N 243 
PHE OXT  O N N 244 
PHE H    H N N 245 
PHE H2   H N N 246 
PHE HA   H N N 247 
PHE HB2  H N N 248 
PHE HB3  H N N 249 
PHE HD1  H N N 250 
PHE HD2  H N N 251 
PHE HE1  H N N 252 
PHE HE2  H N N 253 
PHE HZ   H N N 254 
PHE HXT  H N N 255 
PRO N    N N N 256 
PRO CA   C N S 257 
PRO C    C N N 258 
PRO O    O N N 259 
PRO CB   C N N 260 
PRO CG   C N N 261 
PRO CD   C N N 262 
PRO OXT  O N N 263 
PRO H    H N N 264 
PRO HA   H N N 265 
PRO HB2  H N N 266 
PRO HB3  H N N 267 
PRO HG2  H N N 268 
PRO HG3  H N N 269 
PRO HD2  H N N 270 
PRO HD3  H N N 271 
PRO HXT  H N N 272 
SER N    N N N 273 
SER CA   C N S 274 
SER C    C N N 275 
SER O    O N N 276 
SER CB   C N N 277 
SER OG   O N N 278 
SER OXT  O N N 279 
SER H    H N N 280 
SER H2   H N N 281 
SER HA   H N N 282 
SER HB2  H N N 283 
SER HB3  H N N 284 
SER HG   H N N 285 
SER HXT  H N N 286 
THR N    N N N 287 
THR CA   C N S 288 
THR C    C N N 289 
THR O    O N N 290 
THR CB   C N R 291 
THR OG1  O N N 292 
THR CG2  C N N 293 
THR OXT  O N N 294 
THR H    H N N 295 
THR H2   H N N 296 
THR HA   H N N 297 
THR HB   H N N 298 
THR HG1  H N N 299 
THR HG21 H N N 300 
THR HG22 H N N 301 
THR HG23 H N N 302 
THR HXT  H N N 303 
TRP N    N N N 304 
TRP CA   C N S 305 
TRP C    C N N 306 
TRP O    O N N 307 
TRP CB   C N N 308 
TRP CG   C Y N 309 
TRP CD1  C Y N 310 
TRP CD2  C Y N 311 
TRP NE1  N Y N 312 
TRP CE2  C Y N 313 
TRP CE3  C Y N 314 
TRP CZ2  C Y N 315 
TRP CZ3  C Y N 316 
TRP CH2  C Y N 317 
TRP OXT  O N N 318 
TRP H    H N N 319 
TRP H2   H N N 320 
TRP HA   H N N 321 
TRP HB2  H N N 322 
TRP HB3  H N N 323 
TRP HD1  H N N 324 
TRP HE1  H N N 325 
TRP HE3  H N N 326 
TRP HZ2  H N N 327 
TRP HZ3  H N N 328 
TRP HH2  H N N 329 
TRP HXT  H N N 330 
TYR N    N N N 331 
TYR CA   C N S 332 
TYR C    C N N 333 
TYR O    O N N 334 
TYR CB   C N N 335 
TYR CG   C Y N 336 
TYR CD1  C Y N 337 
TYR CD2  C Y N 338 
TYR CE1  C Y N 339 
TYR CE2  C Y N 340 
TYR CZ   C Y N 341 
TYR OH   O N N 342 
TYR OXT  O N N 343 
TYR H    H N N 344 
TYR H2   H N N 345 
TYR HA   H N N 346 
TYR HB2  H N N 347 
TYR HB3  H N N 348 
TYR HD1  H N N 349 
TYR HD2  H N N 350 
TYR HE1  H N N 351 
TYR HE2  H N N 352 
TYR HH   H N N 353 
TYR HXT  H N N 354 
VAL N    N N N 355 
VAL CA   C N S 356 
VAL C    C N N 357 
VAL O    O N N 358 
VAL CB   C N N 359 
VAL CG1  C N N 360 
VAL CG2  C N N 361 
VAL OXT  O N N 362 
VAL H    H N N 363 
VAL H2   H N N 364 
VAL HA   H N N 365 
VAL HB   H N N 366 
VAL HG11 H N N 367 
VAL HG12 H N N 368 
VAL HG13 H N N 369 
VAL HG21 H N N 370 
VAL HG22 H N N 371 
VAL HG23 H N N 372 
VAL HXT  H N N 373 
# 
loop_
_chem_comp_bond.comp_id 
_chem_comp_bond.atom_id_1 
_chem_comp_bond.atom_id_2 
_chem_comp_bond.value_order 
_chem_comp_bond.pdbx_aromatic_flag 
_chem_comp_bond.pdbx_stereo_config 
_chem_comp_bond.pdbx_ordinal 
ALA N   CA   sing N N 1   
ALA N   H    sing N N 2   
ALA N   H2   sing N N 3   
ALA CA  C    sing N N 4   
ALA CA  CB   sing N N 5   
ALA CA  HA   sing N N 6   
ALA C   O    doub N N 7   
ALA C   OXT  sing N N 8   
ALA CB  HB1  sing N N 9   
ALA CB  HB2  sing N N 10  
ALA CB  HB3  sing N N 11  
ALA OXT HXT  sing N N 12  
ARG N   CA   sing N N 13  
ARG N   H    sing N N 14  
ARG N   H2   sing N N 15  
ARG CA  C    sing N N 16  
ARG CA  CB   sing N N 17  
ARG CA  HA   sing N N 18  
ARG C   O    doub N N 19  
ARG C   OXT  sing N N 20  
ARG CB  CG   sing N N 21  
ARG CB  HB2  sing N N 22  
ARG CB  HB3  sing N N 23  
ARG CG  CD   sing N N 24  
ARG CG  HG2  sing N N 25  
ARG CG  HG3  sing N N 26  
ARG CD  NE   sing N N 27  
ARG CD  HD2  sing N N 28  
ARG CD  HD3  sing N N 29  
ARG NE  CZ   sing N N 30  
ARG NE  HE   sing N N 31  
ARG CZ  NH1  sing N N 32  
ARG CZ  NH2  doub N N 33  
ARG NH1 HH11 sing N N 34  
ARG NH1 HH12 sing N N 35  
ARG NH2 HH21 sing N N 36  
ARG NH2 HH22 sing N N 37  
ARG OXT HXT  sing N N 38  
ASN N   CA   sing N N 39  
ASN N   H    sing N N 40  
ASN N   H2   sing N N 41  
ASN CA  C    sing N N 42  
ASN CA  CB   sing N N 43  
ASN CA  HA   sing N N 44  
ASN C   O    doub N N 45  
ASN C   OXT  sing N N 46  
ASN CB  CG   sing N N 47  
ASN CB  HB2  sing N N 48  
ASN CB  HB3  sing N N 49  
ASN CG  OD1  doub N N 50  
ASN CG  ND2  sing N N 51  
ASN ND2 HD21 sing N N 52  
ASN ND2 HD22 sing N N 53  
ASN OXT HXT  sing N N 54  
ASP N   CA   sing N N 55  
ASP N   H    sing N N 56  
ASP N   H2   sing N N 57  
ASP CA  C    sing N N 58  
ASP CA  CB   sing N N 59  
ASP CA  HA   sing N N 60  
ASP C   O    doub N N 61  
ASP C   OXT  sing N N 62  
ASP CB  CG   sing N N 63  
ASP CB  HB2  sing N N 64  
ASP CB  HB3  sing N N 65  
ASP CG  OD1  doub N N 66  
ASP CG  OD2  sing N N 67  
ASP OD2 HD2  sing N N 68  
ASP OXT HXT  sing N N 69  
GLN N   CA   sing N N 70  
GLN N   H    sing N N 71  
GLN N   H2   sing N N 72  
GLN CA  C    sing N N 73  
GLN CA  CB   sing N N 74  
GLN CA  HA   sing N N 75  
GLN C   O    doub N N 76  
GLN C   OXT  sing N N 77  
GLN CB  CG   sing N N 78  
GLN CB  HB2  sing N N 79  
GLN CB  HB3  sing N N 80  
GLN CG  CD   sing N N 81  
GLN CG  HG2  sing N N 82  
GLN CG  HG3  sing N N 83  
GLN CD  OE1  doub N N 84  
GLN CD  NE2  sing N N 85  
GLN NE2 HE21 sing N N 86  
GLN NE2 HE22 sing N N 87  
GLN OXT HXT  sing N N 88  
GLU N   CA   sing N N 89  
GLU N   H    sing N N 90  
GLU N   H2   sing N N 91  
GLU CA  C    sing N N 92  
GLU CA  CB   sing N N 93  
GLU CA  HA   sing N N 94  
GLU C   O    doub N N 95  
GLU C   OXT  sing N N 96  
GLU CB  CG   sing N N 97  
GLU CB  HB2  sing N N 98  
GLU CB  HB3  sing N N 99  
GLU CG  CD   sing N N 100 
GLU CG  HG2  sing N N 101 
GLU CG  HG3  sing N N 102 
GLU CD  OE1  doub N N 103 
GLU CD  OE2  sing N N 104 
GLU OE2 HE2  sing N N 105 
GLU OXT HXT  sing N N 106 
GLY N   CA   sing N N 107 
GLY N   H    sing N N 108 
GLY N   H2   sing N N 109 
GLY CA  C    sing N N 110 
GLY CA  HA2  sing N N 111 
GLY CA  HA3  sing N N 112 
GLY C   O    doub N N 113 
GLY C   OXT  sing N N 114 
GLY OXT HXT  sing N N 115 
HIS N   CA   sing N N 116 
HIS N   H    sing N N 117 
HIS N   H2   sing N N 118 
HIS CA  C    sing N N 119 
HIS CA  CB   sing N N 120 
HIS CA  HA   sing N N 121 
HIS C   O    doub N N 122 
HIS C   OXT  sing N N 123 
HIS CB  CG   sing N N 124 
HIS CB  HB2  sing N N 125 
HIS CB  HB3  sing N N 126 
HIS CG  ND1  sing Y N 127 
HIS CG  CD2  doub Y N 128 
HIS ND1 CE1  doub Y N 129 
HIS ND1 HD1  sing N N 130 
HIS CD2 NE2  sing Y N 131 
HIS CD2 HD2  sing N N 132 
HIS CE1 NE2  sing Y N 133 
HIS CE1 HE1  sing N N 134 
HIS NE2 HE2  sing N N 135 
HIS OXT HXT  sing N N 136 
ILE N   CA   sing N N 137 
ILE N   H    sing N N 138 
ILE N   H2   sing N N 139 
ILE CA  C    sing N N 140 
ILE CA  CB   sing N N 141 
ILE CA  HA   sing N N 142 
ILE C   O    doub N N 143 
ILE C   OXT  sing N N 144 
ILE CB  CG1  sing N N 145 
ILE CB  CG2  sing N N 146 
ILE CB  HB   sing N N 147 
ILE CG1 CD1  sing N N 148 
ILE CG1 HG12 sing N N 149 
ILE CG1 HG13 sing N N 150 
ILE CG2 HG21 sing N N 151 
ILE CG2 HG22 sing N N 152 
ILE CG2 HG23 sing N N 153 
ILE CD1 HD11 sing N N 154 
ILE CD1 HD12 sing N N 155 
ILE CD1 HD13 sing N N 156 
ILE OXT HXT  sing N N 157 
LEU N   CA   sing N N 158 
LEU N   H    sing N N 159 
LEU N   H2   sing N N 160 
LEU CA  C    sing N N 161 
LEU CA  CB   sing N N 162 
LEU CA  HA   sing N N 163 
LEU C   O    doub N N 164 
LEU C   OXT  sing N N 165 
LEU CB  CG   sing N N 166 
LEU CB  HB2  sing N N 167 
LEU CB  HB3  sing N N 168 
LEU CG  CD1  sing N N 169 
LEU CG  CD2  sing N N 170 
LEU CG  HG   sing N N 171 
LEU CD1 HD11 sing N N 172 
LEU CD1 HD12 sing N N 173 
LEU CD1 HD13 sing N N 174 
LEU CD2 HD21 sing N N 175 
LEU CD2 HD22 sing N N 176 
LEU CD2 HD23 sing N N 177 
LEU OXT HXT  sing N N 178 
LYS N   CA   sing N N 179 
LYS N   H    sing N N 180 
LYS N   H2   sing N N 181 
LYS CA  C    sing N N 182 
LYS CA  CB   sing N N 183 
LYS CA  HA   sing N N 184 
LYS C   O    doub N N 185 
LYS C   OXT  sing N N 186 
LYS CB  CG   sing N N 187 
LYS CB  HB2  sing N N 188 
LYS CB  HB3  sing N N 189 
LYS CG  CD   sing N N 190 
LYS CG  HG2  sing N N 191 
LYS CG  HG3  sing N N 192 
LYS CD  CE   sing N N 193 
LYS CD  HD2  sing N N 194 
LYS CD  HD3  sing N N 195 
LYS CE  NZ   sing N N 196 
LYS CE  HE2  sing N N 197 
LYS CE  HE3  sing N N 198 
LYS NZ  HZ1  sing N N 199 
LYS NZ  HZ2  sing N N 200 
LYS NZ  HZ3  sing N N 201 
LYS OXT HXT  sing N N 202 
MET N   CA   sing N N 203 
MET N   H    sing N N 204 
MET N   H2   sing N N 205 
MET CA  C    sing N N 206 
MET CA  CB   sing N N 207 
MET CA  HA   sing N N 208 
MET C   O    doub N N 209 
MET C   OXT  sing N N 210 
MET CB  CG   sing N N 211 
MET CB  HB2  sing N N 212 
MET CB  HB3  sing N N 213 
MET CG  SD   sing N N 214 
MET CG  HG2  sing N N 215 
MET CG  HG3  sing N N 216 
MET SD  CE   sing N N 217 
MET CE  HE1  sing N N 218 
MET CE  HE2  sing N N 219 
MET CE  HE3  sing N N 220 
MET OXT HXT  sing N N 221 
PHE N   CA   sing N N 222 
PHE N   H    sing N N 223 
PHE N   H2   sing N N 224 
PHE CA  C    sing N N 225 
PHE CA  CB   sing N N 226 
PHE CA  HA   sing N N 227 
PHE C   O    doub N N 228 
PHE C   OXT  sing N N 229 
PHE CB  CG   sing N N 230 
PHE CB  HB2  sing N N 231 
PHE CB  HB3  sing N N 232 
PHE CG  CD1  doub Y N 233 
PHE CG  CD2  sing Y N 234 
PHE CD1 CE1  sing Y N 235 
PHE CD1 HD1  sing N N 236 
PHE CD2 CE2  doub Y N 237 
PHE CD2 HD2  sing N N 238 
PHE CE1 CZ   doub Y N 239 
PHE CE1 HE1  sing N N 240 
PHE CE2 CZ   sing Y N 241 
PHE CE2 HE2  sing N N 242 
PHE CZ  HZ   sing N N 243 
PHE OXT HXT  sing N N 244 
PRO N   CA   sing N N 245 
PRO N   CD   sing N N 246 
PRO N   H    sing N N 247 
PRO CA  C    sing N N 248 
PRO CA  CB   sing N N 249 
PRO CA  HA   sing N N 250 
PRO C   O    doub N N 251 
PRO C   OXT  sing N N 252 
PRO CB  CG   sing N N 253 
PRO CB  HB2  sing N N 254 
PRO CB  HB3  sing N N 255 
PRO CG  CD   sing N N 256 
PRO CG  HG2  sing N N 257 
PRO CG  HG3  sing N N 258 
PRO CD  HD2  sing N N 259 
PRO CD  HD3  sing N N 260 
PRO OXT HXT  sing N N 261 
SER N   CA   sing N N 262 
SER N   H    sing N N 263 
SER N   H2   sing N N 264 
SER CA  C    sing N N 265 
SER CA  CB   sing N N 266 
SER CA  HA   sing N N 267 
SER C   O    doub N N 268 
SER C   OXT  sing N N 269 
SER CB  OG   sing N N 270 
SER CB  HB2  sing N N 271 
SER CB  HB3  sing N N 272 
SER OG  HG   sing N N 273 
SER OXT HXT  sing N N 274 
THR N   CA   sing N N 275 
THR N   H    sing N N 276 
THR N   H2   sing N N 277 
THR CA  C    sing N N 278 
THR CA  CB   sing N N 279 
THR CA  HA   sing N N 280 
THR C   O    doub N N 281 
THR C   OXT  sing N N 282 
THR CB  OG1  sing N N 283 
THR CB  CG2  sing N N 284 
THR CB  HB   sing N N 285 
THR OG1 HG1  sing N N 286 
THR CG2 HG21 sing N N 287 
THR CG2 HG22 sing N N 288 
THR CG2 HG23 sing N N 289 
THR OXT HXT  sing N N 290 
TRP N   CA   sing N N 291 
TRP N   H    sing N N 292 
TRP N   H2   sing N N 293 
TRP CA  C    sing N N 294 
TRP CA  CB   sing N N 295 
TRP CA  HA   sing N N 296 
TRP C   O    doub N N 297 
TRP C   OXT  sing N N 298 
TRP CB  CG   sing N N 299 
TRP CB  HB2  sing N N 300 
TRP CB  HB3  sing N N 301 
TRP CG  CD1  doub Y N 302 
TRP CG  CD2  sing Y N 303 
TRP CD1 NE1  sing Y N 304 
TRP CD1 HD1  sing N N 305 
TRP CD2 CE2  doub Y N 306 
TRP CD2 CE3  sing Y N 307 
TRP NE1 CE2  sing Y N 308 
TRP NE1 HE1  sing N N 309 
TRP CE2 CZ2  sing Y N 310 
TRP CE3 CZ3  doub Y N 311 
TRP CE3 HE3  sing N N 312 
TRP CZ2 CH2  doub Y N 313 
TRP CZ2 HZ2  sing N N 314 
TRP CZ3 CH2  sing Y N 315 
TRP CZ3 HZ3  sing N N 316 
TRP CH2 HH2  sing N N 317 
TRP OXT HXT  sing N N 318 
TYR N   CA   sing N N 319 
TYR N   H    sing N N 320 
TYR N   H2   sing N N 321 
TYR CA  C    sing N N 322 
TYR CA  CB   sing N N 323 
TYR CA  HA   sing N N 324 
TYR C   O    doub N N 325 
TYR C   OXT  sing N N 326 
TYR CB  CG   sing N N 327 
TYR CB  HB2  sing N N 328 
TYR CB  HB3  sing N N 329 
TYR CG  CD1  doub Y N 330 
TYR CG  CD2  sing Y N 331 
TYR CD1 CE1  sing Y N 332 
TYR CD1 HD1  sing N N 333 
TYR CD2 CE2  doub Y N 334 
TYR CD2 HD2  sing N N 335 
TYR CE1 CZ   doub Y N 336 
TYR CE1 HE1  sing N N 337 
TYR CE2 CZ   sing Y N 338 
TYR CE2 HE2  sing N N 339 
TYR CZ  OH   sing N N 340 
TYR OH  HH   sing N N 341 
TYR OXT HXT  sing N N 342 
VAL N   CA   sing N N 343 
VAL N   H    sing N N 344 
VAL N   H2   sing N N 345 
VAL CA  C    sing N N 346 
VAL CA  CB   sing N N 347 
VAL CA  HA   sing N N 348 
VAL C   O    doub N N 349 
VAL C   OXT  sing N N 350 
VAL CB  CG1  sing N N 351 
VAL CB  CG2  sing N N 352 
VAL CB  HB   sing N N 353 
VAL CG1 HG11 sing N N 354 
VAL CG1 HG12 sing N N 355 
VAL CG1 HG13 sing N N 356 
VAL CG2 HG21 sing N N 357 
VAL CG2 HG22 sing N N 358 
VAL CG2 HG23 sing N N 359 
VAL OXT HXT  sing N N 360 
# 
loop_
_pdbx_audit_support.funding_organization 
_pdbx_audit_support.country 
_pdbx_audit_support.grant_number 
_pdbx_audit_support.ordinal 
'National Science Foundation (NSF, United States)' 'United States' ? 1 
'Howard Hughes Medical Institute (HHMI)'           'United States' ? 2 
# 
_pdbx_initial_refinement_model.id               1 
_pdbx_initial_refinement_model.entity_id_list   ? 
_pdbx_initial_refinement_model.type             'in silico model' 
_pdbx_initial_refinement_model.source_name      RoseTTAFold 
_pdbx_initial_refinement_model.accession_code   ? 
_pdbx_initial_refinement_model.details          'de novo design nodel' 
# 
_space_group.name_H-M_alt     'I 41 2 2' 
_space_group.name_Hall        'I 4bw 2bw' 
_space_group.IT_number        98 
_space_group.crystal_system   tetragonal 
_space_group.id               1 
# 
_atom_sites.entry_id                    9BK7 
_atom_sites.Cartn_transf_matrix[1][1]   ? 
_atom_sites.Cartn_transf_matrix[1][2]   ? 
_atom_sites.Cartn_transf_matrix[1][3]   ? 
_atom_sites.Cartn_transf_matrix[2][1]   ? 
_atom_sites.Cartn_transf_matrix[2][2]   ? 
_atom_sites.Cartn_transf_matrix[2][3]   ? 
_atom_sites.Cartn_transf_matrix[3][1]   ? 
_atom_sites.Cartn_transf_matrix[3][2]   ? 
_atom_sites.Cartn_transf_matrix[3][3]   ? 
_atom_sites.Cartn_transf_vector[1]      ? 
_atom_sites.Cartn_transf_vector[2]      ? 
_atom_sites.Cartn_transf_vector[3]      ? 
_atom_sites.Cartn_transform_axes        ? 
_atom_sites.fract_transf_matrix[1][1]   0.00562367 
_atom_sites.fract_transf_matrix[1][2]   -0.01147112 
_atom_sites.fract_transf_matrix[1][3]   -0.00360374 
_atom_sites.fract_transf_matrix[2][1]   -0.01068578 
_atom_sites.fract_transf_matrix[2][2]   -0.00659203 
_atom_sites.fract_transf_matrix[2][3]   0.00430794 
_atom_sites.fract_transf_matrix[3][1]   -0.00383308 
_atom_sites.fract_transf_matrix[3][2]   0.00074816 
_atom_sites.fract_transf_matrix[3][3]   -0.00836305 
_atom_sites.fract_transf_vector[1]      0.176628 
_atom_sites.fract_transf_vector[2]      -0.413742 
_atom_sites.fract_transf_vector[3]      -0.184071 
_atom_sites.solution_primary            ? 
_atom_sites.solution_secondary          ? 
_atom_sites.solution_hydrogens          ? 
_atom_sites.special_details             ? 
# 
loop_
_atom_type.symbol 
_atom_type.scat_dispersion_real 
_atom_type.scat_dispersion_imag 
_atom_type.scat_Cromer_Mann_a1 
_atom_type.scat_Cromer_Mann_a2 
_atom_type.scat_Cromer_Mann_a3 
_atom_type.scat_Cromer_Mann_a4 
_atom_type.scat_Cromer_Mann_b1 
_atom_type.scat_Cromer_Mann_b2 
_atom_type.scat_Cromer_Mann_b3 
_atom_type.scat_Cromer_Mann_b4 
_atom_type.scat_Cromer_Mann_c 
_atom_type.scat_source 
_atom_type.scat_dispersion_source 
C ? ? 3.54356 2.42580 ? ? 25.62398 1.50364  ? ? 0.0 
;2-Gaussian fit: Grosse-Kunstleve RW, Sauter NK, Adams PD: Newsletter of the IUCr Commission on Crystallographic Computing 2004, 3, 22-31.
;
? 
N ? ? 4.01032 2.96436 ? ? 19.97189 1.75589  ? ? 0.0 
;2-Gaussian fit: Grosse-Kunstleve RW, Sauter NK, Adams PD: Newsletter of the IUCr Commission on Crystallographic Computing 2004, 3, 22-31.
;
? 
O ? ? 4.49882 3.47563 ? ? 15.80542 1.70748  ? ? 0.0 
;2-Gaussian fit: Grosse-Kunstleve RW, Sauter NK, Adams PD: Newsletter of the IUCr Commission on Crystallographic Computing 2004, 3, 22-31.
;
? 
S ? ? 9.55732 6.39887 ? ? 1.23737  29.19336 ? ? 0.0 
;2-Gaussian fit: Grosse-Kunstleve RW, Sauter NK, Adams PD: Newsletter of the IUCr Commission on Crystallographic Computing 2004, 3, 22-31.
;
? 
# 
loop_
_atom_site.group_PDB 
_atom_site.id 
_atom_site.type_symbol 
_atom_site.label_atom_id 
_atom_site.label_alt_id 
_atom_site.label_comp_id 
_atom_site.label_asym_id 
_atom_site.label_entity_id 
_atom_site.label_seq_id 
_atom_site.pdbx_PDB_ins_code 
_atom_site.Cartn_x 
_atom_site.Cartn_y 
_atom_site.Cartn_z 
_atom_site.occupancy 
_atom_site.B_iso_or_equiv 
_atom_site.pdbx_formal_charge 
_atom_site.auth_seq_id 
_atom_site.auth_comp_id 
_atom_site.auth_asym_id 
_atom_site.auth_atom_id 
_atom_site.pdbx_PDB_model_num 
ATOM 1   N N   . PRO A 1 5   ? -17.12181 -8.32048  3.29591   1.000 110.02359 ? 1   PRO A N   1 
ATOM 2   C CA  . PRO A 1 5   ? -16.71791 -7.43500  2.19678   1.000 100.68404 ? 1   PRO A CA  1 
ATOM 3   C C   . PRO A 1 5   ? -15.35849 -7.81288  1.59724   1.000 100.72006 ? 1   PRO A C   1 
ATOM 4   O O   . PRO A 1 5   ? -14.48164 -8.29403  2.31799   1.000 108.36782 ? 1   PRO A O   1 
ATOM 5   C CB  . PRO A 1 5   ? -16.66100 -6.05817  2.86591   1.000 88.35816  ? 1   PRO A CB  1 
ATOM 6   C CG  . PRO A 1 5   ? -17.65866 -6.14532  3.97404   1.000 92.82258  ? 1   PRO A CG  1 
ATOM 7   C CD  . PRO A 1 5   ? -17.59732 -7.56770  4.47130   1.000 101.43843 ? 1   PRO A CD  1 
ATOM 8   N N   . LYS A 1 6   ? -15.19871 -7.59835  0.29202   1.000 86.50426  ? 2   LYS A N   1 
ATOM 9   C CA  . LYS A 1 6   ? -13.95227 -7.90487  -0.39804  1.000 86.18681  ? 2   LYS A CA  1 
ATOM 10  C C   . LYS A 1 6   ? -12.88088 -6.87791  -0.04113  1.000 79.00574  ? 2   LYS A C   1 
ATOM 11  O O   . LYS A 1 6   ? -13.17562 -5.72435  0.28277   1.000 74.43946  ? 2   LYS A O   1 
ATOM 12  C CB  . LYS A 1 6   ? -14.18524 -7.95044  -1.91686  1.000 84.03614  ? 2   LYS A CB  1 
ATOM 13  C CG  . LYS A 1 6   ? -13.03633 -7.44294  -2.80405  1.000 89.02629  ? 2   LYS A CG  1 
ATOM 14  C CD  . LYS A 1 6   ? -12.87009 -8.28053  -4.07596  1.000 85.55202  ? 2   LYS A CD  1 
ATOM 15  C CE  . LYS A 1 6   ? -11.89873 -7.62265  -5.05955  1.000 85.99200  ? 2   LYS A CE  1 
ATOM 16  N NZ  . LYS A 1 6   ? -11.23680 -8.59944  -5.97323  1.000 83.84688  ? 2   LYS A NZ  1 
ATOM 17  N N   . THR A 1 7   ? -11.62743 -7.31569  -0.07299  1.000 71.58152  ? 3   THR A N   1 
ATOM 18  C CA  . THR A 1 7   ? -10.49537 -6.44202  0.19307   1.000 72.34703  ? 3   THR A CA  1 
ATOM 19  C C   . THR A 1 7   ? -9.90057  -5.96308  -1.12595  1.000 58.47103  ? 3   THR A C   1 
ATOM 20  O O   . THR A 1 7   ? -9.67066  -6.76425  -2.03855  1.000 68.41331  ? 3   THR A O   1 
ATOM 21  C CB  . THR A 1 7   ? -9.44080  -7.16259  1.03809   1.000 63.93947  ? 3   THR A CB  1 
ATOM 22  O OG1 . THR A 1 7   ? -9.90340  -7.26133  2.39112   1.000 85.99149  ? 3   THR A OG1 1 
ATOM 23  C CG2 . THR A 1 7   ? -8.12081  -6.41261  1.02061   1.000 58.81597  ? 3   THR A CG2 1 
ATOM 24  N N   . VAL A 1 8   ? -9.68067  -4.65435  -1.22813  1.000 57.19677  ? 4   VAL A N   1 
ATOM 25  C CA  . VAL A 1 8   ? -8.96361  -4.03942  -2.34104  1.000 56.00351  ? 4   VAL A CA  1 
ATOM 26  C C   . VAL A 1 8   ? -7.60337  -3.58684  -1.82694  1.000 49.94300  ? 4   VAL A C   1 
ATOM 27  O O   . VAL A 1 8   ? -7.52056  -2.76917  -0.90119  1.000 60.03560  ? 4   VAL A O   1 
ATOM 28  C CB  . VAL A 1 8   ? -9.74501  -2.86060  -2.94177  1.000 55.05971  ? 4   VAL A CB  1 
ATOM 29  C CG1 . VAL A 1 8   ? -8.84084  -2.03047  -3.84461  1.000 54.98163  ? 4   VAL A CG1 1 
ATOM 30  C CG2 . VAL A 1 8   ? -10.94491 -3.37288  -3.72239  1.000 58.92839  ? 4   VAL A CG2 1 
ATOM 31  N N   . VAL A 1 9   ? -6.53775  -4.10946  -2.42515  1.000 46.86679  ? 5   VAL A N   1 
ATOM 32  C CA  . VAL A 1 9   ? -5.17516  -3.78256  -2.02229  1.000 48.81883  ? 5   VAL A CA  1 
ATOM 33  C C   . VAL A 1 9   ? -4.61749  -2.72605  -2.96703  1.000 48.92469  ? 5   VAL A C   1 
ATOM 34  O O   . VAL A 1 9   ? -4.74730  -2.83729  -4.19238  1.000 44.88412  ? 5   VAL A O   1 
ATOM 35  C CB  . VAL A 1 9   ? -4.28624  -5.03645  -1.99491  1.000 47.77689  ? 5   VAL A CB  1 
ATOM 36  C CG1 . VAL A 1 9   ? -2.87108  -4.67674  -1.56451  1.000 44.16806  ? 5   VAL A CG1 1 
ATOM 37  C CG2 . VAL A 1 9   ? -4.88345  -6.06898  -1.04448  1.000 51.98796  ? 5   VAL A CG2 1 
ATOM 38  N N   . VAL A 1 10  ? -4.01206  -1.69202  -2.39639  1.000 50.30499  ? 6   VAL A N   1 
ATOM 39  C CA  . VAL A 1 10  ? -3.43514  -0.59142  -3.15401  1.000 46.99994  ? 6   VAL A CA  1 
ATOM 40  C C   . VAL A 1 10  ? -1.92243  -0.65554  -2.99927  1.000 50.75511  ? 6   VAL A C   1 
ATOM 41  O O   . VAL A 1 10  ? -1.40533  -0.64277  -1.87342  1.000 40.10281  ? 6   VAL A O   1 
ATOM 42  C CB  . VAL A 1 10  ? -3.98108  0.76338   -2.68173  1.000 60.65841  ? 6   VAL A CB  1 
ATOM 43  C CG1 . VAL A 1 10  ? -3.30868  1.89189   -3.44714  1.000 54.19751  ? 6   VAL A CG1 1 
ATOM 44  C CG2 . VAL A 1 10  ? -5.49710  0.81005   -2.84280  1.000 55.44325  ? 6   VAL A CG2 1 
ATOM 45  N N   . ARG A 1 11  ? -1.21582  -0.71854  -4.12829  1.000 52.41418  ? 7   ARG A N   1 
ATOM 46  C CA  . ARG A 1 11  ? 0.24184   -0.76116  -4.15482  1.000 50.49277  ? 7   ARG A CA  1 
ATOM 47  C C   . ARG A 1 11  ? 0.77902   0.65100   -4.35582  1.000 59.11047  ? 7   ARG A C   1 
ATOM 48  O O   . ARG A 1 11  ? 0.43590   1.31666   -5.33911  1.000 57.40365  ? 7   ARG A O   1 
ATOM 49  C CB  . ARG A 1 11  ? 0.74159   -1.69399  -5.25948  1.000 47.80916  ? 7   ARG A CB  1 
ATOM 50  C CG  . ARG A 1 11  ? 2.18669   -2.17028  -5.09495  1.000 67.17627  ? 7   ARG A CG  1 
ATOM 51  C CD  . ARG A 1 11  ? 3.19146   -1.21163  -5.75344  1.000 84.88964  ? 7   ARG A CD  1 
ATOM 52  N NE  . ARG A 1 11  ? 4.53450   -1.77612  -5.84740  1.000 83.07323  ? 7   ARG A NE  1 
ATOM 53  C CZ  . ARG A 1 11  ? 4.86533   -2.83606  -6.57599  1.000 79.68088  ? 7   ARG A CZ  1 
ATOM 54  N NH1 . ARG A 1 11  ? 3.98063   -3.46024  -7.33986  1.000 72.68981  ? 7   ARG A NH1 1 
ATOM 55  N NH2 . ARG A 1 11  ? 6.11951   -3.27710  -6.54448  1.000 84.92703  ? 7   ARG A NH2 1 
ATOM 56  N N   . LEU A 1 12  ? 1.62454   1.09824   -3.43029  1.000 51.49786  ? 8   LEU A N   1 
ATOM 57  C CA  . LEU A 1 12  ? 2.19619   2.43645   -3.45870  1.000 54.64618  ? 8   LEU A CA  1 
ATOM 58  C C   . LEU A 1 12  ? 3.69822   2.33276   -3.66960  1.000 66.40459  ? 8   LEU A C   1 
ATOM 59  O O   . LEU A 1 12  ? 4.36786   1.52179   -3.02049  1.000 74.88427  ? 8   LEU A O   1 
ATOM 60  C CB  . LEU A 1 12  ? 1.88210   3.19435   -2.16758  1.000 57.41117  ? 8   LEU A CB  1 
ATOM 61  C CG  . LEU A 1 12  ? 0.39684   3.53053   -2.01700  1.000 65.35900  ? 8   LEU A CG  1 
ATOM 62  C CD1 . LEU A 1 12  ? 0.06523   3.88577   -0.58282  1.000 62.33219  ? 8   LEU A CD1 1 
ATOM 63  C CD2 . LEU A 1 12  ? 0.00172   4.65416   -2.96609  1.000 50.96251  ? 8   LEU A CD2 1 
ATOM 64  N N   . SER A 1 13  ? 4.22005   3.14886   -4.57731  1.000 72.06094  ? 9   SER A N   1 
ATOM 65  C CA  . SER A 1 13  ? 5.62433   3.09892   -4.95684  1.000 77.67948  ? 9   SER A CA  1 
ATOM 66  C C   . SER A 1 13  ? 6.39032   4.26661   -4.34560  1.000 77.99827  ? 9   SER A C   1 
ATOM 67  O O   . SER A 1 13  ? 5.83513   5.36350   -4.19768  1.000 74.33327  ? 9   SER A O   1 
ATOM 68  C CB  . SER A 1 13  ? 5.76623   3.13574   -6.48014  1.000 72.93507  ? 9   SER A CB  1 
ATOM 69  O OG  . SER A 1 13  ? 7.05921   3.56165   -6.86735  1.000 76.23270  ? 9   SER A OG  1 
ATOM 70  N N   . PRO A 1 14  ? 7.65781   4.06756   -3.96809  1.000 76.02184  ? 10  PRO A N   1 
ATOM 71  C CA  . PRO A 1 14  ? 8.44512   5.19304   -3.43246  1.000 69.28538  ? 10  PRO A CA  1 
ATOM 72  C C   . PRO A 1 14  ? 8.69000   6.30157   -4.44401  1.000 69.71350  ? 10  PRO A C   1 
ATOM 73  O O   . PRO A 1 14  ? 9.07901   7.40587   -4.04504  1.000 83.33090  ? 10  PRO A O   1 
ATOM 74  C CB  . PRO A 1 14  ? 9.75909   4.53061   -2.99023  1.000 55.65771  ? 10  PRO A CB  1 
ATOM 75  C CG  . PRO A 1 14  ? 9.82226   3.24962   -3.75608  1.000 68.55880  ? 10  PRO A CG  1 
ATOM 76  C CD  . PRO A 1 14  ? 8.40138   2.79719   -3.92233  1.000 68.84178  ? 10  PRO A CD  1 
ATOM 77  N N   . SER A 1 15  ? 8.47518   6.04676   -5.73658  1.000 66.06256  ? 11  SER A N   1 
ATOM 78  C CA  . SER A 1 15  ? 8.60638   7.08312   -6.75370  1.000 69.74636  ? 11  SER A CA  1 
ATOM 79  C C   . SER A 1 15  ? 7.37212   7.97132   -6.85327  1.000 72.94335  ? 11  SER A C   1 
ATOM 80  O O   . SER A 1 15  ? 7.45046   9.05513   -7.44242  1.000 79.05523  ? 11  SER A O   1 
ATOM 81  C CB  . SER A 1 15  ? 8.88329   6.44730   -8.11750  1.000 67.95433  ? 11  SER A CB  1 
ATOM 82  O OG  . SER A 1 15  ? 7.68418   5.96555   -8.70640  1.000 89.51476  ? 11  SER A OG  1 
ATOM 83  N N   . MET A 1 16  ? 6.23999   7.52781   -6.31141  1.000 81.13816  ? 12  MET A N   1 
ATOM 84  C CA  . MET A 1 16  ? 5.02990   8.33715   -6.30775  1.000 64.78159  ? 12  MET A CA  1 
ATOM 85  C C   . MET A 1 16  ? 5.26325   9.62981   -5.54337  1.000 68.60758  ? 12  MET A C   1 
ATOM 86  O O   . MET A 1 16  ? 5.88814   9.63602   -4.47895  1.000 72.19010  ? 12  MET A O   1 
ATOM 87  C CB  . MET A 1 16  ? 3.88966   7.56482   -5.65662  1.000 65.04516  ? 12  MET A CB  1 
ATOM 88  C CG  . MET A 1 16  ? 2.80372   7.14057   -6.58645  1.000 71.05818  ? 12  MET A CG  1 
ATOM 89  S SD  . MET A 1 16  ? 1.95645   5.77198   -5.80620  1.000 87.73841  ? 12  MET A SD  1 
ATOM 90  C CE  . MET A 1 16  ? 1.78952   4.65582   -7.19760  1.000 79.85415  ? 12  MET A CE  1 
ATOM 91  N N   . ASN A 1 17  ? 4.75337   10.72958  -6.08335  1.000 61.23267  ? 13  ASN A N   1 
ATOM 92  C CA  . ASN A 1 17  ? 4.87306   11.99701  -5.38904  1.000 62.85197  ? 13  ASN A CA  1 
ATOM 93  C C   . ASN A 1 17  ? 3.67479   12.19678  -4.46014  1.000 64.79541  ? 13  ASN A C   1 
ATOM 94  O O   . ASN A 1 17  ? 2.79985   11.33539  -4.31850  1.000 60.72815  ? 13  ASN A O   1 
ATOM 95  C CB  . ASN A 1 17  ? 5.05618   13.14895  -6.38816  1.000 51.35805  ? 13  ASN A CB  1 
ATOM 96  C CG  . ASN A 1 17  ? 3.80593   13.44369  -7.22288  1.000 72.33699  ? 13  ASN A CG  1 
ATOM 97  O OD1 . ASN A 1 17  ? 2.68784   13.06510  -6.87671  1.000 81.62491  ? 13  ASN A OD1 1 
ATOM 98  N ND2 . ASN A 1 17  ? 4.00657   14.13846  -8.33986  1.000 88.00634  ? 13  ASN A ND2 1 
ATOM 99  N N   . GLU A 1 18  ? 3.64386   13.36200  -3.81778  1.000 62.12988  ? 14  GLU A N   1 
ATOM 100 C CA  . GLU A 1 18  ? 2.58385   13.67412  -2.86814  1.000 56.79669  ? 14  GLU A CA  1 
ATOM 101 C C   . GLU A 1 18  ? 1.22487   13.73864  -3.55855  1.000 56.11649  ? 14  GLU A C   1 
ATOM 102 O O   . GLU A 1 18  ? 0.21719   13.26275  -3.01982  1.000 55.70551  ? 14  GLU A O   1 
ATOM 103 C CB  . GLU A 1 18  ? 2.93229   14.99235  -2.17672  1.000 74.16170  ? 14  GLU A CB  1 
ATOM 104 C CG  . GLU A 1 18  ? 1.78885   15.74643  -1.55859  1.000 79.06642  ? 14  GLU A CG  1 
ATOM 105 C CD  . GLU A 1 18  ? 1.38293   15.16562  -0.22933  1.000 88.44903  ? 14  GLU A CD  1 
ATOM 106 O OE1 . GLU A 1 18  ? 2.20428   14.45292  0.38930   1.000 86.40003  ? 14  GLU A OE1 1 
ATOM 107 O OE2 . GLU A 1 18  ? 0.25034   15.44283  0.20507   1.000 100.67339 ? 14  GLU A OE2 1 
ATOM 108 N N   . GLU A 1 19  ? 1.18921   14.29392  -4.77098  0.970 54.62143  ? 15  GLU A N   1 
ATOM 109 C CA  . GLU A 1 19  ? -0.05815  14.43224  -5.51391  0.970 49.39859  ? 15  GLU A CA  1 
ATOM 110 C C   . GLU A 1 19  ? -0.56775  13.09155  -6.03433  0.970 51.50501  ? 15  GLU A C   1 
ATOM 111 O O   . GLU A 1 19  ? -1.78251  12.85502  -6.06082  0.970 52.45747  ? 15  GLU A O   1 
ATOM 112 C CB  . GLU A 1 19  ? 0.15024   15.39471  -6.67844  0.970 71.63283  ? 15  GLU A CB  1 
ATOM 113 C CG  . GLU A 1 19  ? -1.05584  16.22918  -7.04505  0.970 80.71124  ? 15  GLU A CG  1 
ATOM 114 C CD  . GLU A 1 19  ? -1.05686  16.55183  -8.52056  0.970 99.83660  ? 15  GLU A CD  1 
ATOM 115 O OE1 . GLU A 1 19  ? -1.77622  17.47919  -8.94163  0.970 94.31776  ? 15  GLU A OE1 1 
ATOM 116 O OE2 . GLU A 1 19  ? -0.33404  15.85716  -9.26705  0.970 123.08776 ? 15  GLU A OE2 1 
ATOM 117 N N   . GLN A 1 20  ? 0.33554   12.21787  -6.49170  1.000 46.76437  ? 16  GLN A N   1 
ATOM 118 C CA  . GLN A 1 20  ? -0.09560  10.93104  -7.03343  1.000 54.97165  ? 16  GLN A CA  1 
ATOM 119 C C   . GLN A 1 20  ? -0.64236  10.03086  -5.93766  1.000 64.05496  ? 16  GLN A C   1 
ATOM 120 O O   . GLN A 1 20  ? -1.65078  9.34227   -6.13633  1.000 59.91240  ? 16  GLN A O   1 
ATOM 121 C CB  . GLN A 1 20  ? 1.05964   10.22853  -7.74329  1.000 58.72883  ? 16  GLN A CB  1 
ATOM 122 C CG  . GLN A 1 20  ? 1.64203   10.96863  -8.93125  1.000 67.16290  ? 16  GLN A CG  1 
ATOM 123 C CD  . GLN A 1 20  ? 2.98919   10.40605  -9.33579  1.000 80.06964  ? 16  GLN A CD  1 
ATOM 124 O OE1 . GLN A 1 20  ? 4.02895   10.80594  -8.80543  1.000 63.17748  ? 16  GLN A OE1 1 
ATOM 125 N NE2 . GLN A 1 20  ? 2.97898   9.46884   -10.27870 1.000 75.90311  ? 16  GLN A NE2 1 
ATOM 126 N N   . ALA A 1 21  ? 0.01877   10.01562  -4.77825  1.000 46.21407  ? 17  ALA A N   1 
ATOM 127 C CA  . ALA A 1 21  ? -0.44263  9.18395   -3.67494  1.000 48.25750  ? 17  ALA A CA  1 
ATOM 128 C C   . ALA A 1 21  ? -1.80812  9.64161   -3.17811  1.000 46.03225  ? 17  ALA A C   1 
ATOM 129 O O   . ALA A 1 21  ? -2.67142  8.81221   -2.86855  1.000 44.36843  ? 17  ALA A O   1 
ATOM 130 C CB  . ALA A 1 21  ? 0.58531   9.20247   -2.54701  1.000 49.36698  ? 17  ALA A CB  1 
ATOM 131 N N   . ALA A 1 22  ? -2.03067  10.95770  -3.11904  1.000 49.69917  ? 18  ALA A N   1 
ATOM 132 C CA  . ALA A 1 22  ? -3.32971  11.47247  -2.69405  1.000 42.47127  ? 18  ALA A CA  1 
ATOM 133 C C   . ALA A 1 22  ? -4.42209  11.11780  -3.69571  1.000 61.33411  ? 18  ALA A C   1 
ATOM 134 O O   . ALA A 1 22  ? -5.51813  10.69714  -3.30364  1.000 62.00810  ? 18  ALA A O   1 
ATOM 135 C CB  . ALA A 1 22  ? -3.25186  12.98586  -2.49624  1.000 46.30104  ? 18  ALA A CB  1 
ATOM 136 N N   . GLU A 1 23  ? -4.13919  11.28117  -4.99240  1.000 50.30095  ? 19  GLU A N   1 
ATOM 137 C CA  . GLU A 1 23  ? -5.11337  10.94110  -6.02697  1.000 58.03582  ? 19  GLU A CA  1 
ATOM 138 C C   . GLU A 1 23  ? -5.50392  9.47177   -5.95591  1.000 56.38479  ? 19  GLU A C   1 
ATOM 139 O O   . GLU A 1 23  ? -6.69264  9.12591   -5.98884  1.000 48.31825  ? 19  GLU A O   1 
ATOM 140 C CB  . GLU A 1 23  ? -4.53519  11.26513  -7.40107  1.000 77.21752  ? 19  GLU A CB  1 
ATOM 141 C CG  . GLU A 1 23  ? -5.16633  12.44515  -8.09244  1.000 88.43397  ? 19  GLU A CG  1 
ATOM 142 C CD  . GLU A 1 23  ? -4.20780  13.10421  -9.05871  1.000 120.73639 ? 19  GLU A CD  1 
ATOM 143 O OE1 . GLU A 1 23  ? -3.09206  12.57154  -9.24374  1.000 115.14462 ? 19  GLU A OE1 1 
ATOM 144 O OE2 . GLU A 1 23  ? -4.56024  14.15953  -9.62223  1.000 142.21450 ? 19  GLU A OE2 1 
ATOM 145 N N   . ILE A 1 24  ? -4.50597  8.58932   -5.86818  1.000 50.44681  ? 20  ILE A N   1 
ATOM 146 C CA  . ILE A 1 24  ? -4.76750  7.15541   -5.79923  1.000 43.98370  ? 20  ILE A CA  1 
ATOM 147 C C   . ILE A 1 24  ? -5.60952  6.82220   -4.57420  1.000 56.67858  ? 20  ILE A C   1 
ATOM 148 O O   . ILE A 1 24  ? -6.56651  6.04040   -4.65664  1.000 49.72378  ? 20  ILE A O   1 
ATOM 149 C CB  . ILE A 1 24  ? -3.43514  6.38123   -5.81424  1.000 57.37716  ? 20  ILE A CB  1 
ATOM 150 C CG1 . ILE A 1 24  ? -2.98374  6.12526   -7.25480  1.000 49.38454  ? 20  ILE A CG1 1 
ATOM 151 C CG2 . ILE A 1 24  ? -3.55381  5.07468   -5.05256  1.000 53.33490  ? 20  ILE A CG2 1 
ATOM 152 C CD1 . ILE A 1 24  ? -1.48378  6.07538   -7.41374  1.000 63.03101  ? 20  ILE A CD1 1 
ATOM 153 N N   . GLY A 1 25  ? -5.28041  7.41836   -3.42161  1.000 47.73229  ? 21  GLY A N   1 
ATOM 154 C CA  . GLY A 1 25  ? -6.07041  7.18274   -2.22277  1.000 47.97241  ? 21  GLY A CA  1 
ATOM 155 C C   . GLY A 1 25  ? -7.51924  7.61405   -2.37647  1.000 54.60140  ? 21  GLY A C   1 
ATOM 156 O O   . GLY A 1 25  ? -8.44346  6.83526   -2.12096  1.000 46.20137  ? 21  GLY A O   1 
ATOM 157 N N   . ARG A 1 26  ? -7.73273  8.86416   -2.80195  1.000 45.25897  ? 22  ARG A N   1 
ATOM 158 C CA  . ARG A 1 26  ? -9.08869  9.38056   -2.97162  1.000 49.18272  ? 22  ARG A CA  1 
ATOM 159 C C   . ARG A 1 26  ? -9.91085  8.49161   -3.89844  1.000 62.94685  ? 22  ARG A C   1 
ATOM 160 O O   . ARG A 1 26  ? -11.05971 8.14606   -3.59281  1.000 51.38484  ? 22  ARG A O   1 
ATOM 161 C CB  . ARG A 1 26  ? -9.03514  10.80881  -3.51457  1.000 59.88414  ? 22  ARG A CB  1 
ATOM 162 C CG  . ARG A 1 26  ? -10.36455 11.29895  -4.07077  1.000 62.52489  ? 22  ARG A CG  1 
ATOM 163 C CD  . ARG A 1 26  ? -10.39165 12.81380  -4.17225  1.000 85.88225  ? 22  ARG A CD  1 
ATOM 164 N NE  . ARG A 1 26  ? -11.73403 13.35988  -4.00698  1.000 103.98481 ? 22  ARG A NE  1 
ATOM 165 C CZ  . ARG A 1 26  ? -12.32502 13.55387  -2.83465  1.000 94.81159  ? 22  ARG A CZ  1 
ATOM 166 N NH1 . ARG A 1 26  ? -11.72565 13.24112  -1.69655  1.000 80.21141  ? 22  ARG A NH1 1 
ATOM 167 N NH2 . ARG A 1 26  ? -13.54810 14.07539  -2.80270  1.000 86.97959  ? 22  ARG A NH2 1 
ATOM 168 N N   . GLU A 1 27  ? -9.33650  8.11343   -5.04301  1.000 50.82146  ? 23  GLU A N   1 
ATOM 169 C CA  . GLU A 1 27  ? -10.06200 7.27215   -5.98864  1.000 47.53532  ? 23  GLU A CA  1 
ATOM 170 C C   . GLU A 1 27  ? -10.30811 5.87959   -5.42356  1.000 54.83063  ? 23  GLU A C   1 
ATOM 171 O O   . GLU A 1 27  ? -11.40414 5.32743   -5.57823  1.000 56.42490  ? 23  GLU A O   1 
ATOM 172 C CB  . GLU A 1 27  ? -9.29598  7.18286   -7.30448  1.000 55.17113  ? 23  GLU A CB  1 
ATOM 173 C CG  . GLU A 1 27  ? -9.57656  8.32312   -8.26353  1.000 75.71360  ? 23  GLU A CG  1 
ATOM 174 C CD  . GLU A 1 27  ? -8.61867  8.32932   -9.43517  1.000 103.51736 ? 23  GLU A CD  1 
ATOM 175 O OE1 . GLU A 1 27  ? -7.39768  8.18997   -9.20377  1.000 99.09831  ? 23  GLU A OE1 1 
ATOM 176 O OE2 . GLU A 1 27  ? -9.08649  8.46123   -10.58642 1.000 114.98309 ? 23  GLU A OE2 1 
ATOM 177 N N   . ALA A 1 28  ? -9.30092  5.29055   -4.77546  1.000 49.59033  ? 24  ALA A N   1 
ATOM 178 C CA  . ALA A 1 28  ? -9.49140  3.97807   -4.16766  1.000 51.58128  ? 24  ALA A CA  1 
ATOM 179 C C   . ALA A 1 28  ? -10.54291 4.03196   -3.06817  1.000 58.21576  ? 24  ALA A C   1 
ATOM 180 O O   . ALA A 1 28  ? -11.36119 3.11252   -2.93530  1.000 53.48463  ? 24  ALA A O   1 
ATOM 181 C CB  . ALA A 1 28  ? -8.16498  3.45121   -3.61885  1.000 64.61059  ? 24  ALA A CB  1 
ATOM 182 N N   . GLY A 1 29  ? -10.53575 5.10420   -2.27052  1.000 47.05572  ? 25  GLY A N   1 
ATOM 183 C CA  . GLY A 1 29  ? -11.54938 5.25365   -1.23988  1.000 52.01503  ? 25  GLY A CA  1 
ATOM 184 C C   . GLY A 1 29  ? -12.94104 5.43248   -1.81511  1.000 61.15573  ? 25  GLY A C   1 
ATOM 185 O O   . GLY A 1 29  ? -13.90552 4.83881   -1.32225  1.000 57.25243  ? 25  GLY A O   1 
ATOM 186 N N   . LYS A 1 30  ? -13.06457 6.24816   -2.86802  1.000 56.08154  ? 26  LYS A N   1 
ATOM 187 C CA  . LYS A 1 30  ? -14.35774 6.41446   -3.52379  1.000 61.02745  ? 26  LYS A CA  1 
ATOM 188 C C   . LYS A 1 30  ? -14.81438 5.11440   -4.17939  1.000 60.70045  ? 26  LYS A C   1 
ATOM 189 O O   . LYS A 1 30  ? -16.00384 4.77739   -4.14220  1.000 59.30749  ? 26  LYS A O   1 
ATOM 190 C CB  . LYS A 1 30  ? -14.28539 7.54702   -4.55094  1.000 46.67086  ? 26  LYS A CB  1 
ATOM 191 C CG  . LYS A 1 30  ? -14.48046 8.93179   -3.95353  1.000 55.85389  ? 26  LYS A CG  1 
ATOM 192 C CD  . LYS A 1 30  ? -13.92844 10.02615  -4.86242  1.000 84.30447  ? 26  LYS A CD  1 
ATOM 193 C CE  . LYS A 1 30  ? -14.99868 10.55066  -5.82280  1.000 104.46138 ? 26  LYS A CE  1 
ATOM 194 N NZ  . LYS A 1 30  ? -14.53804 11.71959  -6.63230  1.000 91.57061  ? 26  LYS A NZ  1 
ATOM 195 N N   . ALA A 1 31  ? -13.88239 4.36286   -4.77445  1.000 52.48195  ? 27  ALA A N   1 
ATOM 196 C CA  . ALA A 1 31  ? -14.25228 3.10327   -5.41502  1.000 51.71294  ? 27  ALA A CA  1 
ATOM 197 C C   . ALA A 1 31  ? -14.62867 2.04494   -4.38605  1.000 64.07809  ? 27  ALA A C   1 
ATOM 198 O O   . ALA A 1 31  ? -15.54551 1.24719   -4.61790  1.000 61.65909  ? 27  ALA A O   1 
ATOM 199 C CB  . ALA A 1 31  ? -13.11031 2.60655   -6.29993  1.000 50.59679  ? 27  ALA A CB  1 
ATOM 200 N N   . ALA A 1 32  ? -13.92739 2.01734   -3.24671  1.000 65.88745  ? 28  ALA A N   1 
ATOM 201 C CA  . ALA A 1 32  ? -14.23808 1.04093   -2.20650  1.000 56.21395  ? 28  ALA A CA  1 
ATOM 202 C C   . ALA A 1 32  ? -15.60692 1.30345   -1.59886  1.000 60.01909  ? 28  ALA A C   1 
ATOM 203 O O   . ALA A 1 32  ? -16.34098 0.36324   -1.27516  1.000 65.03319  ? 28  ALA A O   1 
ATOM 204 C CB  . ALA A 1 32  ? -13.16317 1.05853   -1.12112  1.000 54.22880  ? 28  ALA A CB  1 
ATOM 205 N N   . LEU A 1 33  ? -15.96706 2.57543   -1.43732  1.000 63.63184  ? 29  LEU A N   1 
ATOM 206 C CA  . LEU A 1 33  ? -17.27505 2.90554   -0.88794  1.000 63.36029  ? 29  LEU A CA  1 
ATOM 207 C C   . LEU A 1 33  ? -18.39783 2.47060   -1.82031  1.000 76.73071  ? 29  LEU A C   1 
ATOM 208 O O   . LEU A 1 33  ? -19.45338 2.02943   -1.35173  1.000 85.05620  ? 29  LEU A O   1 
ATOM 209 C CB  . LEU A 1 33  ? -17.35301 4.40594   -0.61762  1.000 64.40137  ? 29  LEU A CB  1 
ATOM 210 C CG  . LEU A 1 33  ? -17.00089 4.82550   0.80706   1.000 65.29841  ? 29  LEU A CG  1 
ATOM 211 C CD1 . LEU A 1 33  ? -17.16748 6.32284   0.96473   1.000 68.66945  ? 29  LEU A CD1 1 
ATOM 212 C CD2 . LEU A 1 33  ? -17.85902 4.07404   1.81122   1.000 72.05325  ? 29  LEU A CD2 1 
ATOM 213 N N   . ALA A 1 34  ? -18.18506 2.57310   -3.13600  1.000 66.52399  ? 30  ALA A N   1 
ATOM 214 C CA  . ALA A 1 34  ? -19.22752 2.20332   -4.08810  1.000 68.73356  ? 30  ALA A CA  1 
ATOM 215 C C   . ALA A 1 34  ? -19.51140 0.70515   -4.05410  1.000 72.35653  ? 30  ALA A C   1 
ATOM 216 O O   . ALA A 1 34  ? -20.67519 0.28947   -4.09037  1.000 82.47052  ? 30  ALA A O   1 
ATOM 217 C CB  . ALA A 1 34  ? -18.83145 2.64426   -5.49692  1.000 53.56432  ? 30  ALA A CB  1 
ATOM 218 N N   . ALA A 1 35  ? -18.46624 -0.12088  -3.98290  1.000 75.33760  ? 31  ALA A N   1 
ATOM 219 C CA  . ALA A 1 35  ? -18.62980 -1.56864  -3.94978  1.000 66.16585  ? 31  ALA A CA  1 
ATOM 220 C C   . ALA A 1 35  ? -18.85450 -2.11426  -2.54862  1.000 62.11701  ? 31  ALA A C   1 
ATOM 221 O O   . ALA A 1 35  ? -19.22503 -3.28493  -2.41065  1.000 74.57578  ? 31  ALA A O   1 
ATOM 222 C CB  . ALA A 1 35  ? -17.40675 -2.25824  -4.56146  1.000 58.01466  ? 31  ALA A CB  1 
ATOM 223 N N   . GLY A 1 36  ? -18.64804 -1.30177  -1.51574  1.000 62.23633  ? 32  GLY A N   1 
ATOM 224 C CA  . GLY A 1 36  ? -18.68242 -1.78836  -0.15152  1.000 68.87903  ? 32  GLY A CA  1 
ATOM 225 C C   . GLY A 1 36  ? -17.51752 -2.70595  0.17255   1.000 75.12101  ? 32  GLY A C   1 
ATOM 226 O O   . GLY A 1 36  ? -17.71000 -3.77276  0.76500   1.000 71.35909  ? 32  GLY A O   1 
ATOM 227 N N   . ASP A 1 37  ? -16.30526 -2.30330  -0.20646  1.000 70.62628  ? 33  ASP A N   1 
ATOM 228 C CA  . ASP A 1 37  ? -15.10237 -3.10549  -0.02559  1.000 74.83474  ? 33  ASP A CA  1 
ATOM 229 C C   . ASP A 1 37  ? -14.17107 -2.47899  1.00786   1.000 72.28246  ? 33  ASP A C   1 
ATOM 230 O O   . ASP A 1 37  ? -14.32705 -1.32475  1.41654   1.000 60.36115  ? 33  ASP A O   1 
ATOM 231 C CB  . ASP A 1 37  ? -14.36134 -3.29023  -1.35737  1.000 65.81932  ? 33  ASP A CB  1 
ATOM 232 C CG  . ASP A 1 37  ? -15.11610 -4.17361  -2.32900  1.000 78.74471  ? 33  ASP A CG  1 
ATOM 233 O OD1 . ASP A 1 37  ? -14.92658 -4.01592  -3.55509  1.000 84.56383  ? 33  ASP A OD1 1 
ATOM 234 O OD2 . ASP A 1 37  ? -15.89388 -5.03399  -1.86316  1.000 89.16852  ? 33  ASP A OD2 1 
ATOM 235 N N   . ARG A 1 38  ? -13.18829 -3.27309  1.42498   1.000 64.99537  ? 34  ARG A N   1 
ATOM 236 C CA  . ARG A 1 38  ? -12.17257 -2.86550  2.38265   1.000 54.13070  ? 34  ARG A CA  1 
ATOM 237 C C   . ARG A 1 38  ? -10.89708 -2.48530  1.64410   1.000 52.58459  ? 34  ARG A C   1 
ATOM 238 O O   . ARG A 1 38  ? -10.63725 -2.95472  0.53416   1.000 63.69573  ? 34  ARG A O   1 
ATOM 239 C CB  . ARG A 1 38  ? -11.89075 -3.98873  3.38310   1.000 49.10967  ? 34  ARG A CB  1 
ATOM 240 C CG  . ARG A 1 38  ? -13.15693 -4.62852  3.94199   1.000 66.40080  ? 34  ARG A CG  1 
ATOM 241 C CD  . ARG A 1 38  ? -13.08306 -4.80772  5.43975   1.000 79.87470  ? 34  ARG A CD  1 
ATOM 242 N NE  . ARG A 1 38  ? -14.39948 -4.77811  6.06901   1.000 98.87116  ? 34  ARG A NE  1 
ATOM 243 C CZ  . ARG A 1 38  ? -14.97374 -5.81411  6.66623   1.000 85.58477  ? 34  ARG A CZ  1 
ATOM 244 N NH1 . ARG A 1 38  ? -14.36812 -6.98811  6.74793   1.000 78.29456  ? 34  ARG A NH1 1 
ATOM 245 N NH2 . ARG A 1 38  ? -16.18405 -5.66697  7.19894   1.000 78.50025  ? 34  ARG A NH2 1 
ATOM 246 N N   . LEU A 1 39  ? -10.09968 -1.63017  2.27321   1.000 54.26199  ? 35  LEU A N   1 
ATOM 247 C CA  . LEU A 1 39  ? -8.94682  -1.01646  1.62947   1.000 54.46836  ? 35  LEU A CA  1 
ATOM 248 C C   . LEU A 1 39  ? -7.69206  -1.30703  2.43605   1.000 51.54134  ? 35  LEU A C   1 
ATOM 249 O O   . LEU A 1 39  ? -7.59372  -0.91964  3.60545   1.000 51.10132  ? 35  LEU A O   1 
ATOM 250 C CB  . LEU A 1 39  ? -9.15993  0.48901   1.46987   1.000 59.11217  ? 35  LEU A CB  1 
ATOM 251 C CG  . LEU A 1 39  ? -8.77229  1.05579   0.10876   1.000 59.90859  ? 35  LEU A CG  1 
ATOM 252 C CD1 . LEU A 1 39  ? -9.63100  0.43647   -0.97629  1.000 59.77182  ? 35  LEU A CD1 1 
ATOM 253 C CD2 . LEU A 1 39  ? -8.96815  2.55466   0.12334   1.000 51.68820  ? 35  LEU A CD2 1 
ATOM 254 N N   . VAL A 1 40  ? -6.73703  -1.98260  1.80542   1.000 61.02045  ? 36  VAL A N   1 
ATOM 255 C CA  . VAL A 1 40  ? -5.44375  -2.29761  2.39549   1.000 37.63083  ? 36  VAL A CA  1 
ATOM 256 C C   . VAL A 1 40  ? -4.37095  -1.65547  1.52067   1.000 47.40182  ? 36  VAL A C   1 
ATOM 257 O O   . VAL A 1 40  ? -4.41214  -1.77914  0.29057   1.000 59.94898  ? 36  VAL A O   1 
ATOM 258 C CB  . VAL A 1 40  ? -5.23592  -3.82222  2.50598   1.000 44.70701  ? 36  VAL A CB  1 
ATOM 259 C CG1 . VAL A 1 40  ? -3.78864  -4.15558  2.87070   1.000 46.40279  ? 36  VAL A CG1 1 
ATOM 260 C CG2 . VAL A 1 40  ? -6.22589  -4.44003  3.49506   1.000 37.73489  ? 36  VAL A CG2 1 
ATOM 261 N N   . PHE A 1 41  ? -3.42475  -0.96152  2.14347   1.000 53.44459  ? 37  PHE A N   1 
ATOM 262 C CA  . PHE A 1 41  ? -2.34305  -0.29531  1.43150   1.000 43.88476  ? 37  PHE A CA  1 
ATOM 263 C C   . PHE A 1 41  ? -1.02726  -0.99407  1.73243   1.000 51.61692  ? 37  PHE A C   1 
ATOM 264 O O   . PHE A 1 41  ? -0.74958  -1.34510  2.88463   1.000 56.23537  ? 37  PHE A O   1 
ATOM 265 C CB  . PHE A 1 41  ? -2.22007  1.18269   1.82340   1.000 44.21705  ? 37  PHE A CB  1 
ATOM 266 C CG  . PHE A 1 41  ? -3.38460  2.02239   1.40758   1.000 49.19765  ? 37  PHE A CG  1 
ATOM 267 C CD1 . PHE A 1 41  ? -3.19785  3.12118   0.59660   1.000 78.45930  ? 37  PHE A CD1 1 
ATOM 268 C CD2 . PHE A 1 41  ? -4.66635  1.72814   1.84318   1.000 70.79248  ? 37  PHE A CD2 1 
ATOM 269 C CE1 . PHE A 1 41  ? -4.27703  3.90033   0.20756   1.000 82.13650  ? 37  PHE A CE1 1 
ATOM 270 C CE2 . PHE A 1 41  ? -5.73592  2.49764   1.46513   1.000 72.85877  ? 37  PHE A CE2 1 
ATOM 271 C CZ  . PHE A 1 41  ? -5.54485  3.58779   0.64792   1.000 73.09250  ? 37  PHE A CZ  1 
ATOM 272 N N   . VAL A 1 42  ? -0.21990  -1.19123  0.69421   1.000 46.55195  ? 38  VAL A N   1 
ATOM 273 C CA  . VAL A 1 42  ? 1.13303   -1.71140  0.83877   1.000 42.57514  ? 38  VAL A CA  1 
ATOM 274 C C   . VAL A 1 42  ? 2.06899   -0.75116  0.11785   1.000 45.65353  ? 38  VAL A C   1 
ATOM 275 O O   . VAL A 1 42  ? 1.88011   -0.47794  -1.07234  1.000 66.39887  ? 38  VAL A O   1 
ATOM 276 C CB  . VAL A 1 42  ? 1.27509   -3.13553  0.27765   1.000 45.74276  ? 38  VAL A CB  1 
ATOM 277 C CG1 . VAL A 1 42  ? 2.67140   -3.67851  0.58063   1.000 29.65736  ? 38  VAL A CG1 1 
ATOM 278 C CG2 . VAL A 1 42  ? 0.20850   -4.04975  0.86047   1.000 39.29539  ? 38  VAL A CG2 1 
ATOM 279 N N   . GLY A 1 43  ? 3.06176   -0.22778  0.83835   1.000 49.67371  ? 39  GLY A N   1 
ATOM 280 C CA  . GLY A 1 43  ? 4.01746   0.68635   0.25679   1.000 63.15879  ? 39  GLY A CA  1 
ATOM 281 C C   . GLY A 1 43  ? 4.90907   1.36659   1.27717   1.000 59.80645  ? 39  GLY A C   1 
ATOM 282 O O   . GLY A 1 43  ? 5.01112   0.94377   2.43385   1.000 53.92284  ? 39  GLY A O   1 
ATOM 283 N N   . PRO A 1 44  ? 5.57711   2.45123   0.86006   1.000 68.29661  ? 40  PRO A N   1 
ATOM 284 C CA  . PRO A 1 44  ? 6.46784   3.17205   1.78086   1.000 55.25300  ? 40  PRO A CA  1 
ATOM 285 C C   . PRO A 1 44  ? 5.71506   3.90835   2.87487   1.000 58.35487  ? 40  PRO A C   1 
ATOM 286 O O   . PRO A 1 44  ? 4.48244   3.90211   2.92103   1.000 69.64041  ? 40  PRO A O   1 
ATOM 287 C CB  . PRO A 1 44  ? 7.20594   4.15918   0.86455   1.000 57.23308  ? 40  PRO A CB  1 
ATOM 288 C CG  . PRO A 1 44  ? 6.94778   3.67520   -0.53458  1.000 66.74393  ? 40  PRO A CG  1 
ATOM 289 C CD  . PRO A 1 44  ? 5.60412   3.03044   -0.49126  1.000 57.65725  ? 40  PRO A CD  1 
ATOM 290 N N   . ALA A 1 45  ? 6.46696   4.56716   3.75389   1.000 78.06474  ? 41  ALA A N   1 
ATOM 291 C CA  . ALA A 1 45  ? 5.86679   5.25999   4.88687   1.000 59.65819  ? 41  ALA A CA  1 
ATOM 292 C C   . ALA A 1 45  ? 5.13898   6.52787   4.44749   1.000 71.62398  ? 41  ALA A C   1 
ATOM 293 O O   . ALA A 1 45  ? 3.95158   6.70945   4.74624   1.000 58.35175  ? 41  ALA A O   1 
ATOM 294 C CB  . ALA A 1 45  ? 6.95350   5.58990   5.90919   1.000 77.65996  ? 41  ALA A CB  1 
ATOM 295 N N   . ASP A 1 46  ? 5.84126   7.41784   3.73406   1.000 73.49698  ? 42  ASP A N   1 
ATOM 296 C CA  . ASP A 1 46  ? 5.30821   8.74658   3.43792   1.000 65.39280  ? 42  ASP A CA  1 
ATOM 297 C C   . ASP A 1 46  ? 4.12765   8.67854   2.47918   1.000 71.03375  ? 42  ASP A C   1 
ATOM 298 O O   . ASP A 1 46  ? 3.08183   9.29381   2.72278   1.000 62.19242  ? 42  ASP A O   1 
ATOM 299 C CB  . ASP A 1 46  ? 6.40502   9.63625   2.85261   1.000 79.38852  ? 42  ASP A CB  1 
ATOM 300 C CG  . ASP A 1 46  ? 7.17994   10.38381  3.91633   1.000 109.65262 ? 42  ASP A CG  1 
ATOM 301 O OD1 . ASP A 1 46  ? 7.13199   9.96591   5.09268   1.000 108.56478 ? 42  ASP A OD1 1 
ATOM 302 O OD2 . ASP A 1 46  ? 7.82884   11.39652  3.57439   1.000 111.69650 ? 42  ASP A OD2 1 
ATOM 303 N N   . GLN A 1 47  ? 4.28915   7.95552   1.36778   1.000 65.71633  ? 43  GLN A N   1 
ATOM 304 C CA  . GLN A 1 47  ? 3.22542   7.87169   0.37370   1.000 64.02176  ? 43  GLN A CA  1 
ATOM 305 C C   . GLN A 1 47  ? 1.96514   7.24794   0.95524   1.000 59.45127  ? 43  GLN A C   1 
ATOM 306 O O   . GLN A 1 47  ? 0.85283   7.64386   0.59289   1.000 63.94292  ? 43  GLN A O   1 
ATOM 307 C CB  . GLN A 1 47  ? 3.71175   7.07587   -0.83946  1.000 58.74509  ? 43  GLN A CB  1 
ATOM 308 C CG  . GLN A 1 47  ? 4.73540   7.82245   -1.67506  1.000 69.10644  ? 43  GLN A CG  1 
ATOM 309 C CD  . GLN A 1 47  ? 6.14079   7.72361   -1.09958  1.000 74.27784  ? 43  GLN A CD  1 
ATOM 310 O OE1 . GLN A 1 47  ? 6.34691   7.16944   -0.01635  1.000 75.25328  ? 43  GLN A OE1 1 
ATOM 311 N NE2 . GLN A 1 47  ? 7.11015   8.28996   -1.80853  1.000 66.30739  ? 43  GLN A NE2 1 
ATOM 312 N N   . SER A 1 48  ? 2.11557   6.29114   1.87050   1.000 60.43621  ? 44  SER A N   1 
ATOM 313 C CA  . SER A 1 48  ? 0.95731   5.61187   2.43422   1.000 64.37883  ? 44  SER A CA  1 
ATOM 314 C C   . SER A 1 48  ? 0.18171   6.48805   3.41364   1.000 61.51011  ? 44  SER A C   1 
ATOM 315 O O   . SER A 1 48  ? -1.01144  6.25274   3.62349   1.000 58.73070  ? 44  SER A O   1 
ATOM 316 C CB  . SER A 1 48  ? 1.40318   4.31716   3.10729   1.000 59.76865  ? 44  SER A CB  1 
ATOM 317 O OG  . SER A 1 48  ? 1.94826   3.42376   2.14961   1.000 71.69888  ? 44  SER A OG  1 
ATOM 318 N N   . TYR A 1 49  ? 0.81953   7.48990   4.02095   1.000 58.93778  ? 45  TYR A N   1 
ATOM 319 C CA  . TYR A 1 49  ? 0.06573   8.46270   4.80861   1.000 61.70703  ? 45  TYR A CA  1 
ATOM 320 C C   . TYR A 1 49  ? -0.87954  9.26894   3.92652   1.000 60.98374  ? 45  TYR A C   1 
ATOM 321 O O   . TYR A 1 49  ? -2.09651  9.28838   4.15284   1.000 64.93929  ? 45  TYR A O   1 
ATOM 322 C CB  . TYR A 1 49  ? 1.00236   9.42044   5.53949   1.000 66.89966  ? 45  TYR A CB  1 
ATOM 323 C CG  . TYR A 1 49  ? 0.30350   10.17918  6.64313   1.000 71.43130  ? 45  TYR A CG  1 
ATOM 324 C CD1 . TYR A 1 49  ? -0.78738  9.62689   7.30791   1.000 70.12637  ? 45  TYR A CD1 1 
ATOM 325 C CD2 . TYR A 1 49  ? 0.63368   11.50498  6.91632   1.000 78.24749  ? 45  TYR A CD2 1 
ATOM 326 C CE1 . TYR A 1 49  ? -1.45910  10.33379  8.29279   1.000 75.03566  ? 45  TYR A CE1 1 
ATOM 327 C CE2 . TYR A 1 49  ? -0.04044  12.22326  7.88846   1.000 90.50608  ? 45  TYR A CE2 1 
ATOM 328 C CZ  . TYR A 1 49  ? -1.08794  11.63158  8.57188   1.000 93.01920  ? 45  TYR A CZ  1 
ATOM 329 O OH  . TYR A 1 49  ? -1.76120  12.34595  9.53959   1.000 102.63488 ? 45  TYR A OH  1 
ATOM 330 N N   . ALA A 1 50  ? -0.32354  9.95037   2.91458   1.000 64.30081  ? 46  ALA A N   1 
ATOM 331 C CA  . ALA A 1 50  ? -1.12381  10.79130  2.02493   1.000 60.43125  ? 46  ALA A CA  1 
ATOM 332 C C   . ALA A 1 50  ? -2.25104  10.00462  1.37285   1.000 56.28303  ? 46  ALA A C   1 
ATOM 333 O O   . ALA A 1 50  ? -3.38007  10.49854  1.25834   1.000 52.65162  ? 46  ALA A O   1 
ATOM 334 C CB  . ALA A 1 50  ? -0.23394  11.41114  0.95183   1.000 45.39939  ? 46  ALA A CB  1 
ATOM 335 N N   . ALA A 1 51  ? -1.96030  8.77731   0.93732   1.000 50.11364  ? 47  ALA A N   1 
ATOM 336 C CA  . ALA A 1 51  ? -2.99242  7.93770   0.34198   1.000 57.33837  ? 47  ALA A CA  1 
ATOM 337 C C   . ALA A 1 51  ? -4.08320  7.60302   1.35271   1.000 64.34219  ? 47  ALA A C   1 
ATOM 338 O O   . ALA A 1 51  ? -5.27575  7.64029   1.02275   1.000 51.52232  ? 47  ALA A O   1 
ATOM 339 C CB  . ALA A 1 51  ? -2.36202  6.66543   -0.22672  1.000 52.21459  ? 47  ALA A CB  1 
ATOM 340 N N   . MET A 1 52  ? -3.70075  7.29541   2.59494   1.000 57.23953  ? 48  MET A N   1 
ATOM 341 C CA  . MET A 1 52  ? -4.69744  6.90029   3.58427   1.000 54.32047  ? 48  MET A CA  1 
ATOM 342 C C   . MET A 1 52  ? -5.51234  8.09683   4.06268   1.000 56.68750  ? 48  MET A C   1 
ATOM 343 O O   . MET A 1 52  ? -6.72121  7.97489   4.29946   1.000 51.99020  ? 48  MET A O   1 
ATOM 344 C CB  . MET A 1 52  ? -4.02299  6.20494   4.76163   1.000 70.97655  ? 48  MET A CB  1 
ATOM 345 C CG  . MET A 1 52  ? -4.79043  6.33645   6.05670   1.000 80.26051  ? 48  MET A CG  1 
ATOM 346 S SD  . MET A 1 52  ? -3.76005  6.06250   7.49353   1.000 95.37472  ? 48  MET A SD  1 
ATOM 347 C CE  . MET A 1 52  ? -3.72751  7.70415   8.18895   1.000 75.49516  ? 48  MET A CE  1 
ATOM 348 N N   . LYS A 1 53  ? -4.86958  9.25789   4.22019   1.000 53.82650  ? 49  LYS A N   1 
ATOM 349 C CA  . LYS A 1 53  ? -5.61088  10.47995  4.52350   1.000 63.66330  ? 49  LYS A CA  1 
ATOM 350 C C   . LYS A 1 53  ? -6.68996  10.73860  3.47951   1.000 63.94199  ? 49  LYS A C   1 
ATOM 351 O O   . LYS A 1 53  ? -7.84667  11.01710  3.81952   1.000 57.23009  ? 49  LYS A O   1 
ATOM 352 C CB  . LYS A 1 53  ? -4.65902  11.67455  4.60248   1.000 62.38140  ? 49  LYS A CB  1 
ATOM 353 C CG  . LYS A 1 53  ? -4.34909  12.15118  6.01358   1.000 81.90356  ? 49  LYS A CG  1 
ATOM 354 C CD  . LYS A 1 53  ? -3.03416  12.92093  6.04679   1.000 95.56002  ? 49  LYS A CD  1 
ATOM 355 C CE  . LYS A 1 53  ? -3.10595  14.12883  6.97853   1.000 95.02010  ? 49  LYS A CE  1 
ATOM 356 N NZ  . LYS A 1 53  ? -1.81623  14.88582  7.02905   1.000 85.01800  ? 49  LYS A NZ  1 
ATOM 357 N N   . ALA A 1 54  ? -6.32704  10.64039  2.19517   1.000 65.00560  ? 50  ALA A N   1 
ATOM 358 C CA  . ALA A 1 54  ? -7.27378  10.92825  1.12276   1.000 44.97851  ? 50  ALA A CA  1 
ATOM 359 C C   . ALA A 1 54  ? -8.39778  9.89986   1.06170   1.000 42.42012  ? 50  ALA A C   1 
ATOM 360 O O   . ALA A 1 54  ? -9.53213  10.24182  0.69937   1.000 56.26968  ? 50  ALA A O   1 
ATOM 361 C CB  . ALA A 1 54  ? -6.54104  10.99321  -0.21671  1.000 46.86379  ? 50  ALA A CB  1 
ATOM 362 N N   . ALA A 1 55  ? -8.10778  8.64281   1.40638   1.000 49.23879  ? 51  ALA A N   1 
ATOM 363 C CA  . ALA A 1 55  ? -9.14860  7.62012   1.40665   1.000 47.09561  ? 51  ALA A CA  1 
ATOM 364 C C   . ALA A 1 55  ? -10.12926 7.81640   2.56013   1.000 59.81084  ? 51  ALA A C   1 
ATOM 365 O O   . ALA A 1 55  ? -11.33580 7.60527   2.39058   1.000 50.11689  ? 51  ALA A O   1 
ATOM 366 C CB  . ALA A 1 55  ? -8.51859  6.22939   1.46427   1.000 50.02702  ? 51  ALA A CB  1 
ATOM 367 N N   . MET A 1 56  ? -9.64316  8.21494   3.74467   1.000 65.75662  ? 52  MET A N   1 
ATOM 368 C CA  . MET A 1 56  ? -10.57224 8.44511   4.84923   1.000 57.01545  ? 52  MET A CA  1 
ATOM 369 C C   . MET A 1 56  ? -11.37058 9.72391   4.63590   1.000 58.06705  ? 52  MET A C   1 
ATOM 370 O O   . MET A 1 56  ? -12.55222 9.78947   4.99548   1.000 56.84711  ? 52  MET A O   1 
ATOM 371 C CB  . MET A 1 56  ? -9.84338  8.50418   6.19011   1.000 54.18969  ? 52  MET A CB  1 
ATOM 372 C CG  . MET A 1 56  ? -9.81963  7.18185   6.92920   1.000 76.69258  ? 52  MET A CG  1 
ATOM 373 S SD  . MET A 1 56  ? -8.69126  7.16768   8.33022   1.000 70.77970  ? 52  MET A SD  1 
ATOM 374 C CE  . MET A 1 56  ? -7.31372  8.09245   7.66420   1.000 69.43282  ? 52  MET A CE  1 
ATOM 375 N N   . GLU A 1 57  ? -10.74007 10.75242  4.05608   1.000 59.97677  ? 53  GLU A N   1 
ATOM 376 C CA  . GLU A 1 57  ? -11.46543 11.97594  3.72595   1.000 53.90003  ? 53  GLU A CA  1 
ATOM 377 C C   . GLU A 1 57  ? -12.52608 11.72209  2.66344   1.000 58.48447  ? 53  GLU A C   1 
ATOM 378 O O   . GLU A 1 57  ? -13.54789 12.41894  2.62586   1.000 53.60895  ? 53  GLU A O   1 
ATOM 379 C CB  . GLU A 1 57  ? -10.49439 13.06285  3.25993   1.000 50.45529  ? 53  GLU A CB  1 
ATOM 380 C CG  . GLU A 1 57  ? -9.68986  13.70702  4.38951   1.000 72.98765  ? 53  GLU A CG  1 
ATOM 381 C CD  . GLU A 1 57  ? -8.49370  14.49378  3.88346   1.000 80.76321  ? 53  GLU A CD  1 
ATOM 382 O OE1 . GLU A 1 57  ? -8.49609  14.88162  2.69530   1.000 81.76429  ? 53  GLU A OE1 1 
ATOM 383 O OE2 . GLU A 1 57  ? -7.54926  14.72141  4.67147   1.000 82.91838  ? 53  GLU A OE2 1 
ATOM 384 N N   . ALA A 1 58  ? -12.30621 10.72828  1.79900   1.000 51.11610  ? 54  ALA A N   1 
ATOM 385 C CA  . ALA A 1 58  ? -13.32017 10.31813  0.83421   1.000 50.87982  ? 54  ALA A CA  1 
ATOM 386 C C   . ALA A 1 58  ? -14.46824 9.53809   1.46818   1.000 54.53564  ? 54  ALA A C   1 
ATOM 387 O O   . ALA A 1 58  ? -15.38445 9.13284   0.74847   1.000 56.99247  ? 54  ALA A O   1 
ATOM 388 C CB  . ALA A 1 58  ? -12.68091 9.48217   -0.28371  1.000 42.21834  ? 54  ALA A CB  1 
ATOM 389 N N   . GLY A 1 59  ? -14.44036 9.29986   2.77682   1.000 66.68496  ? 55  GLY A N   1 
ATOM 390 C CA  . GLY A 1 59  ? -15.52575 8.62299   3.45101   1.000 63.15032  ? 55  GLY A CA  1 
ATOM 391 C C   . GLY A 1 59  ? -15.27661 7.18596   3.85686   1.000 63.26547  ? 55  GLY A C   1 
ATOM 392 O O   . GLY A 1 59  ? -16.23269 6.49931   4.23044   1.000 65.11972  ? 55  GLY A O   1 
ATOM 393 N N   . LEU A 1 60  ? -14.05237 6.70684   3.79319   1.000 60.36324  ? 56  LEU A N   1 
ATOM 394 C CA  . LEU A 1 60  ? -13.78076 5.36563   4.30193   1.000 66.53167  ? 56  LEU A CA  1 
ATOM 395 C C   . LEU A 1 60  ? -13.44729 5.44293   5.78841   1.000 72.32957  ? 56  LEU A C   1 
ATOM 396 O O   . LEU A 1 60  ? -12.64427 6.29251   6.19020   1.000 69.70539  ? 56  LEU A O   1 
ATOM 397 C CB  . LEU A 1 60  ? -12.63095 4.72764   3.53919   1.000 63.84635  ? 56  LEU A CB  1 
ATOM 398 C CG  . LEU A 1 60  ? -12.76704 3.24460   3.21059   1.000 58.70108  ? 56  LEU A CG  1 
ATOM 399 C CD1 . LEU A 1 60  ? -14.15598 2.92047   2.71233   1.000 56.78615  ? 56  LEU A CD1 1 
ATOM 400 C CD2 . LEU A 1 60  ? -11.76219 2.89586   2.15813   1.000 63.41283  ? 56  LEU A CD2 1 
ATOM 401 N N   . PRO A 1 61  ? -14.05153 4.60321   6.63897   1.000 65.18080  ? 57  PRO A N   1 
ATOM 402 C CA  . PRO A 1 61  ? -13.83489 4.74527   8.08694   1.000 68.59927  ? 57  PRO A CA  1 
ATOM 403 C C   . PRO A 1 61  ? -12.53161 4.12628   8.56904   1.000 61.80366  ? 57  PRO A C   1 
ATOM 404 O O   . PRO A 1 61  ? -11.96388 4.56817   9.57124   1.000 64.34391  ? 57  PRO A O   1 
ATOM 405 C CB  . PRO A 1 61  ? -15.04562 4.02226   8.69927   1.000 62.19805  ? 57  PRO A CB  1 
ATOM 406 C CG  . PRO A 1 61  ? -15.97464 3.73068   7.54428   1.000 65.08963  ? 57  PRO A CG  1 
ATOM 407 C CD  . PRO A 1 61  ? -15.09988 3.61685   6.34445   1.000 56.94496  ? 57  PRO A CD  1 
ATOM 408 N N   . GLU A 1 62  ? -12.05163 3.10070   7.87261   1.000 63.46633  ? 58  GLU A N   1 
ATOM 409 C CA  . GLU A 1 62  ? -10.87480 2.36447   8.30168   1.000 48.66874  ? 58  GLU A CA  1 
ATOM 410 C C   . GLU A 1 62  ? -9.99036  2.06801   7.09883   1.000 60.42641  ? 58  GLU A C   1 
ATOM 411 O O   . GLU A 1 62  ? -10.47320 1.89356   5.97627   1.000 62.82254  ? 58  GLU A O   1 
ATOM 412 C CB  . GLU A 1 62  ? -11.26080 1.05314   9.00605   1.000 47.14914  ? 58  GLU A CB  1 
ATOM 413 C CG  . GLU A 1 62  ? -10.10221 0.36299   9.72029   1.000 63.46963  ? 58  GLU A CG  1 
ATOM 414 C CD  . GLU A 1 62  ? -9.39707  -0.67044  8.85299   1.000 55.73935  ? 58  GLU A CD  1 
ATOM 415 O OE1 . GLU A 1 62  ? -9.85522  -0.92858  7.72002   1.000 78.29618  ? 58  GLU A OE1 1 
ATOM 416 O OE2 . GLU A 1 62  ? -8.37035  -1.21706  9.30330   1.000 72.68991  ? 58  GLU A OE2 1 
ATOM 417 N N   . VAL A 1 63  ? -8.68566  1.99847   7.35191   1.000 50.10989  ? 59  VAL A N   1 
ATOM 418 C CA  . VAL A 1 63  ? -7.69477  1.67863   6.33353   1.000 48.36362  ? 59  VAL A CA  1 
ATOM 419 C C   . VAL A 1 63  ? -6.58228  0.88831   7.01378   1.000 48.01618  ? 59  VAL A C   1 
ATOM 420 O O   . VAL A 1 63  ? -6.00432  1.35751   7.99969   1.000 54.10086  ? 59  VAL A O   1 
ATOM 421 C CB  . VAL A 1 63  ? -7.13013  2.94614   5.66225   1.000 50.55979  ? 59  VAL A CB  1 
ATOM 422 C CG1 . VAL A 1 63  ? -5.76805  2.67385   5.04890   1.000 57.70248  ? 59  VAL A CG1 1 
ATOM 423 C CG2 . VAL A 1 63  ? -8.09427  3.47599   4.61132   1.000 54.06322  ? 59  VAL A CG2 1 
ATOM 424 N N   . THR A 1 64  ? -6.29636  -0.31274  6.50747   1.000 49.15316  ? 60  THR A N   1 
ATOM 425 C CA  . THR A 1 64  ? -5.15405  -1.09633  6.96823   1.000 51.17794  ? 60  THR A CA  1 
ATOM 426 C C   . THR A 1 64  ? -3.95469  -0.83293  6.06919   1.000 51.49237  ? 60  THR A C   1 
ATOM 427 O O   . THR A 1 64  ? -4.07921  -0.81272  4.84368   1.000 54.88610  ? 60  THR A O   1 
ATOM 428 C CB  . THR A 1 64  ? -5.46706  -2.59579  6.97108   1.000 45.03516  ? 60  THR A CB  1 
ATOM 429 O OG1 . THR A 1 64  ? -6.70001  -2.83497  7.65669   1.000 54.14312  ? 60  THR A OG1 1 
ATOM 430 C CG2 . THR A 1 64  ? -4.35777  -3.37439  7.66601   1.000 46.97459  ? 60  THR A CG2 1 
ATOM 431 N N   . MET A 1 65  ? -2.79071  -0.62934  6.67834   1.000 46.03873  ? 61  MET A N   1 
ATOM 432 C CA  . MET A 1 65  ? -1.57543  -0.38672  5.91603   1.000 52.95230  ? 61  MET A CA  1 
ATOM 433 C C   . MET A 1 65  ? -0.43928  -1.28174  6.37688   1.000 54.45206  ? 61  MET A C   1 
ATOM 434 O O   . MET A 1 65  ? -0.28053  -1.54410  7.57217   1.000 49.04351  ? 61  MET A O   1 
ATOM 435 C CB  . MET A 1 65  ? -1.12955  1.05859   6.01491   1.000 44.70198  ? 61  MET A CB  1 
ATOM 436 C CG  . MET A 1 65  ? -2.24704  2.06151   6.01141   1.000 70.63702  ? 61  MET A CG  1 
ATOM 437 S SD  . MET A 1 65  ? -1.62534  3.63597   6.59794   1.000 106.55319 ? 61  MET A SD  1 
ATOM 438 C CE  . MET A 1 65  ? 0.11061   3.50505   6.17358   1.000 66.64481  ? 61  MET A CE  1 
ATOM 439 N N   . TYR A 1 66  ? 0.35523   -1.72917  5.41183   1.000 50.17961  ? 62  TYR A N   1 
ATOM 440 C CA  . TYR A 1 66  ? 1.61226   -2.42397  5.65434   1.000 45.64729  ? 62  TYR A CA  1 
ATOM 441 C C   . TYR A 1 66  ? 2.71974   -1.45908  5.23492   1.000 48.20857  ? 62  TYR A C   1 
ATOM 442 O O   . TYR A 1 66  ? 3.06659   -1.35777  4.05878   1.000 50.77199  ? 62  TYR A O   1 
ATOM 443 C CB  . TYR A 1 66  ? 1.65320   -3.74415  4.89424   1.000 34.61063  ? 62  TYR A CB  1 
ATOM 444 C CG  . TYR A 1 66  ? 0.63202   -4.73246  5.40069   1.000 47.52914  ? 62  TYR A CG  1 
ATOM 445 C CD1 . TYR A 1 66  ? -0.70757  -4.61942  5.04831   1.000 44.24854  ? 62  TYR A CD1 1 
ATOM 446 C CD2 . TYR A 1 66  ? 1.00031   -5.76413  6.25693   1.000 51.32195  ? 62  TYR A CD2 1 
ATOM 447 C CE1 . TYR A 1 66  ? -1.65395  -5.51735  5.52278   1.000 54.25625  ? 62  TYR A CE1 1 
ATOM 448 C CE2 . TYR A 1 66  ? 0.06109   -6.66909  6.73462   1.000 49.93016  ? 62  TYR A CE2 1 
ATOM 449 C CZ  . TYR A 1 66  ? -1.26308  -6.53789  6.36479   1.000 51.30719  ? 62  TYR A CZ  1 
ATOM 450 O OH  . TYR A 1 66  ? -2.19975  -7.42709  6.83327   1.000 58.99672  ? 62  TYR A OH  1 
ATOM 451 N N   . ALA A 1 67  ? 3.25231   -0.72749  6.20927   1.000 52.93166  ? 63  ALA A N   1 
ATOM 452 C CA  . ALA A 1 67  ? 4.23664   0.30920   5.93530   1.000 51.18288  ? 63  ALA A CA  1 
ATOM 453 C C   . ALA A 1 67  ? 5.63683   -0.28415  5.90304   1.000 54.31198  ? 63  ALA A C   1 
ATOM 454 O O   . ALA A 1 67  ? 6.07141   -0.93453  6.85960   1.000 56.30925  ? 63  ALA A O   1 
ATOM 455 C CB  . ALA A 1 67  ? 4.15421   1.41284   6.98487   1.000 50.14878  ? 63  ALA A CB  1 
ATOM 456 N N   . LEU A 1 68  ? 6.34613   -0.03842  4.80619   1.000 56.00488  ? 64  LEU A N   1 
ATOM 457 C CA  . LEU A 1 68  ? 7.64158   -0.64044  4.53845   1.000 44.70320  ? 64  LEU A CA  1 
ATOM 458 C C   . LEU A 1 68  ? 8.70614   0.44885   4.53299   1.000 56.66230  ? 64  LEU A C   1 
ATOM 459 O O   . LEU A 1 68  ? 8.44123   1.58588   4.12859   1.000 55.92556  ? 64  LEU A O   1 
ATOM 460 C CB  . LEU A 1 68  ? 7.61754   -1.36368  3.19193   1.000 51.99155  ? 64  LEU A CB  1 
ATOM 461 C CG  . LEU A 1 68  ? 6.64389   -2.53718  3.09506   1.000 43.67761  ? 64  LEU A CG  1 
ATOM 462 C CD1 . LEU A 1 68  ? 5.88533   -2.42082  1.79069   1.000 62.53611  ? 64  LEU A CD1 1 
ATOM 463 C CD2 . LEU A 1 68  ? 7.33991   -3.87032  3.17349   1.000 69.13253  ? 64  LEU A CD2 1 
ATOM 464 N N   . ASP A 1 69  ? 9.90810   0.10267   4.98621   1.000 67.86647  ? 65  ASP A N   1 
ATOM 465 C CA  . ASP A 1 69  ? 11.02475  1.04223   5.03779   1.000 65.68770  ? 65  ASP A CA  1 
ATOM 466 C C   . ASP A 1 69  ? 11.87719  0.83396   3.78912   1.000 78.27165  ? 65  ASP A C   1 
ATOM 467 O O   . ASP A 1 69  ? 12.54807  -0.19520  3.64944   1.000 77.48823  ? 65  ASP A O   1 
ATOM 468 C CB  . ASP A 1 69  ? 11.83562  0.83671   6.31626   1.000 78.10590  ? 65  ASP A CB  1 
ATOM 469 C CG  . ASP A 1 69  ? 12.96027  1.84936   6.47829   1.000 86.99791  ? 65  ASP A CG  1 
ATOM 470 O OD1 . ASP A 1 69  ? 13.05360  2.79547   5.66713   1.000 82.32676  ? 65  ASP A OD1 1 
ATOM 471 O OD2 . ASP A 1 69  ? 13.76056  1.69104   7.42547   1.000 93.90280  ? 65  ASP A OD2 1 
ATOM 472 N N   . PHE A 1 70  ? 11.84397  1.80477   2.87673   1.000 85.76259  ? 66  PHE A N   1 
ATOM 473 C CA  . PHE A 1 70  ? 12.52761  1.69706   1.59479   1.000 83.04333  ? 66  PHE A CA  1 
ATOM 474 C C   . PHE A 1 70  ? 13.87258  2.41668   1.57269   1.000 91.81498  ? 66  PHE A C   1 
ATOM 475 O O   . PHE A 1 70  ? 14.49988  2.49720   0.51160   1.000 94.61087  ? 66  PHE A O   1 
ATOM 476 C CB  . PHE A 1 70  ? 11.63915  2.24170   0.47365   1.000 66.82115  ? 66  PHE A CB  1 
ATOM 477 C CG  . PHE A 1 70  ? 10.67876  1.23643   -0.08729  1.000 59.06158  ? 66  PHE A CG  1 
ATOM 478 C CD1 . PHE A 1 70  ? 9.46405   0.99961   0.53197   1.000 68.23851  ? 66  PHE A CD1 1 
ATOM 479 C CD2 . PHE A 1 70  ? 10.98717  0.52848   -1.23733  1.000 72.08100  ? 66  PHE A CD2 1 
ATOM 480 C CE1 . PHE A 1 70  ? 8.56666   0.07366   0.01100   1.000 75.43055  ? 66  PHE A CE1 1 
ATOM 481 C CE2 . PHE A 1 70  ? 10.09705  -0.39858  -1.76130  1.000 80.15730  ? 66  PHE A CE2 1 
ATOM 482 C CZ  . PHE A 1 70  ? 8.88550   -0.62568  -1.13522  1.000 69.21816  ? 66  PHE A CZ  1 
ATOM 483 N N   . SER A 1 71  ? 14.33412  2.93549   2.71458   1.000 90.15985  ? 67  SER A N   1 
ATOM 484 C CA  . SER A 1 71  ? 15.57683  3.70098   2.74867   1.000 92.43049  ? 67  SER A CA  1 
ATOM 485 C C   . SER A 1 71  ? 16.81040  2.85570   2.45738   1.000 84.44746  ? 67  SER A C   1 
ATOM 486 O O   . SER A 1 71  ? 17.89794  3.41788   2.29235   1.000 90.12391  ? 67  SER A O   1 
ATOM 487 C CB  . SER A 1 71  ? 15.74179  4.38405   4.10830   1.000 75.01770  ? 67  SER A CB  1 
ATOM 488 O OG  . SER A 1 71  ? 15.22736  3.57638   5.15178   1.000 87.56789  ? 67  SER A OG  1 
ATOM 489 N N   . ASP A 1 72  ? 16.67667  1.53566   2.38837   1.000 72.77630  ? 68  ASP A N   1 
ATOM 490 C CA  . ASP A 1 72  ? 17.82544  0.68182   2.13530   1.000 82.13130  ? 68  ASP A CA  1 
ATOM 491 C C   . ASP A 1 72  ? 17.34286  -0.63523  1.54714   1.000 87.34435  ? 68  ASP A C   1 
ATOM 492 O O   . ASP A 1 72  ? 16.26268  -1.12312  1.88995   1.000 89.94510  ? 68  ASP A O   1 
ATOM 493 C CB  . ASP A 1 72  ? 18.63069  0.44676   3.41667   1.000 83.02250  ? 68  ASP A CB  1 
ATOM 494 C CG  . ASP A 1 72  ? 19.55621  -0.74279  3.31055   1.000 103.82309 ? 68  ASP A CG  1 
ATOM 495 O OD1 . ASP A 1 72  ? 20.41584  -0.75183  2.40060   1.000 118.12742 ? 68  ASP A OD1 1 
ATOM 496 O OD2 . ASP A 1 72  ? 19.42396  -1.66757  4.14017   1.000 109.79082 ? 68  ASP A OD2 1 
ATOM 497 N N   . ALA A 1 73  ? 18.16175  -1.20159  0.65560   1.000 80.78248  ? 69  ALA A N   1 
ATOM 498 C CA  . ALA A 1 73  ? 17.78357  -2.43450  -0.02890  1.000 78.36641  ? 69  ALA A CA  1 
ATOM 499 C C   . ALA A 1 73  ? 17.61298  -3.58991  0.95064   1.000 83.41462  ? 69  ALA A C   1 
ATOM 500 O O   . ALA A 1 73  ? 16.68363  -4.39496  0.81295   1.000 91.26990  ? 69  ALA A O   1 
ATOM 501 C CB  . ALA A 1 73  ? 18.82183  -2.78260  -1.09614  1.000 69.40822  ? 69  ALA A CB  1 
ATOM 502 N N   . GLU A 1 74  ? 18.50346  -3.69677  1.94197   1.000 93.49498  ? 70  GLU A N   1 
ATOM 503 C CA  . GLU A 1 74  ? 18.36340  -4.75705  2.93578   1.000 84.55397  ? 70  GLU A CA  1 
ATOM 504 C C   . GLU A 1 74  ? 17.14956  -4.52156  3.82502   1.000 84.77792  ? 70  GLU A C   1 
ATOM 505 O O   . GLU A 1 74  ? 16.41235  -5.46274  4.13480   1.000 82.81518  ? 70  GLU A O   1 
ATOM 506 C CB  . GLU A 1 74  ? 19.62935  -4.87159  3.78635   1.000 80.24394  ? 70  GLU A CB  1 
ATOM 507 C CG  . GLU A 1 74  ? 19.38372  -5.52273  5.14972   1.000 100.65185 ? 70  GLU A CG  1 
ATOM 508 C CD  . GLU A 1 74  ? 20.65805  -5.85221  5.91198   1.000 109.22057 ? 70  GLU A CD  1 
ATOM 509 O OE1 . GLU A 1 74  ? 21.22405  -6.94317  5.68893   1.000 126.13347 ? 70  GLU A OE1 1 
ATOM 510 O OE2 . GLU A 1 74  ? 21.08768  -5.02495  6.74466   1.000 108.08852 ? 70  GLU A OE2 1 
ATOM 511 N N   . SER A 1 75  ? 16.92367  -3.27383  4.24554   1.000 81.31397  ? 71  SER A N   1 
ATOM 512 C CA  . SER A 1 75  ? 15.77291  -2.98347  5.09536   1.000 76.17676  ? 71  SER A CA  1 
ATOM 513 C C   . SER A 1 75  ? 14.46381  -3.22804  4.35123   1.000 77.15538  ? 71  SER A C   1 
ATOM 514 O O   . SER A 1 75  ? 13.49772  -3.73906  4.93146   1.000 67.90162  ? 71  SER A O   1 
ATOM 515 C CB  . SER A 1 75  ? 15.85264  -1.54581  5.61511   1.000 68.82813  ? 71  SER A CB  1 
ATOM 516 O OG  . SER A 1 75  ? 15.32599  -0.62383  4.67721   1.000 84.11615  ? 71  SER A OG  1 
ATOM 517 N N   . ALA A 1 76  ? 14.41832  -2.88579  3.05940   1.000 71.56061  ? 72  ALA A N   1 
ATOM 518 C CA  . ALA A 1 76  ? 13.22833  -3.16272  2.26013   1.000 63.00009  ? 72  ALA A CA  1 
ATOM 519 C C   . ALA A 1 76  ? 13.00305  -4.65815  2.07815   1.000 62.03089  ? 72  ALA A C   1 
ATOM 520 O O   . ALA A 1 76  ? 11.85300  -5.10200  2.00612   1.000 63.45923  ? 72  ALA A O   1 
ATOM 521 C CB  . ALA A 1 76  ? 13.33202  -2.48008  0.89691   1.000 43.02115  ? 72  ALA A CB  1 
ATOM 522 N N   . LEU A 1 77  ? 14.07616  -5.44986  2.01030   1.000 59.92795  ? 73  LEU A N   1 
ATOM 523 C CA  . LEU A 1 77  ? 13.91815  -6.88414  1.78828   1.000 52.24234  ? 73  LEU A CA  1 
ATOM 524 C C   . LEU A 1 77  ? 13.39265  -7.59144  3.03362   1.000 64.60824  ? 73  LEU A C   1 
ATOM 525 O O   . LEU A 1 77  ? 12.50693  -8.44961  2.92928   1.000 59.43546  ? 73  LEU A O   1 
ATOM 526 C CB  . LEU A 1 77  ? 15.24144  -7.49658  1.32959   1.000 56.01133  ? 73  LEU A CB  1 
ATOM 527 C CG  . LEU A 1 77  ? 15.30387  -7.87021  -0.15434  1.000 78.58516  ? 73  LEU A CG  1 
ATOM 528 C CD1 . LEU A 1 77  ? 16.73795  -8.11989  -0.58598  1.000 72.95872  ? 73  LEU A CD1 1 
ATOM 529 C CD2 . LEU A 1 77  ? 14.43082  -9.08681  -0.45086  1.000 79.27544  ? 73  LEU A CD2 1 
ATOM 530 N N   . LYS A 1 78  ? 13.92469  -7.25638  4.22036   1.000 77.35387  ? 74  LYS A N   1 
ATOM 531 C CA  . LYS A 1 78  ? 13.35601  -7.80288  5.45314   1.000 70.01878  ? 74  LYS A CA  1 
ATOM 532 C C   . LYS A 1 78  ? 11.92140  -7.33230  5.64395   1.000 57.74362  ? 74  LYS A C   1 
ATOM 533 O O   . LYS A 1 78  ? 11.06633  -8.09485  6.11030   1.000 58.81172  ? 74  LYS A O   1 
ATOM 534 C CB  . LYS A 1 78  ? 14.18607  -7.42046  6.68650   1.000 68.15377  ? 74  LYS A CB  1 
ATOM 535 C CG  . LYS A 1 78  ? 15.66379  -7.12476  6.48601   1.000 79.21805  ? 74  LYS A CG  1 
ATOM 536 C CD  . LYS A 1 78  ? 16.43589  -7.35539  7.79312   1.000 94.02543  ? 74  LYS A CD  1 
ATOM 537 C CE  . LYS A 1 78  ? 17.52143  -6.30528  8.01647   1.000 89.81733  ? 74  LYS A CE  1 
ATOM 538 N NZ  . LYS A 1 78  ? 16.98241  -5.04467  8.61467   1.000 89.94696  ? 74  LYS A NZ  1 
ATOM 539 N N   . ALA A 1 79  ? 11.64199  -6.07404  5.29151   1.000 69.22061  ? 75  ALA A N   1 
ATOM 540 C CA  . ALA A 1 79  ? 10.28977  -5.54071  5.43278   1.000 64.57762  ? 75  ALA A CA  1 
ATOM 541 C C   . ALA A 1 79  ? 9.30013   -6.29365  4.55259   1.000 64.24232  ? 75  ALA A C   1 
ATOM 542 O O   . ALA A 1 79  ? 8.16214   -6.55135  4.96297   1.000 61.42047  ? 75  ALA A O   1 
ATOM 543 C CB  . ALA A 1 79  ? 10.27912  -4.05000  5.09816   1.000 47.89291  ? 75  ALA A CB  1 
ATOM 544 N N   . ALA A 1 80  ? 9.71206   -6.64620  3.33240   1.000 64.19598  ? 76  ALA A N   1 
ATOM 545 C CA  . ALA A 1 80  ? 8.84191   -7.42156  2.45737   1.000 53.08296  ? 76  ALA A CA  1 
ATOM 546 C C   . ALA A 1 80  ? 8.63069   -8.82820  3.00227   1.000 59.16027  ? 76  ALA A C   1 
ATOM 547 O O   . ALA A 1 80  ? 7.53473   -9.38916  2.88047   1.000 58.86196  ? 76  ALA A O   1 
ATOM 548 C CB  . ALA A 1 80  ? 9.42674   -7.46796  1.04539   1.000 54.10242  ? 76  ALA A CB  1 
ATOM 549 N N   . GLU A 1 81  ? 9.66560   -9.40949  3.61396   0.858 53.10746  ? 77  GLU A N   1 
ATOM 550 C CA  . GLU A 1 81  ? 9.54153   -10.74897 4.18037   0.858 57.19338  ? 77  GLU A CA  1 
ATOM 551 C C   . GLU A 1 81  ? 8.49724   -10.78742 5.28893   0.858 55.31764  ? 77  GLU A C   1 
ATOM 552 O O   . GLU A 1 81  ? 7.74685   -11.76275 5.41584   0.858 55.37858  ? 77  GLU A O   1 
ATOM 553 C CB  . GLU A 1 81  ? 10.89728  -11.21546 4.70462   0.858 53.44263  ? 77  GLU A CB  1 
ATOM 554 C CG  . GLU A 1 81  ? 10.96400  -12.69721 5.03888   0.858 89.51539  ? 77  GLU A CG  1 
ATOM 555 C CD  . GLU A 1 81  ? 12.38902  -13.21595 5.08379   0.858 107.32442 ? 77  GLU A CD  1 
ATOM 556 O OE1 . GLU A 1 81  ? 13.30731  -12.40113 5.31571   0.858 99.07776  ? 77  GLU A OE1 1 
ATOM 557 O OE2 . GLU A 1 81  ? 12.59060  -14.43538 4.89362   0.858 125.12225 ? 77  GLU A OE2 1 
ATOM 558 N N   . VAL A 1 82  ? 8.43610   -9.73196  6.10141   1.000 53.01539  ? 78  VAL A N   1 
ATOM 559 C CA  . VAL A 1 82  ? 7.43261   -9.66182  7.16029   1.000 66.33028  ? 78  VAL A CA  1 
ATOM 560 C C   . VAL A 1 82  ? 6.03798   -9.57688  6.55900   1.000 63.49149  ? 78  VAL A C   1 
ATOM 561 O O   . VAL A 1 82  ? 5.11297   -10.28612 6.97829   1.000 63.87907  ? 78  VAL A O   1 
ATOM 562 C CB  . VAL A 1 82  ? 7.72060   -8.46799  8.08952   1.000 71.94418  ? 78  VAL A CB  1 
ATOM 563 C CG1 . VAL A 1 82  ? 6.63533   -8.33699  9.14174   1.000 54.50455  ? 78  VAL A CG1 1 
ATOM 564 C CG2 . VAL A 1 82  ? 9.07816   -8.63127  8.75180   1.000 48.72571  ? 78  VAL A CG2 1 
ATOM 565 N N   . ALA A 1 83  ? 5.86695   -8.70975  5.55827   1.000 71.52413  ? 79  ALA A N   1 
ATOM 566 C CA  . ALA A 1 83  ? 4.56297   -8.52881  4.93536   1.000 65.11759  ? 79  ALA A CA  1 
ATOM 567 C C   . ALA A 1 83  ? 4.09023   -9.77303  4.19236   1.000 59.32189  ? 79  ALA A C   1 
ATOM 568 O O   . ALA A 1 83  ? 2.88122   -9.95308  4.03613   1.000 65.78018  ? 79  ALA A O   1 
ATOM 569 C CB  . ALA A 1 83  ? 4.59495   -7.32834  3.99068   1.000 44.26802  ? 79  ALA A CB  1 
ATOM 570 N N   . GLU A 1 84  ? 5.00344   -10.63156 3.72762   1.000 59.34927  ? 80  GLU A N   1 
ATOM 571 C CA  . GLU A 1 84  ? 4.57523   -11.91723 3.18405   1.000 56.70614  ? 80  GLU A CA  1 
ATOM 572 C C   . GLU A 1 84  ? 4.05653   -12.82933 4.28542   1.000 63.59867  ? 80  GLU A C   1 
ATOM 573 O O   . GLU A 1 84  ? 3.11995   -13.60463 4.06377   1.000 78.05900  ? 80  GLU A O   1 
ATOM 574 C CB  . GLU A 1 84  ? 5.72085   -12.60262 2.44161   1.000 61.38207  ? 80  GLU A CB  1 
ATOM 575 C CG  . GLU A 1 84  ? 6.27240   -11.82225 1.27487   1.000 68.71230  ? 80  GLU A CG  1 
ATOM 576 C CD  . GLU A 1 84  ? 7.49424   -12.47566 0.66018   1.000 88.49547  ? 80  GLU A CD  1 
ATOM 577 O OE1 . GLU A 1 84  ? 7.50744   -13.72045 0.55022   1.000 98.71729  ? 80  GLU A OE1 1 
ATOM 578 O OE2 . GLU A 1 84  ? 8.44629   -11.74567 0.29999   1.000 81.96573  ? 80  GLU A OE2 1 
ATOM 579 N N   . ASP A 1 85  ? 4.65940   -12.76023 5.47541   1.000 58.66581  ? 81  ASP A N   1 
ATOM 580 C CA  . ASP A 1 85  ? 4.23855   -13.63138 6.56841   1.000 69.22882  ? 81  ASP A CA  1 
ATOM 581 C C   . ASP A 1 85  ? 2.86917   -13.22213 7.10313   1.000 63.10276  ? 81  ASP A C   1 
ATOM 582 O O   . ASP A 1 85  ? 2.00914   -14.07481 7.35043   1.000 82.00789  ? 81  ASP A O   1 
ATOM 583 C CB  . ASP A 1 85  ? 5.28866   -13.62214 7.67870   1.000 77.26765  ? 81  ASP A CB  1 
ATOM 584 C CG  . ASP A 1 85  ? 5.23758   -14.87174 8.54025   1.000 100.61058 ? 81  ASP A CG  1 
ATOM 585 O OD1 . ASP A 1 85  ? 4.81714   -14.77974 9.71486   1.000 112.35306 ? 81  ASP A OD1 1 
ATOM 586 O OD2 . ASP A 1 85  ? 5.60853   -15.95160 8.03500   1.000 118.77058 ? 81  ASP A OD2 1 
ATOM 587 N N   . GLU A 1 86  ? 2.64575   -11.92408 7.28955   1.000 70.87782  ? 82  GLU A N   1 
ATOM 588 C CA  . GLU A 1 86  ? 1.31792   -11.41598 7.60453   1.000 68.80027  ? 82  GLU A CA  1 
ATOM 589 C C   . GLU A 1 86  ? 0.56991   -11.14339 6.29680   1.000 82.97890  ? 82  GLU A C   1 
ATOM 590 O O   . GLU A 1 86  ? 1.05563   -11.44720 5.20482   1.000 91.57580  ? 82  GLU A O   1 
ATOM 591 C CB  . GLU A 1 86  ? 1.41914   -10.16963 8.48537   1.000 65.65655  ? 82  GLU A CB  1 
ATOM 592 C CG  . GLU A 1 86  ? 2.65884   -10.12811 9.38260   1.000 80.34146  ? 82  GLU A CG  1 
ATOM 593 C CD  . GLU A 1 86  ? 2.56231   -9.08259  10.48977  1.000 98.97497  ? 82  GLU A CD  1 
ATOM 594 O OE1 . GLU A 1 86  ? 2.47798   -7.87882  10.16632  1.000 94.81589  ? 82  GLU A OE1 1 
ATOM 595 O OE2 . GLU A 1 86  ? 2.58303   -9.46121  11.68349  1.000 103.27453 ? 82  GLU A OE2 1 
ATOM 596 N N   . GLY A 1 87  ? -0.63037  -10.57917 6.38807   1.000 82.41139  ? 83  GLY A N   1 
ATOM 597 C CA  . GLY A 1 87  ? -1.35300  -10.16547 5.19659   1.000 80.32629  ? 83  GLY A CA  1 
ATOM 598 C C   . GLY A 1 87  ? -1.97098  -11.28437 4.37840   1.000 78.02283  ? 83  GLY A C   1 
ATOM 599 O O   . GLY A 1 87  ? -1.43516  -12.39739 4.32788   1.000 49.64344  ? 83  GLY A O   1 
ATOM 600 N N   . ASP A 1 88  ? -3.08804  -10.99165 3.71306   1.000 72.95393  ? 84  ASP A N   1 
ATOM 601 C CA  . ASP A 1 88  ? -3.80999  -11.99078 2.93254   1.000 62.85510  ? 84  ASP A CA  1 
ATOM 602 C C   . ASP A 1 88  ? -3.00219  -12.36770 1.68726   1.000 66.20076  ? 84  ASP A C   1 
ATOM 603 O O   . ASP A 1 88  ? -1.82286  -12.03204 1.54062   1.000 59.79908  ? 84  ASP A O   1 
ATOM 604 C CB  . ASP A 1 88  ? -5.20423  -11.48157 2.57321   1.000 69.83887  ? 84  ASP A CB  1 
ATOM 605 C CG  . ASP A 1 88  ? -5.18071  -10.11820 1.89556   1.000 80.32097  ? 84  ASP A CG  1 
ATOM 606 O OD1 . ASP A 1 88  ? -4.53343  -9.98169  0.83732   1.000 76.24820  ? 84  ASP A OD1 1 
ATOM 607 O OD2 . ASP A 1 88  ? -5.81655  -9.17947  2.42036   1.000 98.07364  ? 84  ASP A OD2 1 
ATOM 608 N N   . GLU A 1 89  ? -3.64741  -13.07201 0.75788   1.000 69.38647  ? 85  GLU A N   1 
ATOM 609 C CA  . GLU A 1 89  ? -2.92427  -13.56514 -0.40821  1.000 70.34589  ? 85  GLU A CA  1 
ATOM 610 C C   . GLU A 1 89  ? -2.52287  -12.42595 -1.33995  1.000 67.45967  ? 85  GLU A C   1 
ATOM 611 O O   . GLU A 1 89  ? -1.44184  -12.45884 -1.94253  1.000 53.89603  ? 85  GLU A O   1 
ATOM 612 C CB  . GLU A 1 89  ? -3.77154  -14.60661 -1.13589  1.000 53.06168  ? 85  GLU A CB  1 
ATOM 613 C CG  . GLU A 1 89  ? -3.93281  -15.92771 -0.38027  1.000 61.57924  ? 85  GLU A CG  1 
ATOM 614 C CD  . GLU A 1 89  ? -2.63150  -16.71640 -0.20843  1.000 96.24410  ? 85  GLU A CD  1 
ATOM 615 O OE1 . GLU A 1 89  ? -1.61714  -16.15429 0.25920   1.000 117.48317 ? 85  GLU A OE1 1 
ATOM 616 O OE2 . GLU A 1 89  ? -2.62668  -17.92116 -0.53593  1.000 99.51299  ? 85  GLU A OE2 1 
ATOM 617 N N   . GLU A 1 90  ? -3.36975  -11.40306 -1.46284  1.000 50.80484  ? 86  GLU A N   1 
ATOM 618 C CA  . GLU A 1 90  ? -3.01456  -10.26845 -2.30608  1.000 59.48015  ? 86  GLU A CA  1 
ATOM 619 C C   . GLU A 1 90  ? -1.89238  -9.44762  -1.67791  1.000 56.84753  ? 86  GLU A C   1 
ATOM 620 O O   . GLU A 1 90  ? -1.01577  -8.93917  -2.38929  1.000 58.21352  ? 86  GLU A O   1 
ATOM 621 C CB  . GLU A 1 90  ? -4.24996  -9.40561  -2.56868  1.000 52.32115  ? 86  GLU A CB  1 
ATOM 622 C CG  . GLU A 1 90  ? -4.03717  -8.28040  -3.58089  1.000 52.64150  ? 86  GLU A CG  1 
ATOM 623 C CD  . GLU A 1 90  ? -3.72087  -8.78618  -4.97585  1.000 65.23618  ? 86  GLU A CD  1 
ATOM 624 O OE1 . GLU A 1 90  ? -4.46087  -9.66178  -5.47897  1.000 72.30703  ? 86  GLU A OE1 1 
ATOM 625 O OE2 . GLU A 1 90  ? -2.74155  -8.29025  -5.57470  1.000 55.81999  ? 86  GLU A OE2 1 
ATOM 626 N N   . VAL A 1 91  ? -1.89647  -9.31071  -0.34817  1.000 53.48405  ? 87  VAL A N   1 
ATOM 627 C CA  . VAL A 1 91  ? -0.80065  -8.61723  0.32388   1.000 46.77044  ? 87  VAL A CA  1 
ATOM 628 C C   . VAL A 1 91  ? 0.50234   -9.39384  0.15643   1.000 49.55884  ? 87  VAL A C   1 
ATOM 629 O O   . VAL A 1 91  ? 1.55042   -8.81374  -0.15370  1.000 47.80883  ? 87  VAL A O   1 
ATOM 630 C CB  . VAL A 1 91  ? -1.14124  -8.37839  1.80819   1.000 55.73892  ? 87  VAL A CB  1 
ATOM 631 C CG1 . VAL A 1 91  ? 0.09183   -7.91190  2.57943   1.000 35.88989  ? 87  VAL A CG1 1 
ATOM 632 C CG2 . VAL A 1 91  ? -2.26760  -7.35879  1.94339   1.000 37.78580  ? 87  VAL A CG2 1 
ATOM 633 N N   . ALA A 1 92  ? 0.45863   -10.71766 0.34134   1.000 51.80848  ? 88  ALA A N   1 
ATOM 634 C CA  . ALA A 1 92  ? 1.64418   -11.53713 0.10187   1.000 45.16671  ? 88  ALA A CA  1 
ATOM 635 C C   . ALA A 1 92  ? 2.13662   -11.41128 -1.33495  1.000 57.45994  ? 88  ALA A C   1 
ATOM 636 O O   . ALA A 1 92  ? 3.34921   -11.43931 -1.57900  1.000 56.61631  ? 88  ALA A O   1 
ATOM 637 C CB  . ALA A 1 92  ? 1.34867   -13.00072 0.42724   1.000 42.13214  ? 88  ALA A CB  1 
ATOM 638 N N   . GLU A 1 93  ? 1.21383   -11.26974 -2.29245  1.000 52.45355  ? 89  GLU A N   1 
ATOM 639 C CA  . GLU A 1 93  ? 1.59437   -11.14473 -3.69685  1.000 47.13655  ? 89  GLU A CA  1 
ATOM 640 C C   . GLU A 1 93  ? 2.32615   -9.83481  -3.95836  1.000 52.16177  ? 89  GLU A C   1 
ATOM 641 O O   . GLU A 1 93  ? 3.36630   -9.81650  -4.62882  1.000 49.04323  ? 89  GLU A O   1 
ATOM 642 C CB  . GLU A 1 93  ? 0.35214   -11.24531 -4.57996  1.000 50.47633  ? 89  GLU A CB  1 
ATOM 643 C CG  . GLU A 1 93  ? 0.60790   -10.97812 -6.05492  1.000 66.32973  ? 89  GLU A CG  1 
ATOM 644 C CD  . GLU A 1 93  ? 1.73197   -11.82349 -6.63441  1.000 86.39533  ? 89  GLU A CD  1 
ATOM 645 O OE1 . GLU A 1 93  ? 2.46151   -11.32030 -7.51784  1.000 83.12676  ? 89  GLU A OE1 1 
ATOM 646 O OE2 . GLU A 1 93  ? 1.87796   -12.99473 -6.22271  1.000 86.27963  ? 89  GLU A OE2 1 
ATOM 647 N N   . VAL A 1 94  ? 1.78272   -8.72411  -3.45430  1.000 47.97714  ? 90  VAL A N   1 
ATOM 648 C CA  . VAL A 1 94  ? 2.43680   -7.42506  -3.59527  1.000 56.82189  ? 90  VAL A CA  1 
ATOM 649 C C   . VAL A 1 94  ? 3.83044   -7.45402  -2.97524  1.000 54.24487  ? 90  VAL A C   1 
ATOM 650 O O   . VAL A 1 94  ? 4.78133   -6.87051  -3.51273  1.000 42.99884  ? 90  VAL A O   1 
ATOM 651 C CB  . VAL A 1 94  ? 1.56333   -6.32697  -2.96274  1.000 46.72135  ? 90  VAL A CB  1 
ATOM 652 C CG1 . VAL A 1 94  ? 2.35764   -5.03401  -2.80318  1.000 53.39559  ? 90  VAL A CG1 1 
ATOM 653 C CG2 . VAL A 1 94  ? 0.31754   -6.10387  -3.79285  1.000 34.08476  ? 90  VAL A CG2 1 
ATOM 654 N N   . ALA A 1 95  ? 3.97279   -8.13784  -1.83907  1.000 54.89911  ? 91  ALA A N   1 
ATOM 655 C CA  . ALA A 1 95  ? 5.25939   -8.17484  -1.15376  1.000 50.23083  ? 91  ALA A CA  1 
ATOM 656 C C   . ALA A 1 95  ? 6.28314   -8.98965  -1.93512  1.000 56.89291  ? 91  ALA A C   1 
ATOM 657 O O   . ALA A 1 95  ? 7.46231   -8.61851  -1.99990  1.000 50.75916  ? 91  ALA A O   1 
ATOM 658 C CB  . ALA A 1 95  ? 5.07451   -8.73201  0.25221   1.000 51.22617  ? 91  ALA A CB  1 
ATOM 659 N N   . ARG A 1 96  ? 5.85134   -10.09383 -2.54817  1.000 58.01528  ? 92  ARG A N   1 
ATOM 660 C CA  . ARG A 1 96  ? 6.75255   -10.85813 -3.40343  1.000 52.39419  ? 92  ARG A CA  1 
ATOM 661 C C   . ARG A 1 96  ? 7.20725   -10.03989 -4.60908  1.000 56.06642  ? 92  ARG A C   1 
ATOM 662 O O   . ARG A 1 96  ? 8.38420   -10.09509 -4.98663  1.000 58.53553  ? 92  ARG A O   1 
ATOM 663 C CB  . ARG A 1 96  ? 6.07769   -12.15325 -3.84666  1.000 57.29033  ? 92  ARG A CB  1 
ATOM 664 C CG  . ARG A 1 96  ? 6.03218   -13.21514 -2.75774  1.000 56.00407  ? 92  ARG A CG  1 
ATOM 665 C CD  . ARG A 1 96  ? 5.66621   -14.58983 -3.30796  1.000 57.47301  ? 92  ARG A CD  1 
ATOM 666 N NE  . ARG A 1 96  ? 4.43161   -14.58583 -4.08681  1.000 65.73411  ? 92  ARG A NE  1 
ATOM 667 C CZ  . ARG A 1 96  ? 3.22403   -14.79054 -3.57795  1.000 55.23781  ? 92  ARG A CZ  1 
ATOM 668 N NH1 . ARG A 1 96  ? 3.04466   -14.99615 -2.28437  1.000 67.00359  ? 92  ARG A NH1 1 
ATOM 669 N NH2 . ARG A 1 96  ? 2.16993   -14.78914 -4.38746  1.000 62.48354  ? 92  ARG A NH2 1 
ATOM 670 N N   . GLU A 1 97  ? 6.29742   -9.26354  -5.21801  1.000 55.35644  ? 93  GLU A N   1 
ATOM 671 C CA  . GLU A 1 97  ? 6.68763   -8.40623  -6.33911  1.000 56.79557  ? 93  GLU A CA  1 
ATOM 672 C C   . GLU A 1 97  ? 7.71775   -7.36673  -5.91184  1.000 63.95123  ? 93  GLU A C   1 
ATOM 673 O O   . GLU A 1 97  ? 8.63218   -7.04037  -6.67831  1.000 57.88867  ? 93  GLU A O   1 
ATOM 674 C CB  . GLU A 1 97  ? 5.47145   -7.70176  -6.95010  1.000 66.58967  ? 93  GLU A CB  1 
ATOM 675 C CG  . GLU A 1 97  ? 4.33715   -8.59650  -7.44346  1.000 61.43207  ? 93  GLU A CG  1 
ATOM 676 C CD  . GLU A 1 97  ? 3.03252   -7.82129  -7.61993  1.000 68.71912  ? 93  GLU A CD  1 
ATOM 677 O OE1 . GLU A 1 97  ? 3.06754   -6.57124  -7.55792  1.000 74.68914  ? 93  GLU A OE1 1 
ATOM 678 O OE2 . GLU A 1 97  ? 1.97284   -8.45337  -7.82335  1.000 72.54376  ? 93  GLU A OE2 1 
ATOM 679 N N   . ILE A 1 98  ? 7.57897   -6.82251  -4.69746  1.000 72.35866  ? 94  ILE A N   1 
ATOM 680 C CA  . ILE A 1 98  ? 8.54249   -5.83395  -4.21828  1.000 66.56732  ? 94  ILE A CA  1 
ATOM 681 C C   . ILE A 1 98  ? 9.88579   -6.49439  -3.93440  1.000 59.76659  ? 94  ILE A C   1 
ATOM 682 O O   . ILE A 1 98  ? 10.94564  -5.92270  -4.21701  1.000 57.70339  ? 94  ILE A O   1 
ATOM 683 C CB  . ILE A 1 98  ? 8.00348   -5.10279  -2.97537  1.000 55.45566  ? 94  ILE A CB  1 
ATOM 684 C CG1 . ILE A 1 98  ? 6.76683   -4.27831  -3.32253  1.000 56.97572  ? 94  ILE A CG1 1 
ATOM 685 C CG2 . ILE A 1 98  ? 9.05955   -4.17595  -2.40242  1.000 54.66495  ? 94  ILE A CG2 1 
ATOM 686 C CD1 . ILE A 1 98  ? 5.97728   -3.84229  -2.10423  1.000 49.75910  ? 94  ILE A CD1 1 
ATOM 687 N N   . ALA A 1 99  ? 9.86651   -7.70841  -3.37583  1.000 53.62037  ? 95  ALA A N   1 
ATOM 688 C CA  . ALA A 1 99  ? 11.11643  -8.41410  -3.10884  1.000 62.96618  ? 95  ALA A CA  1 
ATOM 689 C C   . ALA A 1 99  ? 11.88025  -8.70175  -4.39320  1.000 69.99504  ? 95  ALA A C   1 
ATOM 690 O O   . ALA A 1 99  ? 13.11610  -8.70725  -4.39247  1.000 68.63512  ? 95  ALA A O   1 
ATOM 691 C CB  . ALA A 1 99  ? 10.83883  -9.71362  -2.35163  1.000 52.77289  ? 95  ALA A CB  1 
ATOM 692 N N   . GLU A 1 100 ? 11.16640  -8.93360  -5.49659  1.000 79.06015  ? 96  GLU A N   1 
ATOM 693 C CA  . GLU A 1 100 ? 11.82577  -9.20958  -6.76665  1.000 68.18914  ? 96  GLU A CA  1 
ATOM 694 C C   . GLU A 1 100 ? 12.42243  -7.94227  -7.36542  1.000 70.67024  ? 96  GLU A C   1 
ATOM 695 O O   . GLU A 1 100 ? 13.56288  -7.94866  -7.84232  1.000 75.27807  ? 96  GLU A O   1 
ATOM 696 C CB  . GLU A 1 100 ? 10.83847  -9.85391  -7.74240  1.000 74.33560  ? 96  GLU A CB  1 
ATOM 697 C CG  . GLU A 1 100 ? 11.35957  -11.12755 -8.38296  1.000 77.62830  ? 96  GLU A CG  1 
ATOM 698 C CD  . GLU A 1 100 ? 11.78374  -12.15335 -7.35126  1.000 102.87131 ? 96  GLU A CD  1 
ATOM 699 O OE1 . GLU A 1 100 ? 11.02146  -12.38687 -6.38895  1.000 101.93104 ? 96  GLU A OE1 1 
ATOM 700 O OE2 . GLU A 1 100 ? 12.88988  -12.71180 -7.49061  1.000 128.27126 ? 96  GLU A OE2 1 
ATOM 701 N N   . GLU A 1 101 ? 11.66106  -6.84567  -7.35212  0.899 58.98204  ? 97  GLU A N   1 
ATOM 702 C CA  . GLU A 1 101 ? 12.17026  -5.59061  -7.89352  0.899 67.75416  ? 97  GLU A CA  1 
ATOM 703 C C   . GLU A 1 101 ? 13.32036  -5.05339  -7.04829  0.899 86.94452  ? 97  GLU A C   1 
ATOM 704 O O   . GLU A 1 101 ? 14.27833  -4.48625  -7.58613  0.899 87.06608  ? 97  GLU A O   1 
ATOM 705 C CB  . GLU A 1 101 ? 11.04209  -4.56177  -7.98982  0.899 76.40711  ? 97  GLU A CB  1 
ATOM 706 C CG  . GLU A 1 101 ? 10.11842  -4.73383  -9.20118  0.899 90.57574  ? 97  GLU A CG  1 
ATOM 707 C CD  . GLU A 1 101 ? 8.70262   -4.24796  -8.92409  0.899 95.03516  ? 97  GLU A CD  1 
ATOM 708 O OE1 . GLU A 1 101 ? 8.52566   -3.43636  -7.99161  0.899 100.87995 ? 97  GLU A OE1 1 
ATOM 709 O OE2 . GLU A 1 101 ? 7.76699   -4.66423  -9.63654  0.899 93.77792  ? 97  GLU A OE2 1 
ATOM 710 N N   . ILE A 1 102 ? 13.24709  -5.22843  -5.72387  1.000 79.82465  ? 98  ILE A N   1 
ATOM 711 C CA  . ILE A 1 102 ? 14.33132  -4.78134  -4.85279  1.000 79.77220  ? 98  ILE A CA  1 
ATOM 712 C C   . ILE A 1 102 ? 15.57520  -5.62937  -5.07824  1.000 83.98333  ? 98  ILE A C   1 
ATOM 713 O O   . ILE A 1 102 ? 16.69226  -5.10401  -5.17219  1.000 80.77451  ? 98  ILE A O   1 
ATOM 714 C CB  . ILE A 1 102 ? 13.88758  -4.80638  -3.37537  1.000 79.13230  ? 98  ILE A CB  1 
ATOM 715 C CG1 . ILE A 1 102 ? 12.97626  -3.61680  -3.06274  1.000 63.42312  ? 98  ILE A CG1 1 
ATOM 716 C CG2 . ILE A 1 102 ? 15.09490  -4.79320  -2.44381  1.000 67.95891  ? 98  ILE A CG2 1 
ATOM 717 C CD1 . ILE A 1 102 ? 13.35318  -2.34126  -3.79980  1.000 83.20539  ? 98  ILE A CD1 1 
ATOM 718 N N   . LYS A 1 103 ? 15.40222  -6.95130  -5.18439  1.000 74.95694  ? 99  LYS A N   1 
ATOM 719 C CA  . LYS A 1 103 ? 16.51952  -7.85562  -5.43651  1.000 72.99290  ? 99  LYS A CA  1 
ATOM 720 C C   . LYS A 1 103 ? 17.25579  -7.53866  -6.73405  1.000 99.62629  ? 99  LYS A C   1 
ATOM 721 O O   . LYS A 1 103 ? 18.36618  -8.04351  -6.93441  1.000 105.86219 ? 99  LYS A O   1 
ATOM 722 C CB  . LYS A 1 103 ? 16.02495  -9.30442  -5.47046  1.000 64.67717  ? 99  LYS A CB  1 
ATOM 723 C CG  . LYS A 1 103 ? 16.24374  -10.07806 -4.18171  1.000 67.07843  ? 99  LYS A CG  1 
ATOM 724 C CD  . LYS A 1 103 ? 15.61254  -11.46631 -4.26279  1.000 82.69136  ? 99  LYS A CD  1 
ATOM 725 C CE  . LYS A 1 103 ? 15.21331  -11.98705 -2.88727  1.000 77.88386  ? 99  LYS A CE  1 
ATOM 726 N NZ  . LYS A 1 103 ? 13.83324  -12.55711 -2.87259  1.000 86.23552  ? 99  LYS A NZ  1 
ATOM 727 N N   . ALA A 1 104 ? 16.67177  -6.72727  -7.61441  1.000 94.47022  ? 100 ALA A N   1 
ATOM 728 C CA  . ALA A 1 104 ? 17.30146  -6.32320  -8.86564  1.000 89.02321  ? 100 ALA A CA  1 
ATOM 729 C C   . ALA A 1 104 ? 17.66655  -4.84800  -8.91034  1.000 96.40926  ? 100 ALA A C   1 
ATOM 730 O O   . ALA A 1 104 ? 18.70534  -4.49422  -9.47040  1.000 110.79986 ? 100 ALA A O   1 
ATOM 731 C CB  . ALA A 1 104 ? 16.38156  -6.64976  -10.04874 1.000 92.05686  ? 100 ALA A CB  1 
ATOM 732 N N   . GLY A 1 105 ? 16.83963  -3.97503  -8.33759  1.000 97.85710  ? 101 GLY A N   1 
ATOM 733 C CA  . GLY A 1 105 ? 17.10746  -2.54910  -8.35308  1.000 83.38746  ? 101 GLY A CA  1 
ATOM 734 C C   . GLY A 1 105 ? 16.32101  -1.78160  -7.30920  1.000 110.38883 ? 101 GLY A C   1 
ATOM 735 O O   . GLY A 1 105 ? 16.66637  -1.80162  -6.12335  1.000 115.95442 ? 101 GLY A O   1 
ATOM 736 N N   . GLY A 1 106 ? 15.26062  -1.10184  -7.73685  1.000 105.62844 ? 102 GLY A N   1 
ATOM 737 C CA  . GLY A 1 106 ? 14.42742  -0.33243  -6.82978  1.000 86.54989  ? 102 GLY A CA  1 
ATOM 738 C C   . GLY A 1 106 ? 13.76662  0.86157   -7.49122  1.000 87.00990  ? 102 GLY A C   1 
ATOM 739 O O   . GLY A 1 106 ? 12.89078  1.49958   -6.90783  1.000 92.42238  ? 102 GLY A O   1 
# 
